data_6QKC
#
_entry.id   6QKC
#
_cell.length_a   1.000
_cell.length_b   1.000
_cell.length_c   1.000
_cell.angle_alpha   90.00
_cell.angle_beta   90.00
_cell.angle_gamma   90.00
#
_symmetry.space_group_name_H-M   'P 1'
#
loop_
_entity.id
_entity.type
_entity.pdbx_description
1 polymer 'Glutamate receptor 1'
2 polymer 'Glutamate receptor 2'
3 polymer 'Voltage-dependent calcium channel gamma-8 subunit'
4 non-polymer 6-nitro-2,3-bis(oxidanylidene)-1,4-dihydrobenzo[f]quinoxaline-7-sulfonamide
5 non-polymer '(2R)-2,3-dihydroxypropyl (9Z)-octadec-9-enoate'
#
loop_
_entity_poly.entity_id
_entity_poly.type
_entity_poly.pdbx_seq_one_letter_code
_entity_poly.pdbx_strand_id
1 'polypeptide(L)'
;MPYIFAFFCTGFLGAVVGADYKDDDDKNFPNNIQIGGLFPNQQSQEHAAFRFALSQLTEPPKLLPQIDIVNISDSFEMTY
RFCSQFSKGVYAIFGFYERRTVNMLTSFCGALHVCFITPSFPVDTSNQFVLQLRPELQEALISIIDHYKWQTFVYIYDAD
RGLSVLQRVLDTAAEKNWQVTAVNILTTTEEGYRMLFQDLEKKKERLVVVDCESERLNAILGQIVKLEKNGIGYHYILAN
LGFMDIDLNKFKESGANVTGFQLVNYTDTIPARIMQQWRTSDSRDHTRVDWKRPKYTSALTYDGVKVMAEAFQSLRRQRI
DISRRGNAGDCLANPAVPWGQGIDIQRALQQVRFEGLTGNVQFNEKGRRTNYTLHVIEMKHDGIRKIGYWNEDDKFVPAA
TDAQAGGDNSSVQNRTYIVTTILEDPYVMLKKNANQFEGNDRYEGYCVELAAEIAKHVGYSYRLEIVSDGKYGARDPDTK
AWNGMVGELVYGRADVAVAPLTITLVREEVIDFSKPFMSLGISIMIKKPQKSKPGVFSFLDPLAYEIWMCIVFAYIGVSV
VLFLVSRFSPYEWHSEEFEEGRDQTTSDQSNEFGIFNSLWFSLGAFMQQGCDISPRSLSGRIVGGVWWFFTLIIISSYTA
NLAAFLTVERMVSPIESAEDLAKQTEIAYGTLEAGSTKEFFRRSKIAVFEKMWTYMKSAEPSVFVRTTEEGMIRVRKSKG
KYAYLLESTMNEYIEQRKPCDTMKVGGNLDSKGYGIATPKGSALRGPVNLAVLKLSEQGVLDKLKSKWWYDKGECGSKDS
GSKDKTSALSLSNVAGVFYILIGGLGLAMLVALIEFCYKSRSESKRMKGFCLIPQQSINEAIRTSTLPRNSGAGASGGGG
SGENGRVVSQDFPKSMQSIPCMSHSSGMPLGATGL
;
A,C
2 'polypeptide(L)'
;MQKIMHISVLLSPVLWGLIFGVSSNSIQIGGLFPRGADQEYSAFRVGMVQFSTSEFRLTPHIDNLEVANSFAVTNAFCSQ
FSRGVYAIFGFYDKKSVNTITSFCGTLHVSFITPSFPTDGTHPFVIQMRPDLKGALLSLIEYYQWDKFAYLYDSDRGLST
LQAVLDSAAEKKWQVTAINVGNINNDKKDETYRSLFQDLELKKERRVILDCERDKVNDIVDQVITIGKHVKGYHYIIANL
GFTDGDLLKIQFGGANVSGFQIVDYDDSLVSKFIERWSTLEEKEYPGAHTATIKYTSALTYDAVQVMTEAFRNLRKQRIE
ISRRGNAGDCLANPAVPWGQGVEIERALKQVQVEGLSGNIKFDQNGKRINYTINIMELKTNGPRKIGYWSEVDKMVVTLT
ELPSGNDTSGLENKTVVVTTILESPYVMMKKNHEMLEGNERYEGYCVDLAAEIAKHCGFKYKLTIVGDGKYGARDADTKI
WNGMVGELVYGKADIAIAPLTITLVREEVIDFSKPFMSLGISIMIKKPQKSKPGVFSFLDPLAYEIWMCIVFAYIGVSVV
LFLVSRFSPYEWHTEEFEDGRETQSSESTNEFGIFNSLWFSLGAFMRQGCDISPRSLSGRIVGGVWWFFTLIIISSYTAN
LAAFLTVERMVSPIESAEDLSKQTEIAYGTLDSGSTKEFFRRSKIAVFDKMWTYMRSAEPSVFVRTTAEGVARVRKSKGK
YAYLLESTMNEYIEQRKPCDTMKVGGNLDSKGYGIATPKGSSLGTPVNLAVLKLSEQGVLDKLKNKWWYDKGECGAKDSG
SKEKTSALSLSNVAGVFYILVGGLGLAMLVALIEFCYKSRAEAKRMKVAKNPQNINPSSS
;
B,D
3 'polypeptide(L)'
;GESLKRWNEERGLWCEKGVQVLLTTIGAFAAFGLMTIAISTDYWLYTRALICNTTNLTAGDDGPPHRGGSGSSEKKDPGG
LTHSGLWRICCLEGLKRGVCVKINHFPEDTDYDHDSAEYLLRVVRASSIFPILSAILLLLGGVCVAASRVYKSKRNIILG
AGILFVAAGLSNIIGVIVYISANAGEPGPKRDEEKKNHYSYGWSFYFGGLSFILAEVIGVLAVNIYIERSREAHCQSRSD
LLKAGGGAGGSGGSGPSAILRLPSYRFRYRRRSRSSSRGSSEASPSRDASPGGPGGPGFASTDISMYTLSRDPSKGSVAA
GLASAGGGGGGAGVGAYGGAAGAAGGGGTGSERDRGSSAGFLTLHNAFPKEAASGVTVTVTGPPAAPAPAPPAPAAPAPG
TLSKEAAASNTNTLNRKLEVLFQ
;
I,J
#
# COMPACT_ATOMS: atom_id res chain seq x y z
N TYR A 417 -31.57 -20.94 -54.17
CA TYR A 417 -30.20 -20.51 -53.77
C TYR A 417 -29.59 -21.52 -52.79
N ILE A 418 -28.26 -21.58 -52.74
CA ILE A 418 -27.48 -22.51 -51.86
C ILE A 418 -26.67 -21.66 -50.86
N VAL A 419 -26.65 -22.08 -49.59
CA VAL A 419 -25.95 -21.39 -48.47
C VAL A 419 -24.68 -22.18 -48.14
N THR A 420 -23.52 -21.52 -48.16
CA THR A 420 -22.20 -22.07 -47.75
C THR A 420 -21.87 -21.58 -46.33
N THR A 421 -21.73 -22.52 -45.39
CA THR A 421 -21.48 -22.23 -43.94
C THR A 421 -20.49 -23.25 -43.38
N ILE A 422 -19.91 -22.94 -42.21
CA ILE A 422 -18.92 -23.79 -41.47
C ILE A 422 -19.50 -24.15 -40.10
N LEU A 423 -19.15 -25.32 -39.57
CA LEU A 423 -19.64 -25.86 -38.28
C LEU A 423 -18.64 -25.49 -37.17
N GLU A 424 -19.07 -24.67 -36.20
CA GLU A 424 -18.24 -24.22 -35.06
C GLU A 424 -19.14 -23.67 -33.94
N ASP A 425 -19.43 -24.50 -32.94
CA ASP A 425 -20.09 -24.11 -31.65
C ASP A 425 -21.54 -23.69 -31.95
N PRO A 426 -22.07 -22.59 -31.35
CA PRO A 426 -23.52 -22.35 -31.34
C PRO A 426 -24.09 -21.71 -32.62
N TYR A 427 -23.23 -21.36 -33.58
CA TYR A 427 -23.60 -20.74 -34.88
C TYR A 427 -24.33 -21.78 -35.74
N VAL A 428 -23.67 -22.92 -35.98
CA VAL A 428 -24.21 -24.07 -36.76
C VAL A 428 -23.73 -25.37 -36.08
N MET A 429 -24.67 -26.24 -35.72
CA MET A 429 -24.40 -27.62 -35.21
C MET A 429 -25.56 -28.54 -35.61
N LEU A 430 -25.26 -29.79 -35.94
CA LEU A 430 -26.26 -30.80 -36.41
C LEU A 430 -27.27 -31.08 -35.29
N LYS A 431 -28.54 -31.28 -35.65
CA LYS A 431 -29.67 -31.50 -34.72
C LYS A 431 -29.56 -32.89 -34.08
N LYS A 432 -30.21 -33.09 -32.94
CA LYS A 432 -30.24 -34.37 -32.17
C LYS A 432 -31.00 -35.42 -32.98
N ASN A 433 -30.42 -36.61 -33.15
CA ASN A 433 -30.94 -37.71 -34.02
C ASN A 433 -30.95 -37.21 -35.47
N ALA A 434 -29.76 -36.95 -36.03
CA ALA A 434 -29.54 -36.41 -37.38
C ALA A 434 -29.79 -37.48 -38.45
N ASN A 435 -29.82 -38.76 -38.03
CA ASN A 435 -30.13 -39.93 -38.90
C ASN A 435 -31.57 -39.81 -39.44
N GLN A 436 -32.51 -39.40 -38.58
CA GLN A 436 -33.94 -39.20 -38.91
C GLN A 436 -34.22 -37.70 -39.11
N PHE A 437 -33.52 -37.08 -40.07
CA PHE A 437 -33.65 -35.64 -40.43
C PHE A 437 -33.28 -35.46 -41.90
N GLU A 438 -34.02 -34.61 -42.63
CA GLU A 438 -33.86 -34.38 -44.08
C GLU A 438 -33.97 -32.88 -44.38
N GLY A 439 -32.92 -32.31 -45.00
CA GLY A 439 -32.90 -30.92 -45.51
C GLY A 439 -32.39 -29.94 -44.47
N ASN A 440 -33.15 -28.87 -44.21
CA ASN A 440 -32.78 -27.74 -43.31
C ASN A 440 -33.11 -28.11 -41.85
N ASP A 441 -33.83 -29.22 -41.63
CA ASP A 441 -34.20 -29.72 -40.28
C ASP A 441 -33.07 -30.58 -39.70
N ARG A 442 -31.96 -30.74 -40.43
CA ARG A 442 -30.77 -31.53 -40.01
C ARG A 442 -29.79 -30.65 -39.22
N TYR A 443 -29.99 -29.33 -39.21
CA TYR A 443 -29.10 -28.34 -38.56
C TYR A 443 -29.90 -27.45 -37.60
N GLU A 444 -29.22 -26.89 -36.60
CA GLU A 444 -29.80 -25.96 -35.58
C GLU A 444 -28.69 -25.05 -35.04
N GLY A 445 -29.00 -23.79 -34.76
CA GLY A 445 -28.06 -22.81 -34.18
C GLY A 445 -28.50 -21.37 -34.39
N TYR A 446 -27.53 -20.44 -34.32
CA TYR A 446 -27.74 -18.97 -34.40
C TYR A 446 -27.89 -18.56 -35.87
N CYS A 447 -26.91 -18.90 -36.70
CA CYS A 447 -26.84 -18.58 -38.15
C CYS A 447 -27.99 -19.26 -38.91
N VAL A 448 -28.48 -20.39 -38.39
CA VAL A 448 -29.66 -21.14 -38.91
C VAL A 448 -30.89 -20.21 -38.87
N GLU A 449 -31.09 -19.52 -37.74
CA GLU A 449 -32.22 -18.58 -37.50
C GLU A 449 -32.03 -17.30 -38.31
N LEU A 450 -30.78 -16.86 -38.50
CA LEU A 450 -30.41 -15.65 -39.30
C LEU A 450 -30.73 -15.90 -40.77
N ALA A 451 -30.42 -17.10 -41.28
CA ALA A 451 -30.67 -17.53 -42.68
C ALA A 451 -32.17 -17.57 -42.96
N ALA A 452 -32.98 -17.90 -41.95
CA ALA A 452 -34.46 -18.01 -42.04
C ALA A 452 -35.10 -16.62 -42.14
N GLU A 453 -34.56 -15.64 -41.40
CA GLU A 453 -35.13 -14.27 -41.28
C GLU A 453 -34.91 -13.48 -42.58
N ILE A 454 -33.72 -13.58 -43.17
CA ILE A 454 -33.29 -12.78 -44.36
C ILE A 454 -33.97 -13.33 -45.62
N ALA A 455 -34.09 -14.66 -45.72
CA ALA A 455 -34.70 -15.39 -46.88
C ALA A 455 -36.17 -14.98 -47.04
N LYS A 456 -36.84 -14.63 -45.94
CA LYS A 456 -38.27 -14.19 -45.91
C LYS A 456 -38.37 -12.72 -46.36
N HIS A 457 -37.48 -11.87 -45.86
CA HIS A 457 -37.48 -10.40 -46.09
C HIS A 457 -37.12 -10.08 -47.54
N VAL A 458 -36.10 -10.76 -48.09
CA VAL A 458 -35.64 -10.60 -49.50
C VAL A 458 -36.62 -11.34 -50.42
N GLY A 459 -36.86 -12.63 -50.14
CA GLY A 459 -37.87 -13.46 -50.81
C GLY A 459 -37.26 -14.46 -51.78
N TYR A 460 -36.65 -15.53 -51.24
CA TYR A 460 -36.16 -16.70 -52.02
C TYR A 460 -35.97 -17.89 -51.06
N SER A 461 -36.32 -19.10 -51.54
CA SER A 461 -36.12 -20.39 -50.83
C SER A 461 -34.66 -20.80 -50.93
N TYR A 462 -34.10 -21.37 -49.85
CA TYR A 462 -32.65 -21.68 -49.70
C TYR A 462 -32.46 -23.17 -49.40
N ARG A 463 -31.22 -23.64 -49.51
CA ARG A 463 -30.77 -25.02 -49.15
C ARG A 463 -29.42 -24.94 -48.45
N LEU A 464 -29.37 -25.32 -47.17
CA LEU A 464 -28.16 -25.24 -46.31
C LEU A 464 -27.17 -26.36 -46.71
N GLU A 465 -25.89 -26.02 -46.84
CA GLU A 465 -24.79 -26.96 -47.20
C GLU A 465 -23.53 -26.58 -46.41
N ILE A 466 -22.87 -27.58 -45.81
CA ILE A 466 -21.59 -27.41 -45.04
C ILE A 466 -20.43 -27.28 -46.04
N VAL A 467 -19.38 -26.57 -45.66
CA VAL A 467 -18.16 -26.29 -46.49
C VAL A 467 -17.37 -27.60 -46.67
N SER A 468 -16.58 -27.68 -47.74
CA SER A 468 -15.80 -28.89 -48.15
C SER A 468 -14.46 -28.92 -47.41
N ASP A 469 -13.74 -27.80 -47.36
CA ASP A 469 -12.39 -27.68 -46.76
C ASP A 469 -12.48 -27.77 -45.24
N GLY A 470 -13.33 -26.95 -44.63
CA GLY A 470 -13.51 -26.86 -43.17
C GLY A 470 -12.68 -25.74 -42.55
N LYS A 471 -12.21 -24.80 -43.38
CA LYS A 471 -11.42 -23.61 -42.96
C LYS A 471 -12.29 -22.35 -43.14
N TYR A 472 -11.86 -21.23 -42.57
CA TYR A 472 -12.57 -19.92 -42.63
C TYR A 472 -12.38 -19.30 -44.02
N GLY A 473 -11.12 -19.17 -44.46
CA GLY A 473 -10.77 -18.61 -45.78
C GLY A 473 -9.37 -18.00 -45.77
N ALA A 474 -8.42 -18.66 -46.45
CA ALA A 474 -7.01 -18.22 -46.58
C ALA A 474 -6.46 -18.64 -47.95
N ARG A 475 -5.69 -17.75 -48.59
CA ARG A 475 -5.03 -17.98 -49.90
C ARG A 475 -3.58 -18.39 -49.67
N ASP A 476 -3.10 -19.42 -50.38
CA ASP A 476 -1.69 -19.88 -50.36
C ASP A 476 -0.81 -18.83 -51.03
N PRO A 477 0.42 -18.57 -50.52
CA PRO A 477 1.27 -17.51 -51.06
C PRO A 477 1.78 -17.78 -52.48
N ASP A 478 2.00 -19.06 -52.83
CA ASP A 478 2.49 -19.50 -54.16
C ASP A 478 1.34 -19.40 -55.17
N THR A 479 0.46 -20.41 -55.20
CA THR A 479 -0.76 -20.47 -56.06
C THR A 479 -1.92 -19.84 -55.31
N LYS A 480 -2.66 -18.94 -55.96
CA LYS A 480 -3.83 -18.22 -55.38
C LYS A 480 -5.03 -19.16 -55.33
N ALA A 481 -4.91 -20.26 -54.58
CA ALA A 481 -5.96 -21.29 -54.37
C ALA A 481 -6.61 -21.06 -53.01
N TRP A 482 -7.77 -20.38 -53.00
CA TRP A 482 -8.51 -20.00 -51.77
C TRP A 482 -9.21 -21.25 -51.20
N ASN A 483 -8.91 -21.59 -49.95
CA ASN A 483 -9.39 -22.83 -49.27
C ASN A 483 -10.29 -22.45 -48.08
N GLY A 484 -11.52 -22.95 -48.07
CA GLY A 484 -12.49 -22.76 -46.97
C GLY A 484 -13.84 -22.29 -47.48
N MET A 485 -14.45 -21.31 -46.79
CA MET A 485 -15.80 -20.77 -47.09
C MET A 485 -15.72 -19.82 -48.30
N VAL A 486 -14.71 -18.94 -48.33
CA VAL A 486 -14.53 -17.90 -49.39
C VAL A 486 -14.08 -18.59 -50.68
N GLY A 487 -13.35 -19.70 -50.58
CA GLY A 487 -12.88 -20.50 -51.74
C GLY A 487 -14.04 -21.07 -52.56
N GLU A 488 -15.14 -21.43 -51.89
CA GLU A 488 -16.36 -22.01 -52.52
C GLU A 488 -17.17 -20.90 -53.19
N LEU A 489 -16.98 -19.65 -52.75
CA LEU A 489 -17.71 -18.45 -53.25
C LEU A 489 -17.03 -17.89 -54.50
N VAL A 490 -15.70 -17.97 -54.58
CA VAL A 490 -14.85 -17.31 -55.64
C VAL A 490 -15.29 -17.80 -57.02
N TYR A 491 -15.32 -19.13 -57.24
CA TYR A 491 -15.75 -19.76 -58.52
C TYR A 491 -17.28 -19.85 -58.57
N GLY A 492 -17.93 -19.96 -57.40
CA GLY A 492 -19.39 -19.85 -57.24
C GLY A 492 -20.09 -21.20 -57.27
N ARG A 493 -19.98 -21.96 -56.19
CA ARG A 493 -20.73 -23.23 -55.95
C ARG A 493 -22.01 -22.92 -55.19
N ALA A 494 -21.99 -21.91 -54.31
CA ALA A 494 -23.13 -21.43 -53.49
C ALA A 494 -23.40 -19.95 -53.80
N ASP A 495 -24.62 -19.49 -53.50
CA ASP A 495 -25.10 -18.11 -53.79
C ASP A 495 -24.51 -17.15 -52.77
N VAL A 496 -24.84 -17.34 -51.49
CA VAL A 496 -24.41 -16.46 -50.35
C VAL A 496 -23.85 -17.34 -49.23
N ALA A 497 -23.25 -16.71 -48.21
CA ALA A 497 -22.60 -17.37 -47.05
C ALA A 497 -22.97 -16.63 -45.76
N VAL A 498 -23.38 -17.36 -44.72
CA VAL A 498 -23.67 -16.82 -43.36
C VAL A 498 -22.85 -17.62 -42.34
N ALA A 499 -21.68 -17.08 -41.96
CA ALA A 499 -20.72 -17.70 -41.02
C ALA A 499 -19.97 -16.61 -40.25
N PRO A 500 -19.55 -16.87 -38.99
CA PRO A 500 -18.71 -15.92 -38.26
C PRO A 500 -17.34 -15.76 -38.93
N LEU A 501 -17.21 -14.74 -39.78
CA LEU A 501 -16.00 -14.44 -40.58
C LEU A 501 -15.65 -12.95 -40.46
N THR A 502 -14.43 -12.64 -39.98
CA THR A 502 -13.92 -11.27 -39.78
C THR A 502 -13.63 -10.61 -41.13
N ILE A 503 -13.58 -9.27 -41.17
CA ILE A 503 -13.34 -8.47 -42.41
C ILE A 503 -11.88 -7.99 -42.39
N THR A 504 -11.18 -8.18 -43.52
CA THR A 504 -9.77 -7.76 -43.73
C THR A 504 -9.65 -7.06 -45.09
N LEU A 505 -8.57 -6.27 -45.27
CA LEU A 505 -8.22 -5.57 -46.53
C LEU A 505 -8.02 -6.61 -47.65
N VAL A 506 -7.43 -7.76 -47.31
CA VAL A 506 -7.11 -8.88 -48.25
C VAL A 506 -8.41 -9.52 -48.73
N ARG A 507 -9.39 -9.66 -47.83
CA ARG A 507 -10.69 -10.37 -48.08
C ARG A 507 -11.65 -9.45 -48.87
N GLU A 508 -11.53 -8.14 -48.68
CA GLU A 508 -12.47 -7.11 -49.24
C GLU A 508 -12.32 -7.02 -50.77
N GLU A 509 -11.15 -7.36 -51.31
CA GLU A 509 -10.81 -7.23 -52.76
C GLU A 509 -11.51 -8.34 -53.56
N VAL A 510 -11.33 -9.60 -53.13
CA VAL A 510 -11.77 -10.83 -53.88
C VAL A 510 -13.27 -11.09 -53.63
N ILE A 511 -13.74 -10.83 -52.40
CA ILE A 511 -15.16 -11.05 -51.99
C ILE A 511 -15.74 -9.73 -51.45
N ASP A 512 -17.00 -9.43 -51.79
CA ASP A 512 -17.71 -8.20 -51.35
C ASP A 512 -18.39 -8.47 -50.00
N PHE A 513 -18.01 -7.72 -48.97
CA PHE A 513 -18.55 -7.80 -47.59
C PHE A 513 -19.70 -6.81 -47.42
N SER A 514 -20.72 -7.20 -46.64
CA SER A 514 -21.89 -6.36 -46.27
C SER A 514 -21.60 -5.61 -44.96
N LYS A 515 -22.58 -4.86 -44.46
CA LYS A 515 -22.49 -4.07 -43.20
C LYS A 515 -22.42 -5.04 -42.02
N PRO A 516 -21.62 -4.74 -40.96
CA PRO A 516 -21.48 -5.66 -39.83
C PRO A 516 -22.77 -5.77 -38.98
N PHE A 517 -23.03 -6.96 -38.44
CA PHE A 517 -24.25 -7.30 -37.64
C PHE A 517 -23.87 -7.49 -36.17
N MET A 518 -22.71 -8.09 -35.89
CA MET A 518 -22.19 -8.34 -34.52
C MET A 518 -20.73 -7.86 -34.42
N SER A 519 -20.43 -7.04 -33.41
CA SER A 519 -19.07 -6.49 -33.13
C SER A 519 -18.35 -7.38 -32.12
N LEU A 520 -17.07 -7.66 -32.37
CA LEU A 520 -16.20 -8.54 -31.53
C LEU A 520 -15.01 -7.72 -31.01
N GLY A 521 -14.27 -8.30 -30.05
CA GLY A 521 -13.06 -7.70 -29.46
C GLY A 521 -12.23 -8.74 -28.72
N ILE A 522 -10.95 -8.46 -28.50
CA ILE A 522 -10.00 -9.35 -27.76
C ILE A 522 -10.11 -9.00 -26.27
N SER A 523 -10.44 -9.99 -25.44
CA SER A 523 -10.67 -9.85 -23.97
C SER A 523 -9.85 -10.91 -23.22
N ILE A 524 -9.89 -10.86 -21.87
CA ILE A 524 -9.06 -11.69 -20.96
C ILE A 524 -9.94 -12.77 -20.32
N MET A 525 -9.42 -13.99 -20.22
CA MET A 525 -10.11 -15.16 -19.59
C MET A 525 -9.18 -15.77 -18.53
N ILE A 526 -9.57 -15.70 -17.26
CA ILE A 526 -8.82 -16.28 -16.10
C ILE A 526 -9.70 -17.32 -15.40
N LYS A 527 -9.10 -18.13 -14.52
CA LYS A 527 -9.80 -19.12 -13.66
C LYS A 527 -10.64 -18.36 -12.64
N LYS A 528 -11.95 -18.67 -12.56
CA LYS A 528 -12.93 -17.98 -11.69
C LYS A 528 -12.54 -18.18 -10.23
N PRO A 529 -12.33 -17.10 -9.44
CA PRO A 529 -12.04 -17.24 -8.01
C PRO A 529 -13.16 -17.98 -7.27
N GLN A 530 -12.85 -19.17 -6.76
CA GLN A 530 -13.82 -20.06 -6.05
C GLN A 530 -14.27 -19.38 -4.76
N LYS A 531 -15.54 -19.58 -4.37
CA LYS A 531 -16.16 -19.00 -3.14
C LYS A 531 -15.36 -19.46 -1.92
N SER A 532 -14.38 -18.66 -1.50
CA SER A 532 -13.46 -18.95 -0.38
C SER A 532 -14.24 -18.97 0.95
N LYS A 533 -14.85 -20.12 1.26
CA LYS A 533 -15.58 -20.36 2.54
C LYS A 533 -14.58 -20.34 3.69
N PRO A 534 -14.68 -19.37 4.63
CA PRO A 534 -13.70 -19.27 5.72
C PRO A 534 -13.73 -20.52 6.63
N GLY A 535 -12.55 -20.92 7.14
CA GLY A 535 -12.40 -22.02 8.10
C GLY A 535 -13.25 -21.79 9.34
N VAL A 536 -13.90 -22.84 9.85
CA VAL A 536 -14.79 -22.78 11.04
C VAL A 536 -13.96 -22.37 12.26
N PHE A 537 -12.65 -22.65 12.25
CA PHE A 537 -11.64 -22.13 13.22
C PHE A 537 -10.57 -21.35 12.47
N SER A 538 -10.96 -20.25 11.81
CA SER A 538 -10.07 -19.32 11.07
C SER A 538 -9.80 -18.06 11.91
N PHE A 539 -9.98 -18.15 13.23
CA PHE A 539 -9.73 -17.06 14.21
C PHE A 539 -8.50 -17.38 15.06
N LEU A 540 -7.92 -18.57 14.91
CA LEU A 540 -6.66 -19.01 15.58
C LEU A 540 -5.51 -19.04 14.56
N ASP A 541 -5.61 -18.25 13.50
CA ASP A 541 -4.62 -18.16 12.40
C ASP A 541 -3.41 -17.31 12.82
N PRO A 542 -3.59 -16.15 13.49
CA PRO A 542 -2.46 -15.27 13.83
C PRO A 542 -1.30 -15.98 14.56
N LEU A 543 -1.62 -16.81 15.56
CA LEU A 543 -0.63 -17.59 16.36
C LEU A 543 -0.60 -19.04 15.86
N ALA A 544 0.60 -19.61 15.71
CA ALA A 544 0.84 -21.00 15.25
C ALA A 544 0.46 -21.99 16.35
N TYR A 545 0.36 -23.28 15.99
CA TYR A 545 -0.21 -24.37 16.83
C TYR A 545 0.72 -24.66 18.03
N GLU A 546 2.04 -24.59 17.84
CA GLU A 546 3.06 -24.96 18.86
C GLU A 546 3.13 -23.91 19.97
N ILE A 547 2.66 -22.67 19.69
CA ILE A 547 2.55 -21.58 20.70
C ILE A 547 1.35 -21.87 21.60
N TRP A 548 0.18 -22.14 21.01
CA TRP A 548 -1.09 -22.46 21.72
C TRP A 548 -0.88 -23.67 22.64
N MET A 549 0.04 -24.57 22.29
CA MET A 549 0.38 -25.79 23.07
C MET A 549 1.15 -25.39 24.34
N CYS A 550 2.10 -24.46 24.22
CA CYS A 550 3.06 -24.06 25.30
C CYS A 550 2.40 -23.09 26.28
N ILE A 551 1.30 -22.43 25.90
CA ILE A 551 0.49 -21.55 26.80
C ILE A 551 -0.24 -22.42 27.82
N VAL A 552 -0.66 -23.63 27.42
CA VAL A 552 -1.40 -24.61 28.27
C VAL A 552 -0.42 -25.20 29.30
N PHE A 553 0.78 -25.61 28.86
CA PHE A 553 1.84 -26.20 29.73
C PHE A 553 2.26 -25.20 30.80
N ALA A 554 2.50 -23.94 30.40
CA ALA A 554 2.92 -22.82 31.26
C ALA A 554 1.86 -22.57 32.33
N TYR A 555 0.58 -22.54 31.94
CA TYR A 555 -0.60 -22.29 32.81
C TYR A 555 -0.62 -23.29 33.97
N ILE A 556 -0.30 -24.56 33.70
CA ILE A 556 -0.27 -25.66 34.70
C ILE A 556 0.91 -25.42 35.65
N GLY A 557 2.12 -25.24 35.09
CA GLY A 557 3.38 -25.07 35.84
C GLY A 557 3.36 -23.85 36.74
N VAL A 558 2.67 -22.78 36.33
CA VAL A 558 2.56 -21.49 37.08
C VAL A 558 1.72 -21.72 38.35
N SER A 559 0.56 -22.38 38.22
CA SER A 559 -0.41 -22.63 39.32
C SER A 559 0.19 -23.57 40.37
N VAL A 560 0.89 -24.62 39.94
CA VAL A 560 1.50 -25.66 40.80
C VAL A 560 2.58 -25.02 41.69
N VAL A 561 3.43 -24.17 41.11
CA VAL A 561 4.52 -23.43 41.82
C VAL A 561 3.89 -22.44 42.80
N LEU A 562 2.82 -21.74 42.38
CA LEU A 562 2.08 -20.75 43.19
C LEU A 562 1.46 -21.45 44.41
N PHE A 563 0.84 -22.62 44.18
CA PHE A 563 0.20 -23.48 45.20
C PHE A 563 1.22 -23.89 46.28
N LEU A 564 2.44 -24.24 45.86
CA LEU A 564 3.54 -24.76 46.72
C LEU A 564 3.99 -23.67 47.70
N VAL A 565 4.42 -22.52 47.18
CA VAL A 565 5.12 -21.44 47.93
C VAL A 565 4.11 -20.63 48.77
N SER A 566 2.82 -20.67 48.41
CA SER A 566 1.73 -19.90 49.10
C SER A 566 1.50 -20.47 50.51
N ARG A 567 1.17 -21.77 50.61
CA ARG A 567 0.90 -22.46 51.90
C ARG A 567 2.16 -23.26 52.29
N PHE A 568 2.83 -22.82 53.36
CA PHE A 568 4.11 -23.41 53.87
C PHE A 568 4.23 -23.08 55.37
N SER A 569 4.57 -24.08 56.19
CA SER A 569 4.68 -23.97 57.66
C SER A 569 5.91 -23.15 58.04
N ASN A 591 -3.62 -19.34 54.78
CA ASN A 591 -3.42 -19.29 53.31
C ASN A 591 -4.74 -19.63 52.61
N GLU A 592 -5.23 -18.72 51.75
CA GLU A 592 -6.49 -18.87 50.98
C GLU A 592 -6.21 -19.59 49.65
N PHE A 593 -4.97 -19.52 49.16
CA PHE A 593 -4.54 -20.11 47.87
C PHE A 593 -4.40 -21.62 48.01
N GLY A 594 -5.54 -22.33 48.01
CA GLY A 594 -5.61 -23.80 47.92
C GLY A 594 -5.36 -24.27 46.50
N ILE A 595 -5.35 -25.59 46.28
CA ILE A 595 -5.07 -26.21 44.95
C ILE A 595 -6.21 -25.86 43.97
N PHE A 596 -7.43 -25.63 44.48
CA PHE A 596 -8.62 -25.24 43.69
C PHE A 596 -8.62 -23.73 43.42
N ASN A 597 -8.22 -22.93 44.42
CA ASN A 597 -8.28 -21.44 44.40
C ASN A 597 -7.10 -20.87 43.58
N SER A 598 -5.90 -21.44 43.75
CA SER A 598 -4.66 -21.04 43.03
C SER A 598 -4.80 -21.33 41.53
N LEU A 599 -5.61 -22.33 41.17
CA LEU A 599 -5.91 -22.74 39.77
C LEU A 599 -6.88 -21.73 39.14
N TRP A 600 -7.76 -21.14 39.97
CA TRP A 600 -8.81 -20.15 39.59
C TRP A 600 -8.17 -18.76 39.40
N PHE A 601 -7.13 -18.45 40.17
CA PHE A 601 -6.37 -17.16 40.15
C PHE A 601 -5.62 -17.03 38.82
N SER A 602 -4.99 -18.12 38.36
CA SER A 602 -4.11 -18.17 37.16
C SER A 602 -4.92 -17.94 35.88
N LEU A 603 -6.16 -18.41 35.83
CA LEU A 603 -7.06 -18.24 34.66
C LEU A 603 -7.55 -16.79 34.60
N GLY A 604 -7.98 -16.24 35.73
CA GLY A 604 -8.52 -14.86 35.86
C GLY A 604 -7.51 -13.80 35.45
N ALA A 605 -6.21 -14.09 35.62
CA ALA A 605 -5.09 -13.17 35.27
C ALA A 605 -4.90 -13.12 33.75
N PHE A 606 -4.90 -14.28 33.08
CA PHE A 606 -4.70 -14.43 31.61
C PHE A 606 -5.91 -13.84 30.85
N MET A 607 -7.12 -14.14 31.33
CA MET A 607 -8.40 -13.70 30.70
C MET A 607 -8.60 -12.19 30.88
N GLN A 608 -7.85 -11.56 31.79
CA GLN A 608 -7.87 -10.10 32.07
C GLN A 608 -9.24 -9.73 32.66
N GLN A 609 -9.60 -10.36 33.78
CA GLN A 609 -10.92 -10.19 34.46
C GLN A 609 -10.69 -9.92 35.95
N GLY A 610 -9.66 -9.14 36.28
CA GLY A 610 -9.30 -8.75 37.67
C GLY A 610 -8.90 -9.94 38.51
N CYS A 611 -9.22 -9.91 39.81
CA CYS A 611 -8.91 -10.98 40.80
C CYS A 611 -9.83 -10.86 42.01
N ASP A 612 -10.07 -11.96 42.70
CA ASP A 612 -10.87 -12.04 43.96
C ASP A 612 -9.95 -11.76 45.15
N ILE A 613 -8.85 -12.52 45.27
CA ILE A 613 -7.86 -12.44 46.39
C ILE A 613 -6.45 -12.29 45.80
N SER A 614 -5.65 -11.40 46.40
CA SER A 614 -4.24 -11.10 46.00
C SER A 614 -3.28 -11.87 46.89
N PRO A 615 -2.15 -12.39 46.35
CA PRO A 615 -1.10 -13.01 47.16
C PRO A 615 -0.60 -12.06 48.28
N ARG A 616 -0.45 -12.58 49.50
CA ARG A 616 -0.14 -11.80 50.73
C ARG A 616 1.36 -11.83 51.01
N SER A 617 2.03 -12.96 50.77
CA SER A 617 3.47 -13.20 51.07
C SER A 617 4.35 -12.66 49.92
N LEU A 618 5.66 -12.61 50.15
CA LEU A 618 6.69 -12.14 49.18
C LEU A 618 6.85 -13.19 48.06
N SER A 619 6.91 -14.47 48.43
CA SER A 619 7.09 -15.63 47.52
C SER A 619 5.89 -15.76 46.57
N GLY A 620 4.68 -15.44 47.05
CA GLY A 620 3.44 -15.47 46.27
C GLY A 620 3.31 -14.26 45.34
N ARG A 621 3.90 -13.13 45.73
CA ARG A 621 3.83 -11.85 44.98
C ARG A 621 4.76 -11.91 43.75
N ILE A 622 5.98 -12.42 43.93
CA ILE A 622 7.05 -12.44 42.87
C ILE A 622 6.60 -13.33 41.70
N VAL A 623 5.95 -14.47 41.97
CA VAL A 623 5.47 -15.42 40.93
C VAL A 623 4.22 -14.85 40.26
N GLY A 624 3.44 -14.02 40.98
CA GLY A 624 2.25 -13.32 40.46
C GLY A 624 2.61 -12.20 39.50
N GLY A 625 3.75 -11.54 39.73
CA GLY A 625 4.22 -10.38 38.94
C GLY A 625 4.71 -10.78 37.56
N VAL A 626 5.37 -11.94 37.45
CA VAL A 626 5.95 -12.46 36.17
C VAL A 626 4.81 -12.96 35.27
N TRP A 627 3.80 -13.59 35.88
CA TRP A 627 2.58 -14.11 35.18
C TRP A 627 1.75 -12.94 34.64
N TRP A 628 1.79 -11.78 35.29
CA TRP A 628 1.14 -10.53 34.83
C TRP A 628 1.90 -9.95 33.63
N PHE A 629 3.24 -10.04 33.63
CA PHE A 629 4.13 -9.53 32.56
C PHE A 629 4.02 -10.43 31.32
N PHE A 630 3.86 -11.74 31.52
CA PHE A 630 3.67 -12.75 30.45
C PHE A 630 2.37 -12.46 29.68
N THR A 631 1.27 -12.26 30.43
CA THR A 631 -0.11 -12.07 29.91
C THR A 631 -0.19 -10.86 28.98
N LEU A 632 0.42 -9.73 29.38
CA LEU A 632 0.27 -8.40 28.72
C LEU A 632 0.87 -8.44 27.31
N ILE A 633 1.95 -9.21 27.10
CA ILE A 633 2.72 -9.27 25.83
C ILE A 633 2.00 -10.22 24.85
N ILE A 634 1.53 -11.37 25.31
CA ILE A 634 0.91 -12.44 24.48
C ILE A 634 -0.40 -11.91 23.87
N ILE A 635 -1.20 -11.19 24.66
CA ILE A 635 -2.53 -10.63 24.24
C ILE A 635 -2.30 -9.51 23.21
N SER A 636 -1.37 -8.59 23.49
CA SER A 636 -1.08 -7.40 22.65
C SER A 636 -0.45 -7.80 21.32
N SER A 637 0.29 -8.92 21.29
CA SER A 637 0.94 -9.49 20.08
C SER A 637 -0.10 -10.13 19.16
N TYR A 638 -1.14 -10.74 19.75
CA TYR A 638 -2.25 -11.43 19.03
C TYR A 638 -3.12 -10.40 18.30
N THR A 639 -3.46 -9.30 18.97
CA THR A 639 -4.33 -8.20 18.45
C THR A 639 -3.63 -7.48 17.31
N ALA A 640 -2.32 -7.22 17.43
CA ALA A 640 -1.49 -6.47 16.46
C ALA A 640 -1.29 -7.30 15.19
N ASN A 641 -1.15 -8.62 15.32
CA ASN A 641 -0.91 -9.56 14.19
C ASN A 641 -2.21 -9.74 13.39
N LEU A 642 -3.36 -9.84 14.08
CA LEU A 642 -4.70 -9.97 13.46
C LEU A 642 -5.07 -8.66 12.75
N ALA A 643 -4.61 -7.52 13.28
CA ALA A 643 -4.79 -6.17 12.68
C ALA A 643 -4.06 -6.10 11.34
N ALA A 644 -2.85 -6.68 11.26
CA ALA A 644 -1.98 -6.73 10.07
C ALA A 644 -2.56 -7.72 9.03
N PHE A 645 -3.24 -8.77 9.50
CA PHE A 645 -3.78 -9.88 8.67
C PHE A 645 -4.98 -9.38 7.84
N LEU A 646 -5.82 -8.52 8.44
CA LEU A 646 -7.07 -7.98 7.83
C LEU A 646 -6.75 -6.75 6.97
N THR A 647 -5.75 -5.95 7.37
CA THR A 647 -5.31 -4.72 6.66
C THR A 647 -4.77 -5.08 5.27
N VAL A 648 -3.97 -6.14 5.17
CA VAL A 648 -3.32 -6.62 3.91
C VAL A 648 -4.38 -7.24 2.99
N GLU A 649 -5.31 -8.01 3.56
CA GLU A 649 -6.29 -8.86 2.82
C GLU A 649 -7.31 -7.99 2.06
N ARG A 650 -7.57 -6.76 2.52
CA ARG A 650 -8.62 -5.86 1.97
C ARG A 650 -8.03 -4.95 0.88
N MET A 651 -6.71 -4.72 0.89
CA MET A 651 -6.00 -3.84 -0.09
C MET A 651 -5.30 -4.70 -1.16
N VAL A 652 -6.05 -5.62 -1.77
CA VAL A 652 -5.61 -6.46 -2.91
C VAL A 652 -6.61 -6.28 -4.06
N SER A 653 -6.10 -6.10 -5.29
CA SER A 653 -6.89 -5.84 -6.52
C SER A 653 -6.70 -6.99 -7.51
N PRO A 654 -7.80 -7.54 -8.08
CA PRO A 654 -7.68 -8.58 -9.10
C PRO A 654 -7.22 -8.00 -10.45
N ILE A 655 -6.78 -8.87 -11.37
CA ILE A 655 -6.31 -8.49 -12.74
C ILE A 655 -7.53 -8.02 -13.54
N GLU A 656 -7.75 -6.69 -13.57
CA GLU A 656 -8.96 -6.05 -14.15
C GLU A 656 -8.69 -5.68 -15.61
N SER A 657 -7.81 -4.69 -15.85
CA SER A 657 -7.51 -4.13 -17.20
C SER A 657 -6.22 -4.76 -17.74
N ALA A 658 -5.89 -4.46 -19.00
CA ALA A 658 -4.69 -4.95 -19.73
C ALA A 658 -3.43 -4.28 -19.18
N GLU A 659 -3.58 -3.13 -18.49
CA GLU A 659 -2.49 -2.40 -17.81
C GLU A 659 -1.99 -3.22 -16.62
N ASP A 660 -2.90 -3.95 -15.94
CA ASP A 660 -2.59 -4.83 -14.78
C ASP A 660 -1.78 -6.04 -15.25
N LEU A 661 -2.09 -6.56 -16.46
CA LEU A 661 -1.36 -7.69 -17.10
C LEU A 661 0.07 -7.25 -17.46
N ALA A 662 0.23 -6.01 -17.93
CA ALA A 662 1.51 -5.43 -18.40
C ALA A 662 2.53 -5.38 -17.26
N LYS A 663 2.08 -5.15 -16.02
CA LYS A 663 2.92 -5.06 -14.80
C LYS A 663 2.61 -6.24 -13.89
N GLN A 664 2.84 -7.46 -14.39
CA GLN A 664 2.73 -8.73 -13.61
C GLN A 664 3.59 -9.81 -14.28
N THR A 665 4.32 -10.59 -13.47
CA THR A 665 5.25 -11.66 -13.91
C THR A 665 4.80 -13.02 -13.35
N GLU A 666 4.17 -13.04 -12.17
CA GLU A 666 3.70 -14.26 -11.46
C GLU A 666 2.61 -14.96 -12.30
N ILE A 667 1.62 -14.20 -12.77
CA ILE A 667 0.50 -14.70 -13.62
C ILE A 667 0.89 -14.52 -15.10
N ALA A 668 1.14 -15.63 -15.79
CA ALA A 668 1.56 -15.68 -17.21
C ALA A 668 0.33 -15.51 -18.12
N TYR A 669 0.53 -15.05 -19.35
CA TYR A 669 -0.53 -14.86 -20.38
C TYR A 669 0.05 -15.14 -21.78
N GLY A 670 -0.65 -15.99 -22.54
CA GLY A 670 -0.27 -16.40 -23.91
C GLY A 670 -1.49 -16.53 -24.81
N THR A 671 -1.28 -16.48 -26.12
CA THR A 671 -2.33 -16.53 -27.18
C THR A 671 -2.20 -17.84 -27.96
N LEU A 672 -2.90 -17.96 -29.10
CA LEU A 672 -2.80 -19.11 -30.04
C LEU A 672 -1.43 -19.08 -30.74
N GLU A 673 -1.01 -20.23 -31.27
CA GLU A 673 0.31 -20.42 -31.95
C GLU A 673 0.36 -19.53 -33.20
N ALA A 674 -0.70 -19.53 -34.01
CA ALA A 674 -0.83 -18.72 -35.25
C ALA A 674 -2.29 -18.31 -35.45
N GLY A 675 -2.51 -17.08 -35.92
CA GLY A 675 -3.85 -16.51 -36.20
C GLY A 675 -3.78 -15.02 -36.47
N SER A 676 -4.89 -14.32 -36.23
CA SER A 676 -5.03 -12.84 -36.40
C SER A 676 -4.65 -12.12 -35.10
N THR A 677 -4.59 -12.85 -33.99
CA THR A 677 -4.29 -12.31 -32.63
C THR A 677 -2.79 -12.02 -32.50
N LYS A 678 -1.95 -13.02 -32.82
CA LYS A 678 -0.46 -12.94 -32.70
C LYS A 678 0.09 -12.01 -33.78
N GLU A 679 -0.53 -12.01 -34.97
CA GLU A 679 -0.13 -11.17 -36.14
C GLU A 679 -0.34 -9.69 -35.81
N PHE A 680 -1.39 -9.36 -35.05
CA PHE A 680 -1.71 -7.99 -34.58
C PHE A 680 -0.65 -7.53 -33.57
N PHE A 681 -0.19 -8.45 -32.71
CA PHE A 681 0.76 -8.19 -31.60
C PHE A 681 2.15 -7.82 -32.15
N ARG A 682 2.53 -8.34 -33.33
CA ARG A 682 3.87 -8.15 -33.93
C ARG A 682 4.04 -6.71 -34.42
N ARG A 683 3.05 -6.19 -35.17
CA ARG A 683 3.05 -4.80 -35.71
C ARG A 683 2.11 -3.94 -34.85
N SER A 684 2.21 -4.08 -33.52
CA SER A 684 1.44 -3.31 -32.51
C SER A 684 2.21 -2.05 -32.12
N LYS A 685 1.81 -0.89 -32.66
CA LYS A 685 2.36 0.45 -32.32
C LYS A 685 1.43 1.10 -31.29
N ILE A 686 1.50 0.65 -30.04
CA ILE A 686 0.61 1.06 -28.91
C ILE A 686 1.46 1.55 -27.73
N ALA A 687 0.83 1.79 -26.59
CA ALA A 687 1.44 2.36 -25.37
C ALA A 687 2.35 1.32 -24.68
N VAL A 688 1.75 0.27 -24.11
CA VAL A 688 2.44 -0.77 -23.29
C VAL A 688 2.09 -2.18 -23.79
N PHE A 689 1.53 -2.31 -24.99
CA PHE A 689 1.23 -3.61 -25.65
C PHE A 689 2.43 -4.06 -26.49
N GLU A 690 3.35 -3.12 -26.79
CA GLU A 690 4.67 -3.41 -27.42
C GLU A 690 5.57 -4.11 -26.40
N LYS A 691 5.48 -3.70 -25.12
CA LYS A 691 6.22 -4.31 -23.99
C LYS A 691 5.59 -5.65 -23.62
N MET A 692 4.28 -5.79 -23.84
CA MET A 692 3.50 -7.04 -23.57
C MET A 692 4.02 -8.18 -24.46
N TRP A 693 4.21 -7.91 -25.75
CA TRP A 693 4.70 -8.91 -26.75
C TRP A 693 6.20 -9.16 -26.54
N THR A 694 6.94 -8.16 -26.03
CA THR A 694 8.39 -8.25 -25.71
C THR A 694 8.62 -9.35 -24.67
N TYR A 695 7.70 -9.50 -23.72
CA TYR A 695 7.72 -10.54 -22.65
C TYR A 695 7.24 -11.88 -23.22
N MET A 696 6.23 -11.85 -24.11
CA MET A 696 5.58 -13.04 -24.71
C MET A 696 6.60 -13.86 -25.52
N LYS A 697 7.52 -13.19 -26.22
CA LYS A 697 8.50 -13.81 -27.16
C LYS A 697 9.47 -14.70 -26.38
N SER A 698 9.99 -14.21 -25.24
CA SER A 698 10.98 -14.91 -24.39
C SER A 698 10.32 -15.39 -23.09
N ALA A 699 9.96 -16.68 -23.04
CA ALA A 699 9.36 -17.36 -21.86
C ALA A 699 10.09 -18.68 -21.62
N GLU A 700 10.00 -19.22 -20.40
CA GLU A 700 10.67 -20.48 -19.98
C GLU A 700 10.01 -21.67 -20.67
N PRO A 701 8.71 -21.96 -20.40
CA PRO A 701 7.94 -22.89 -21.22
C PRO A 701 7.28 -22.15 -22.41
N SER A 702 6.74 -22.92 -23.37
CA SER A 702 6.02 -22.41 -24.56
C SER A 702 4.66 -21.84 -24.15
N VAL A 703 4.54 -20.51 -24.06
CA VAL A 703 3.31 -19.78 -23.62
C VAL A 703 2.24 -19.89 -24.72
N PHE A 704 2.65 -19.93 -25.99
CA PHE A 704 1.76 -20.05 -27.17
C PHE A 704 1.24 -21.50 -27.28
N VAL A 705 -0.08 -21.68 -27.22
CA VAL A 705 -0.77 -23.00 -27.25
C VAL A 705 -1.34 -23.22 -28.67
N ARG A 706 -1.23 -24.45 -29.18
CA ARG A 706 -1.65 -24.83 -30.56
C ARG A 706 -3.18 -24.83 -30.64
N THR A 707 -3.84 -25.59 -29.75
CA THR A 707 -5.31 -25.78 -29.70
C THR A 707 -5.93 -24.74 -28.74
N THR A 708 -7.10 -24.20 -29.11
CA THR A 708 -7.84 -23.17 -28.33
C THR A 708 -8.59 -23.85 -27.17
N GLU A 709 -9.20 -25.01 -27.43
CA GLU A 709 -10.00 -25.78 -26.44
C GLU A 709 -9.06 -26.40 -25.40
N GLU A 710 -7.92 -26.92 -25.85
CA GLU A 710 -6.84 -27.48 -24.98
C GLU A 710 -6.15 -26.35 -24.22
N GLY A 711 -6.12 -25.14 -24.80
CA GLY A 711 -5.61 -23.91 -24.16
C GLY A 711 -6.45 -23.49 -22.97
N MET A 712 -7.76 -23.74 -23.03
CA MET A 712 -8.74 -23.45 -21.93
C MET A 712 -8.49 -24.41 -20.76
N ILE A 713 -8.00 -25.63 -21.05
CA ILE A 713 -7.70 -26.69 -20.04
C ILE A 713 -6.44 -26.29 -19.25
N ARG A 714 -5.49 -25.63 -19.91
CA ARG A 714 -4.20 -25.18 -19.31
C ARG A 714 -4.46 -24.12 -18.23
N VAL A 715 -5.52 -23.31 -18.41
CA VAL A 715 -5.95 -22.26 -17.44
C VAL A 715 -6.55 -22.95 -16.22
N ARG A 716 -7.34 -24.02 -16.44
CA ARG A 716 -7.97 -24.84 -15.37
C ARG A 716 -6.88 -25.55 -14.55
N LYS A 717 -5.89 -26.14 -15.22
CA LYS A 717 -4.81 -26.96 -14.60
C LYS A 717 -3.93 -26.09 -13.69
N SER A 718 -3.60 -24.88 -14.13
CA SER A 718 -2.75 -23.89 -13.40
C SER A 718 -3.49 -23.40 -12.14
N LYS A 719 -4.78 -23.07 -12.28
CA LYS A 719 -5.66 -22.57 -11.19
C LYS A 719 -5.12 -21.22 -10.69
N GLY A 720 -5.35 -20.15 -11.44
CA GLY A 720 -4.95 -18.77 -11.10
C GLY A 720 -3.45 -18.56 -11.22
N LYS A 721 -2.84 -19.07 -12.31
CA LYS A 721 -1.40 -18.95 -12.61
C LYS A 721 -1.19 -18.58 -14.10
N TYR A 722 -2.13 -18.93 -14.97
CA TYR A 722 -2.09 -18.69 -16.43
C TYR A 722 -3.39 -18.02 -16.89
N ALA A 723 -3.29 -17.09 -17.83
CA ALA A 723 -4.41 -16.39 -18.50
C ALA A 723 -4.35 -16.66 -20.01
N TYR A 724 -5.51 -16.73 -20.67
CA TYR A 724 -5.62 -17.02 -22.13
C TYR A 724 -6.44 -15.91 -22.81
N LEU A 725 -5.82 -15.26 -23.80
CA LEU A 725 -6.43 -14.16 -24.61
C LEU A 725 -7.11 -14.76 -25.84
N LEU A 726 -8.35 -14.35 -26.13
CA LEU A 726 -9.15 -14.83 -27.29
C LEU A 726 -10.23 -13.79 -27.61
N GLU A 727 -11.12 -14.11 -28.56
CA GLU A 727 -12.27 -13.24 -28.96
C GLU A 727 -13.30 -13.22 -27.82
N SER A 728 -14.01 -12.09 -27.69
CA SER A 728 -14.98 -11.81 -26.60
C SER A 728 -16.23 -12.70 -26.75
N THR A 729 -16.68 -12.90 -27.99
CA THR A 729 -17.89 -13.69 -28.35
C THR A 729 -17.71 -15.15 -27.90
N MET A 730 -16.55 -15.73 -28.19
CA MET A 730 -16.19 -17.14 -27.84
C MET A 730 -15.97 -17.26 -26.32
N ASN A 731 -15.42 -16.21 -25.70
CA ASN A 731 -15.08 -16.17 -24.25
C ASN A 731 -16.37 -16.22 -23.41
N GLU A 732 -17.41 -15.47 -23.82
CA GLU A 732 -18.69 -15.34 -23.09
C GLU A 732 -19.46 -16.67 -23.13
N TYR A 733 -19.39 -17.40 -24.25
CA TYR A 733 -20.10 -18.69 -24.48
C TYR A 733 -19.44 -19.81 -23.66
N ILE A 734 -18.12 -19.73 -23.47
CA ILE A 734 -17.29 -20.77 -22.75
C ILE A 734 -17.61 -20.70 -21.25
N GLU A 735 -17.97 -19.53 -20.73
CA GLU A 735 -18.38 -19.33 -19.31
C GLU A 735 -19.73 -20.01 -19.06
N GLN A 736 -20.65 -19.92 -20.02
CA GLN A 736 -22.06 -20.41 -19.90
C GLN A 736 -22.10 -21.94 -20.00
N ARG A 737 -21.75 -22.49 -21.17
CA ARG A 737 -21.77 -23.96 -21.45
C ARG A 737 -20.57 -24.62 -20.75
N LYS A 738 -20.71 -25.89 -20.39
CA LYS A 738 -19.66 -26.73 -19.72
C LYS A 738 -19.52 -26.30 -18.26
N PRO A 739 -18.83 -27.11 -17.42
CA PRO A 739 -18.61 -26.76 -16.01
C PRO A 739 -18.04 -25.34 -15.81
N CYS A 740 -18.53 -24.64 -14.79
CA CYS A 740 -18.23 -23.21 -14.50
C CYS A 740 -16.96 -23.10 -13.65
N ASP A 741 -15.84 -22.72 -14.27
CA ASP A 741 -14.55 -22.42 -13.59
C ASP A 741 -13.79 -21.33 -14.36
N THR A 742 -14.51 -20.50 -15.12
CA THR A 742 -13.96 -19.41 -15.97
C THR A 742 -14.90 -18.21 -15.96
N MET A 743 -14.39 -17.03 -16.33
CA MET A 743 -15.17 -15.77 -16.47
C MET A 743 -14.40 -14.78 -17.34
N LYS A 744 -15.13 -13.85 -17.98
CA LYS A 744 -14.58 -12.70 -18.72
C LYS A 744 -14.28 -11.58 -17.72
N VAL A 745 -13.17 -10.86 -17.90
CA VAL A 745 -12.75 -9.72 -17.02
C VAL A 745 -12.16 -8.61 -17.90
N GLY A 746 -12.48 -7.35 -17.58
CA GLY A 746 -11.97 -6.15 -18.27
C GLY A 746 -12.78 -5.82 -19.51
N GLY A 747 -12.39 -4.75 -20.21
CA GLY A 747 -13.02 -4.27 -21.46
C GLY A 747 -12.35 -4.86 -22.69
N ASN A 748 -12.95 -4.64 -23.87
CA ASN A 748 -12.43 -5.11 -25.18
C ASN A 748 -11.20 -4.26 -25.56
N LEU A 749 -10.21 -4.89 -26.19
CA LEU A 749 -8.92 -4.25 -26.58
C LEU A 749 -8.94 -3.91 -28.08
N ASP A 750 -9.11 -4.92 -28.94
CA ASP A 750 -9.08 -4.80 -30.42
C ASP A 750 -10.49 -4.55 -30.95
N SER A 751 -10.59 -3.98 -32.15
CA SER A 751 -11.86 -3.68 -32.87
C SER A 751 -11.93 -4.52 -34.15
N LYS A 752 -12.88 -5.47 -34.20
CA LYS A 752 -13.13 -6.36 -35.36
C LYS A 752 -14.62 -6.72 -35.41
N GLY A 753 -15.17 -6.89 -36.62
CA GLY A 753 -16.60 -7.19 -36.84
C GLY A 753 -16.78 -8.35 -37.81
N TYR A 754 -17.77 -9.21 -37.54
CA TYR A 754 -18.24 -10.29 -38.45
C TYR A 754 -19.11 -9.67 -39.55
N GLY A 755 -19.33 -10.40 -40.65
CA GLY A 755 -20.13 -9.94 -41.79
C GLY A 755 -20.72 -11.09 -42.59
N ILE A 756 -21.51 -10.74 -43.62
CA ILE A 756 -22.14 -11.70 -44.58
C ILE A 756 -21.60 -11.36 -45.99
N ALA A 757 -20.93 -12.33 -46.62
CA ALA A 757 -20.11 -12.14 -47.84
C ALA A 757 -20.76 -12.85 -49.04
N THR A 758 -20.76 -12.18 -50.19
CA THR A 758 -21.14 -12.73 -51.52
C THR A 758 -20.23 -12.07 -52.57
N PRO A 759 -19.66 -12.83 -53.53
CA PRO A 759 -18.63 -12.30 -54.42
C PRO A 759 -19.07 -11.06 -55.21
N LYS A 760 -18.12 -10.16 -55.50
CA LYS A 760 -18.34 -8.84 -56.15
C LYS A 760 -19.00 -9.03 -57.53
N GLY A 761 -19.91 -8.13 -57.90
CA GLY A 761 -20.72 -8.21 -59.13
C GLY A 761 -21.99 -9.01 -58.92
N SER A 762 -22.48 -9.06 -57.67
CA SER A 762 -23.73 -9.75 -57.27
C SER A 762 -24.86 -8.73 -57.12
N ALA A 763 -26.06 -9.09 -57.58
CA ALA A 763 -27.31 -8.28 -57.48
C ALA A 763 -28.03 -8.58 -56.16
N LEU A 764 -27.48 -9.50 -55.36
CA LEU A 764 -28.04 -9.93 -54.04
C LEU A 764 -27.55 -8.99 -52.93
N ARG A 765 -26.58 -8.12 -53.22
CA ARG A 765 -25.99 -7.15 -52.24
C ARG A 765 -27.07 -6.16 -51.78
N GLY A 766 -27.88 -5.65 -52.73
CA GLY A 766 -28.91 -4.61 -52.49
C GLY A 766 -29.88 -4.98 -51.38
N PRO A 767 -30.77 -5.99 -51.58
CA PRO A 767 -31.83 -6.29 -50.62
C PRO A 767 -31.33 -6.89 -49.29
N VAL A 768 -30.20 -7.59 -49.31
CA VAL A 768 -29.62 -8.29 -48.12
C VAL A 768 -29.00 -7.25 -47.16
N ASN A 769 -28.20 -6.32 -47.68
CA ASN A 769 -27.47 -5.29 -46.88
C ASN A 769 -28.47 -4.43 -46.10
N LEU A 770 -29.59 -4.06 -46.73
CA LEU A 770 -30.67 -3.24 -46.11
C LEU A 770 -31.46 -4.09 -45.11
N ALA A 771 -31.66 -5.38 -45.38
CA ALA A 771 -32.37 -6.34 -44.51
C ALA A 771 -31.59 -6.53 -43.20
N VAL A 772 -30.25 -6.57 -43.28
CA VAL A 772 -29.32 -6.66 -42.11
C VAL A 772 -29.56 -5.45 -41.20
N LEU A 773 -29.68 -4.26 -41.79
CA LEU A 773 -29.94 -2.97 -41.07
C LEU A 773 -31.38 -2.97 -40.52
N LYS A 774 -32.31 -3.63 -41.20
CA LYS A 774 -33.73 -3.76 -40.78
C LYS A 774 -33.84 -4.64 -39.53
N LEU A 775 -33.01 -5.68 -39.43
CA LEU A 775 -32.97 -6.64 -38.30
C LEU A 775 -32.38 -5.96 -37.06
N SER A 776 -31.28 -5.21 -37.22
CA SER A 776 -30.48 -4.61 -36.13
C SER A 776 -31.24 -3.46 -35.45
N GLU A 777 -31.84 -2.57 -36.23
CA GLU A 777 -32.49 -1.31 -35.75
C GLU A 777 -33.76 -1.66 -34.97
N GLN A 778 -34.57 -2.59 -35.48
CA GLN A 778 -35.84 -3.05 -34.84
C GLN A 778 -35.50 -3.86 -33.59
N GLY A 779 -34.43 -4.67 -33.63
CA GLY A 779 -33.93 -5.46 -32.49
C GLY A 779 -34.30 -6.93 -32.63
N VAL A 780 -33.91 -7.57 -33.75
CA VAL A 780 -34.13 -9.01 -34.04
C VAL A 780 -32.87 -9.78 -33.62
N LEU A 781 -31.69 -9.28 -33.98
CA LEU A 781 -30.36 -9.87 -33.65
C LEU A 781 -30.17 -9.91 -32.13
N ASP A 782 -30.56 -8.84 -31.42
CA ASP A 782 -30.30 -8.63 -29.97
C ASP A 782 -31.13 -9.64 -29.15
N LYS A 783 -32.38 -9.91 -29.58
CA LYS A 783 -33.29 -10.91 -28.97
C LYS A 783 -32.76 -12.33 -29.23
N LEU A 784 -32.23 -12.56 -30.45
CA LEU A 784 -31.75 -13.88 -30.91
C LEU A 784 -30.42 -14.23 -30.22
N LYS A 785 -29.55 -13.24 -30.03
CA LYS A 785 -28.23 -13.38 -29.36
C LYS A 785 -28.43 -13.66 -27.86
N SER A 786 -29.52 -13.16 -27.28
CA SER A 786 -29.91 -13.36 -25.86
C SER A 786 -30.35 -14.82 -25.63
N LYS A 787 -30.91 -15.47 -26.65
CA LYS A 787 -31.52 -16.82 -26.56
C LYS A 787 -30.42 -17.89 -26.49
N TRP A 788 -29.55 -17.96 -27.50
CA TRP A 788 -28.59 -19.06 -27.72
C TRP A 788 -27.42 -18.99 -26.72
N TRP A 789 -27.15 -17.81 -26.14
CA TRP A 789 -26.03 -17.59 -25.18
C TRP A 789 -26.50 -17.81 -23.74
N TYR A 790 -27.58 -17.14 -23.33
CA TYR A 790 -28.03 -17.05 -21.92
C TYR A 790 -29.23 -17.97 -21.66
N ASP A 791 -30.29 -17.84 -22.47
CA ASP A 791 -31.55 -18.62 -22.33
C ASP A 791 -31.24 -20.12 -22.49
N LYS A 792 -30.39 -20.46 -23.46
CA LYS A 792 -29.85 -21.83 -23.67
C LYS A 792 -28.45 -21.89 -23.03
N GLY A 793 -28.40 -21.76 -21.70
CA GLY A 793 -27.17 -21.75 -20.89
C GLY A 793 -27.28 -22.69 -19.70
N GLU A 794 -26.14 -23.07 -19.12
CA GLU A 794 -26.04 -24.04 -17.99
C GLU A 794 -25.15 -23.45 -16.88
N CYS A 795 -25.21 -22.13 -16.68
CA CYS A 795 -24.46 -21.39 -15.64
C CYS A 795 -25.15 -20.05 -15.33
N GLY A 796 -25.34 -19.75 -14.05
CA GLY A 796 -25.98 -18.50 -13.57
C GLY A 796 -27.48 -18.51 -13.82
N THR A 806 -21.29 -5.01 0.99
CA THR A 806 -21.01 -5.12 2.45
C THR A 806 -19.67 -5.82 2.67
N SER A 807 -18.75 -5.19 3.40
CA SER A 807 -17.38 -5.71 3.70
C SER A 807 -17.06 -5.52 5.20
N ALA A 808 -17.95 -6.02 6.07
CA ALA A 808 -17.77 -6.08 7.54
C ALA A 808 -17.27 -7.49 7.91
N LEU A 809 -17.03 -7.73 9.21
CA LEU A 809 -16.59 -9.04 9.74
C LEU A 809 -17.79 -10.00 9.71
N SER A 810 -17.64 -11.14 9.04
CA SER A 810 -18.71 -12.16 8.83
C SER A 810 -18.91 -12.98 10.11
N LEU A 811 -20.03 -13.69 10.20
CA LEU A 811 -20.40 -14.59 11.33
C LEU A 811 -19.50 -15.83 11.29
N SER A 812 -19.15 -16.31 10.09
CA SER A 812 -18.39 -17.56 9.84
C SER A 812 -16.98 -17.47 10.43
N ASN A 813 -16.38 -16.27 10.45
CA ASN A 813 -15.00 -16.01 10.95
C ASN A 813 -14.96 -16.20 12.48
N VAL A 814 -16.06 -15.92 13.17
CA VAL A 814 -16.18 -15.97 14.66
C VAL A 814 -16.96 -17.24 15.07
N ALA A 815 -17.67 -17.87 14.13
CA ALA A 815 -18.58 -19.02 14.34
C ALA A 815 -17.95 -20.07 15.27
N GLY A 816 -16.64 -20.32 15.13
CA GLY A 816 -15.90 -21.35 15.88
C GLY A 816 -15.96 -21.15 17.39
N VAL A 817 -15.94 -19.90 17.86
CA VAL A 817 -15.82 -19.55 19.31
C VAL A 817 -17.16 -19.74 20.01
N PHE A 818 -18.26 -19.85 19.25
CA PHE A 818 -19.63 -20.13 19.76
C PHE A 818 -19.75 -21.62 20.13
N TYR A 819 -19.08 -22.50 19.38
CA TYR A 819 -19.04 -23.97 19.62
C TYR A 819 -18.32 -24.27 20.95
N ILE A 820 -17.33 -23.43 21.30
CA ILE A 820 -16.55 -23.52 22.57
C ILE A 820 -17.47 -23.10 23.74
N LEU A 821 -18.35 -22.13 23.51
CA LEU A 821 -19.27 -21.56 24.53
C LEU A 821 -20.34 -22.58 24.92
N ILE A 822 -20.93 -23.27 23.92
CA ILE A 822 -22.04 -24.25 24.12
C ILE A 822 -21.48 -25.52 24.77
N GLY A 823 -20.35 -26.03 24.26
CA GLY A 823 -19.68 -27.25 24.76
C GLY A 823 -19.32 -27.15 26.23
N GLY A 824 -18.92 -25.96 26.69
CA GLY A 824 -18.57 -25.66 28.10
C GLY A 824 -19.78 -25.77 29.01
N LEU A 825 -20.94 -25.27 28.56
CA LEU A 825 -22.23 -25.31 29.31
C LEU A 825 -22.77 -26.74 29.32
N GLY A 826 -22.44 -27.55 28.32
CA GLY A 826 -22.81 -28.98 28.24
C GLY A 826 -22.17 -29.78 29.37
N LEU A 827 -20.88 -29.55 29.63
CA LEU A 827 -20.12 -30.17 30.75
C LEU A 827 -20.61 -29.61 32.09
N ALA A 828 -20.95 -28.32 32.14
CA ALA A 828 -21.41 -27.60 33.36
C ALA A 828 -22.66 -28.26 33.93
N MET A 829 -23.58 -28.69 33.06
CA MET A 829 -24.85 -29.38 33.45
C MET A 829 -24.55 -30.78 33.99
N LEU A 830 -23.55 -31.46 33.41
CA LEU A 830 -23.14 -32.85 33.78
C LEU A 830 -22.49 -32.87 35.17
N VAL A 831 -21.69 -31.84 35.51
CA VAL A 831 -21.01 -31.70 36.82
C VAL A 831 -22.06 -31.52 37.92
N ALA A 832 -23.13 -30.76 37.64
CA ALA A 832 -24.27 -30.53 38.55
C ALA A 832 -25.08 -31.83 38.71
N LEU A 833 -25.09 -32.68 37.68
CA LEU A 833 -25.85 -33.97 37.64
C LEU A 833 -25.16 -34.99 38.55
N ILE A 834 -23.82 -35.02 38.54
CA ILE A 834 -22.98 -36.03 39.26
C ILE A 834 -23.03 -35.77 40.77
N GLU A 835 -22.75 -34.53 41.19
CA GLU A 835 -22.53 -34.16 42.62
C GLU A 835 -23.86 -34.00 43.36
N PHE A 836 -25.00 -34.08 42.67
CA PHE A 836 -26.36 -34.08 43.26
C PHE A 836 -26.72 -35.51 43.72
N CYS A 837 -26.34 -36.51 42.93
CA CYS A 837 -26.57 -37.96 43.21
C CYS A 837 -25.69 -38.43 44.36
N TYR A 838 -24.52 -37.82 44.54
CA TYR A 838 -23.51 -38.16 45.57
C TYR A 838 -24.05 -37.79 46.97
N LYS A 839 -24.38 -36.51 47.17
CA LYS A 839 -24.91 -35.96 48.44
C LYS A 839 -26.40 -36.32 48.58
N VAL B 417 -14.45 19.55 -51.82
CA VAL B 417 -15.20 20.14 -50.68
C VAL B 417 -15.44 19.06 -49.61
N VAL B 418 -14.98 19.31 -48.39
CA VAL B 418 -15.10 18.38 -47.22
C VAL B 418 -16.06 19.02 -46.20
N THR B 419 -17.28 18.50 -46.09
CA THR B 419 -18.33 18.98 -45.15
C THR B 419 -18.18 18.24 -43.82
N THR B 420 -18.08 18.99 -42.72
CA THR B 420 -18.00 18.49 -41.32
C THR B 420 -19.05 19.21 -40.48
N ILE B 421 -19.07 18.95 -39.16
CA ILE B 421 -20.03 19.59 -38.21
C ILE B 421 -19.31 19.87 -36.88
N LEU B 422 -19.67 20.98 -36.23
CA LEU B 422 -19.05 21.46 -34.96
C LEU B 422 -19.49 20.56 -33.80
N GLU B 423 -18.53 19.86 -33.19
CA GLU B 423 -18.74 18.97 -32.01
C GLU B 423 -17.81 19.43 -30.88
N SER B 424 -17.88 18.76 -29.73
CA SER B 424 -17.04 19.04 -28.52
C SER B 424 -15.64 18.47 -28.72
N PRO B 425 -15.49 17.13 -28.93
CA PRO B 425 -14.17 16.52 -29.07
C PRO B 425 -13.64 16.33 -30.50
N TYR B 426 -14.50 16.46 -31.52
CA TYR B 426 -14.21 16.08 -32.93
C TYR B 426 -13.65 17.29 -33.70
N VAL B 427 -14.43 18.37 -33.83
CA VAL B 427 -14.05 19.61 -34.57
C VAL B 427 -14.09 20.78 -33.59
N MET B 428 -12.91 21.27 -33.18
CA MET B 428 -12.72 22.40 -32.24
C MET B 428 -12.02 23.56 -32.96
N MET B 429 -12.52 24.78 -32.78
CA MET B 429 -11.90 26.03 -33.30
C MET B 429 -10.75 26.44 -32.37
N LYS B 430 -9.53 26.53 -32.91
CA LYS B 430 -8.28 26.82 -32.13
C LYS B 430 -8.27 28.28 -31.67
N LYS B 431 -7.52 28.57 -30.61
CA LYS B 431 -7.33 29.94 -30.05
C LYS B 431 -6.51 30.77 -31.04
N ASN B 432 -6.86 32.06 -31.18
CA ASN B 432 -6.27 33.00 -32.18
C ASN B 432 -6.62 32.49 -33.59
N HIS B 433 -7.91 32.37 -33.89
CA HIS B 433 -8.47 31.86 -35.17
C HIS B 433 -8.43 32.97 -36.24
N GLU B 434 -8.39 34.24 -35.81
CA GLU B 434 -8.30 35.42 -36.69
C GLU B 434 -6.87 35.55 -37.23
N MET B 435 -5.87 35.16 -36.44
CA MET B 435 -4.42 35.25 -36.77
C MET B 435 -4.05 34.21 -37.83
N LEU B 436 -4.65 33.01 -37.75
CA LEU B 436 -4.38 31.86 -38.66
C LEU B 436 -5.62 31.55 -39.49
N GLU B 437 -5.61 31.91 -40.78
CA GLU B 437 -6.71 31.69 -41.75
C GLU B 437 -6.37 30.48 -42.63
N GLY B 438 -7.31 29.53 -42.74
CA GLY B 438 -7.17 28.30 -43.56
C GLY B 438 -7.57 27.06 -42.79
N ASN B 439 -6.69 26.06 -42.74
CA ASN B 439 -6.91 24.75 -42.05
C ASN B 439 -6.29 24.78 -40.65
N GLU B 440 -5.63 25.88 -40.27
CA GLU B 440 -4.99 26.08 -38.94
C GLU B 440 -6.03 26.63 -37.94
N ARG B 441 -7.21 27.02 -38.43
CA ARG B 441 -8.31 27.61 -37.61
C ARG B 441 -8.93 26.53 -36.71
N TYR B 442 -8.91 25.26 -37.14
CA TYR B 442 -9.53 24.11 -36.43
C TYR B 442 -8.46 23.07 -36.07
N GLU B 443 -8.73 22.27 -35.04
CA GLU B 443 -7.88 21.14 -34.58
C GLU B 443 -8.76 20.11 -33.86
N GLY B 444 -8.52 18.82 -34.09
CA GLY B 444 -9.26 17.72 -33.43
C GLY B 444 -9.00 16.37 -34.09
N TYR B 445 -9.80 15.37 -33.73
CA TYR B 445 -9.72 13.97 -34.23
C TYR B 445 -10.16 13.92 -35.69
N CYS B 446 -11.30 14.54 -36.00
CA CYS B 446 -11.99 14.47 -37.32
C CYS B 446 -11.19 15.21 -38.40
N VAL B 447 -10.32 16.14 -38.00
CA VAL B 447 -9.43 16.92 -38.91
C VAL B 447 -8.30 16.00 -39.38
N ASP B 448 -7.68 15.27 -38.46
CA ASP B 448 -6.53 14.35 -38.72
C ASP B 448 -7.02 13.09 -39.43
N LEU B 449 -8.29 12.70 -39.20
CA LEU B 449 -8.95 11.52 -39.82
C LEU B 449 -9.09 11.74 -41.33
N ALA B 450 -9.38 12.99 -41.74
CA ALA B 450 -9.53 13.42 -43.15
C ALA B 450 -8.18 13.37 -43.86
N ALA B 451 -7.10 13.76 -43.16
CA ALA B 451 -5.71 13.80 -43.68
C ALA B 451 -5.20 12.37 -43.92
N GLU B 452 -5.62 11.41 -43.07
CA GLU B 452 -5.28 9.97 -43.18
C GLU B 452 -5.97 9.36 -44.40
N ILE B 453 -7.18 9.84 -44.73
CA ILE B 453 -8.01 9.38 -45.88
C ILE B 453 -7.42 9.90 -47.19
N ALA B 454 -6.90 11.13 -47.18
CA ALA B 454 -6.33 11.83 -48.37
C ALA B 454 -4.84 11.46 -48.54
N LYS B 455 -4.31 10.59 -47.68
CA LYS B 455 -2.93 10.04 -47.79
C LYS B 455 -2.90 8.97 -48.89
N HIS B 456 -4.02 8.27 -49.11
CA HIS B 456 -4.19 7.19 -50.12
C HIS B 456 -5.23 7.57 -51.17
N CYS B 457 -5.78 8.80 -51.12
CA CYS B 457 -6.78 9.34 -52.08
C CYS B 457 -6.27 10.65 -52.68
N GLY B 458 -6.25 10.75 -54.02
CA GLY B 458 -5.83 11.94 -54.76
C GLY B 458 -6.93 12.99 -54.82
N PHE B 459 -7.10 13.76 -53.73
CA PHE B 459 -8.14 14.80 -53.57
C PHE B 459 -7.58 15.98 -52.76
N LYS B 460 -8.02 17.20 -53.08
CA LYS B 460 -7.67 18.46 -52.37
C LYS B 460 -8.77 18.78 -51.35
N TYR B 461 -8.41 18.85 -50.07
CA TYR B 461 -9.35 19.05 -48.93
C TYR B 461 -9.37 20.53 -48.52
N LYS B 462 -10.58 21.07 -48.30
CA LYS B 462 -10.82 22.44 -47.79
C LYS B 462 -11.83 22.37 -46.64
N LEU B 463 -11.41 22.79 -45.43
CA LEU B 463 -12.22 22.72 -44.19
C LEU B 463 -13.43 23.66 -44.31
N THR B 464 -14.57 23.11 -44.76
CA THR B 464 -15.85 23.84 -44.96
C THR B 464 -16.87 23.35 -43.92
N ILE B 465 -17.46 24.28 -43.18
CA ILE B 465 -18.45 24.02 -42.09
C ILE B 465 -19.86 24.13 -42.70
N VAL B 466 -20.76 23.20 -42.37
CA VAL B 466 -22.18 23.21 -42.82
C VAL B 466 -22.91 24.35 -42.08
N GLY B 467 -23.67 25.17 -42.84
CA GLY B 467 -24.28 26.42 -42.34
C GLY B 467 -25.51 26.17 -41.47
N ASP B 468 -26.24 25.09 -41.74
CA ASP B 468 -27.51 24.73 -41.04
C ASP B 468 -27.22 24.41 -39.57
N GLY B 469 -26.12 23.72 -39.29
CA GLY B 469 -25.76 23.22 -37.94
C GLY B 469 -26.62 22.02 -37.57
N LYS B 470 -26.89 21.14 -38.53
CA LYS B 470 -27.76 19.94 -38.39
C LYS B 470 -27.09 18.75 -39.09
N TYR B 471 -27.34 17.53 -38.59
CA TYR B 471 -26.76 16.26 -39.11
C TYR B 471 -27.45 15.88 -40.43
N GLY B 472 -28.77 15.71 -40.39
CA GLY B 472 -29.61 15.43 -41.57
C GLY B 472 -30.83 14.60 -41.23
N ALA B 473 -32.03 15.16 -41.47
CA ALA B 473 -33.34 14.49 -41.28
C ALA B 473 -34.38 15.12 -42.22
N ARG B 474 -35.09 14.29 -42.98
CA ARG B 474 -36.17 14.73 -43.90
C ARG B 474 -37.39 15.14 -43.08
N ASP B 475 -37.83 16.40 -43.22
CA ASP B 475 -38.98 16.99 -42.49
C ASP B 475 -40.28 16.31 -42.96
N ALA B 476 -41.28 16.24 -42.08
CA ALA B 476 -42.58 15.57 -42.30
C ALA B 476 -43.41 16.35 -43.34
N ASP B 477 -43.35 17.68 -43.30
CA ASP B 477 -44.17 18.60 -44.14
C ASP B 477 -43.54 18.76 -45.53
N THR B 478 -42.26 19.15 -45.57
CA THR B 478 -41.52 19.52 -46.81
C THR B 478 -41.07 18.25 -47.56
N LYS B 479 -40.70 17.19 -46.82
CA LYS B 479 -40.17 15.92 -47.38
C LYS B 479 -38.87 16.20 -48.14
N ILE B 480 -37.96 16.98 -47.53
CA ILE B 480 -36.66 17.41 -48.11
C ILE B 480 -35.59 17.35 -47.01
N TRP B 481 -34.37 16.93 -47.37
CA TRP B 481 -33.23 16.70 -46.44
C TRP B 481 -32.48 18.02 -46.21
N ASN B 482 -31.79 18.13 -45.07
CA ASN B 482 -31.07 19.34 -44.61
C ASN B 482 -29.65 18.97 -44.17
N GLY B 483 -28.80 19.99 -43.97
CA GLY B 483 -27.44 19.85 -43.41
C GLY B 483 -26.49 19.13 -44.35
N MET B 484 -25.59 18.30 -43.79
CA MET B 484 -24.53 17.56 -44.53
C MET B 484 -25.18 16.49 -45.42
N VAL B 485 -26.26 15.87 -44.95
CA VAL B 485 -27.04 14.83 -45.70
C VAL B 485 -27.77 15.51 -46.87
N GLY B 486 -28.35 16.69 -46.62
CA GLY B 486 -29.07 17.50 -47.63
C GLY B 486 -28.15 17.99 -48.74
N GLU B 487 -26.91 18.37 -48.39
CA GLU B 487 -25.89 18.89 -49.34
C GLU B 487 -25.37 17.76 -50.23
N LEU B 488 -25.42 16.51 -49.75
CA LEU B 488 -24.90 15.31 -50.45
C LEU B 488 -25.85 14.91 -51.58
N VAL B 489 -27.15 14.78 -51.28
CA VAL B 489 -28.20 14.25 -52.21
C VAL B 489 -28.47 15.27 -53.31
N TYR B 490 -28.58 16.56 -52.97
CA TYR B 490 -28.92 17.67 -53.91
C TYR B 490 -27.68 18.05 -54.75
N GLY B 491 -26.49 17.59 -54.35
CA GLY B 491 -25.25 17.74 -55.12
C GLY B 491 -24.58 19.08 -54.88
N LYS B 492 -23.92 19.22 -53.73
CA LYS B 492 -23.14 20.42 -53.32
C LYS B 492 -21.85 19.96 -52.63
N ALA B 493 -21.97 19.11 -51.60
CA ALA B 493 -20.85 18.51 -50.84
C ALA B 493 -20.32 17.28 -51.59
N ASP B 494 -18.99 17.08 -51.55
CA ASP B 494 -18.27 15.99 -52.26
C ASP B 494 -18.04 14.81 -51.31
N ILE B 495 -17.50 15.08 -50.11
CA ILE B 495 -17.16 14.07 -49.07
C ILE B 495 -17.59 14.58 -47.70
N ALA B 496 -18.03 13.67 -46.81
CA ALA B 496 -18.51 13.97 -45.44
C ALA B 496 -17.81 13.06 -44.44
N ILE B 497 -16.81 13.58 -43.71
CA ILE B 497 -16.07 12.91 -42.62
C ILE B 497 -16.44 13.60 -41.30
N ALA B 498 -17.48 13.08 -40.62
CA ALA B 498 -18.07 13.66 -39.40
C ALA B 498 -18.73 12.55 -38.58
N PRO B 499 -18.90 12.72 -37.25
CA PRO B 499 -19.64 11.77 -36.43
C PRO B 499 -21.11 11.69 -36.87
N LEU B 500 -21.39 10.81 -37.84
CA LEU B 500 -22.75 10.57 -38.42
C LEU B 500 -23.12 9.10 -38.25
N THR B 501 -24.23 8.84 -37.55
CA THR B 501 -24.77 7.48 -37.28
C THR B 501 -25.34 6.91 -38.58
N ILE B 502 -25.05 5.64 -38.87
CA ILE B 502 -25.44 4.93 -40.13
C ILE B 502 -26.73 4.16 -39.85
N THR B 503 -27.87 4.71 -40.28
CA THR B 503 -29.23 4.13 -40.06
C THR B 503 -29.79 3.62 -41.39
N LEU B 504 -31.03 3.10 -41.36
CA LEU B 504 -31.70 2.40 -42.48
C LEU B 504 -32.03 3.39 -43.60
N VAL B 505 -32.68 4.51 -43.25
CA VAL B 505 -33.26 5.50 -44.22
C VAL B 505 -32.13 6.27 -44.93
N ARG B 506 -30.97 6.44 -44.29
CA ARG B 506 -29.79 7.14 -44.86
C ARG B 506 -29.17 6.29 -45.98
N GLU B 507 -29.19 4.96 -45.83
CA GLU B 507 -28.60 3.99 -46.80
C GLU B 507 -29.38 4.00 -48.12
N GLU B 508 -30.68 4.33 -48.06
CA GLU B 508 -31.59 4.38 -49.24
C GLU B 508 -31.24 5.58 -50.14
N VAL B 509 -30.73 6.67 -49.56
CA VAL B 509 -30.50 7.97 -50.26
C VAL B 509 -29.02 8.13 -50.63
N ILE B 510 -28.09 7.83 -49.70
CA ILE B 510 -26.62 7.96 -49.93
C ILE B 510 -25.91 6.68 -49.49
N ASP B 511 -24.80 6.35 -50.16
CA ASP B 511 -23.92 5.20 -49.86
C ASP B 511 -23.01 5.56 -48.68
N PHE B 512 -22.73 4.60 -47.80
CA PHE B 512 -21.88 4.76 -46.59
C PHE B 512 -20.66 3.83 -46.69
N SER B 513 -19.56 4.22 -46.04
CA SER B 513 -18.31 3.44 -45.92
C SER B 513 -18.42 2.47 -44.73
N LYS B 514 -17.35 1.72 -44.44
CA LYS B 514 -17.29 0.75 -43.32
C LYS B 514 -17.01 1.49 -42.01
N PRO B 515 -17.50 0.99 -40.86
CA PRO B 515 -17.32 1.68 -39.58
C PRO B 515 -15.85 1.80 -39.16
N PHE B 516 -15.43 2.98 -38.68
CA PHE B 516 -14.04 3.29 -38.24
C PHE B 516 -13.95 3.21 -36.71
N MET B 517 -15.05 3.44 -35.99
CA MET B 517 -15.16 3.19 -34.53
C MET B 517 -16.60 2.78 -34.18
N SER B 518 -16.75 1.91 -33.18
CA SER B 518 -18.05 1.38 -32.67
C SER B 518 -18.40 2.06 -31.35
N LEU B 519 -19.70 2.27 -31.10
CA LEU B 519 -20.23 2.92 -29.87
C LEU B 519 -21.60 2.33 -29.53
N GLY B 520 -22.17 2.76 -28.40
CA GLY B 520 -23.50 2.35 -27.92
C GLY B 520 -23.99 3.25 -26.81
N ILE B 521 -25.20 2.97 -26.30
CA ILE B 521 -25.84 3.74 -25.18
C ILE B 521 -25.37 3.14 -23.86
N SER B 522 -24.87 3.97 -22.95
CA SER B 522 -24.29 3.58 -21.64
C SER B 522 -24.86 4.47 -20.53
N ILE B 523 -24.52 4.15 -19.28
CA ILE B 523 -25.01 4.84 -18.05
C ILE B 523 -23.88 5.69 -17.47
N MET B 524 -24.18 6.92 -17.06
CA MET B 524 -23.25 7.81 -16.31
C MET B 524 -23.92 8.27 -15.01
N ILE B 525 -23.13 8.39 -13.95
CA ILE B 525 -23.56 8.84 -12.58
C ILE B 525 -22.48 9.75 -12.00
N LYS B 526 -22.84 10.57 -11.01
CA LYS B 526 -21.90 11.44 -10.27
C LYS B 526 -20.95 10.55 -9.45
N LYS B 527 -19.69 10.97 -9.32
CA LYS B 527 -18.63 10.22 -8.59
C LYS B 527 -19.12 9.89 -7.18
N PRO B 528 -18.79 8.69 -6.63
CA PRO B 528 -19.37 8.24 -5.37
C PRO B 528 -18.96 9.08 -4.16
N GLN B 529 -17.74 9.64 -4.19
CA GLN B 529 -17.17 10.54 -3.15
C GLN B 529 -17.18 9.82 -1.80
N LYS B 530 -17.32 10.56 -0.69
CA LYS B 530 -17.31 10.03 0.70
C LYS B 530 -18.60 10.44 1.41
N SER B 531 -19.20 9.50 2.16
CA SER B 531 -20.48 9.67 2.90
C SER B 531 -20.22 10.31 4.27
N LYS B 532 -21.24 10.93 4.85
CA LYS B 532 -21.23 11.49 6.23
C LYS B 532 -21.69 10.41 7.20
N PRO B 533 -20.87 10.03 8.21
CA PRO B 533 -21.29 9.07 9.22
C PRO B 533 -22.24 9.72 10.23
N GLY B 534 -23.50 9.29 10.25
CA GLY B 534 -24.58 9.87 11.08
C GLY B 534 -24.50 9.40 12.52
N VAL B 535 -25.42 8.51 12.92
CA VAL B 535 -25.53 7.97 14.31
C VAL B 535 -25.56 6.44 14.23
N PHE B 536 -24.95 5.76 15.21
CA PHE B 536 -24.73 4.30 15.27
C PHE B 536 -23.89 3.84 14.07
N SER B 537 -22.88 4.65 13.72
CA SER B 537 -21.91 4.40 12.61
C SER B 537 -20.70 3.61 13.13
N PHE B 538 -20.67 3.34 14.44
CA PHE B 538 -19.56 2.63 15.14
C PHE B 538 -19.83 1.12 15.19
N LEU B 539 -20.99 0.69 14.69
CA LEU B 539 -21.40 -0.74 14.59
C LEU B 539 -21.07 -1.27 13.17
N ASP B 540 -20.23 -0.54 12.43
CA ASP B 540 -19.82 -0.85 11.03
C ASP B 540 -18.87 -2.05 10.98
N PRO B 541 -17.85 -2.18 11.87
CA PRO B 541 -16.88 -3.27 11.77
C PRO B 541 -17.50 -4.68 11.76
N LEU B 542 -18.52 -4.91 12.59
CA LEU B 542 -19.21 -6.23 12.75
C LEU B 542 -20.56 -6.20 12.03
N ALA B 543 -21.02 -7.36 11.56
CA ALA B 543 -22.33 -7.58 10.92
C ALA B 543 -23.45 -7.49 11.97
N TYR B 544 -24.67 -7.16 11.53
CA TYR B 544 -25.88 -7.03 12.37
C TYR B 544 -26.31 -8.40 12.91
N GLU B 545 -25.85 -9.49 12.27
CA GLU B 545 -26.15 -10.89 12.67
C GLU B 545 -25.43 -11.25 13.97
N ILE B 546 -24.17 -10.79 14.13
CA ILE B 546 -23.27 -11.15 15.26
C ILE B 546 -23.76 -10.44 16.53
N TRP B 547 -24.10 -9.14 16.43
CA TRP B 547 -24.52 -8.28 17.57
C TRP B 547 -25.70 -8.92 18.32
N MET B 548 -26.71 -9.39 17.59
CA MET B 548 -27.95 -10.00 18.16
C MET B 548 -27.63 -11.37 18.79
N CYS B 549 -26.66 -12.10 18.24
CA CYS B 549 -26.22 -13.43 18.74
C CYS B 549 -25.54 -13.29 20.12
N ILE B 550 -24.83 -12.17 20.34
CA ILE B 550 -24.14 -11.85 21.63
C ILE B 550 -25.21 -11.55 22.69
N VAL B 551 -26.29 -10.89 22.30
CA VAL B 551 -27.43 -10.49 23.21
C VAL B 551 -28.09 -11.76 23.74
N PHE B 552 -28.47 -12.69 22.84
CA PHE B 552 -29.15 -13.96 23.16
C PHE B 552 -28.25 -14.84 24.04
N ALA B 553 -26.96 -14.94 23.70
CA ALA B 553 -25.95 -15.79 24.37
C ALA B 553 -25.77 -15.35 25.83
N TYR B 554 -25.74 -14.03 26.08
CA TYR B 554 -25.52 -13.40 27.42
C TYR B 554 -26.68 -13.75 28.36
N ILE B 555 -27.90 -13.89 27.82
CA ILE B 555 -29.11 -14.31 28.59
C ILE B 555 -28.96 -15.79 28.95
N GLY B 556 -28.55 -16.62 27.99
CA GLY B 556 -28.35 -18.08 28.14
C GLY B 556 -27.37 -18.40 29.25
N VAL B 557 -26.21 -17.74 29.27
CA VAL B 557 -25.12 -17.95 30.27
C VAL B 557 -25.62 -17.54 31.66
N SER B 558 -26.35 -16.43 31.75
CA SER B 558 -26.91 -15.86 33.00
C SER B 558 -27.96 -16.81 33.60
N VAL B 559 -28.84 -17.36 32.75
CA VAL B 559 -29.95 -18.28 33.14
C VAL B 559 -29.37 -19.61 33.62
N VAL B 560 -28.40 -20.16 32.88
CA VAL B 560 -27.74 -21.47 33.18
C VAL B 560 -27.05 -21.39 34.55
N LEU B 561 -26.39 -20.25 34.83
CA LEU B 561 -25.63 -20.00 36.10
C LEU B 561 -26.58 -20.17 37.31
N PHE B 562 -27.82 -19.67 37.18
CA PHE B 562 -28.86 -19.72 38.25
C PHE B 562 -29.30 -21.17 38.48
N LEU B 563 -29.64 -21.89 37.39
CA LEU B 563 -30.12 -23.30 37.43
C LEU B 563 -29.01 -24.21 37.96
N VAL B 564 -27.74 -23.94 37.59
CA VAL B 564 -26.53 -24.70 38.04
C VAL B 564 -26.37 -24.54 39.55
N SER B 565 -26.60 -23.33 40.08
CA SER B 565 -26.41 -22.97 41.51
C SER B 565 -27.45 -23.71 42.38
N ARG B 566 -28.73 -23.63 42.00
CA ARG B 566 -29.87 -24.27 42.72
C ARG B 566 -30.51 -25.32 41.80
N GLU B 591 -24.96 -14.96 47.35
CA GLU B 591 -26.01 -15.77 46.66
C GLU B 591 -26.20 -15.27 45.23
N PHE B 592 -26.68 -16.14 44.34
CA PHE B 592 -26.92 -15.89 42.89
C PHE B 592 -28.40 -16.12 42.58
N GLY B 593 -29.14 -15.03 42.35
CA GLY B 593 -30.54 -15.05 41.88
C GLY B 593 -30.63 -14.93 40.37
N ILE B 594 -31.73 -14.35 39.87
CA ILE B 594 -31.94 -14.03 38.42
C ILE B 594 -31.31 -12.66 38.13
N PHE B 595 -31.54 -11.69 39.01
CA PHE B 595 -31.04 -10.29 38.89
C PHE B 595 -29.52 -10.25 39.08
N ASN B 596 -29.00 -11.00 40.06
CA ASN B 596 -27.57 -10.98 40.47
C ASN B 596 -26.71 -11.70 39.41
N SER B 597 -27.24 -12.75 38.80
CA SER B 597 -26.55 -13.57 37.76
C SER B 597 -26.41 -12.79 36.45
N LEU B 598 -27.44 -12.01 36.09
CA LEU B 598 -27.48 -11.17 34.86
C LEU B 598 -26.40 -10.08 34.94
N TRP B 599 -26.21 -9.49 36.12
CA TRP B 599 -25.23 -8.39 36.37
C TRP B 599 -23.80 -8.91 36.21
N PHE B 600 -23.52 -10.13 36.68
CA PHE B 600 -22.19 -10.80 36.63
C PHE B 600 -21.70 -10.92 35.19
N SER B 601 -22.59 -11.37 34.29
CA SER B 601 -22.29 -11.64 32.85
C SER B 601 -22.26 -10.34 32.04
N LEU B 602 -22.85 -9.27 32.55
CA LEU B 602 -22.77 -7.91 31.96
C LEU B 602 -21.41 -7.28 32.30
N GLY B 603 -21.03 -7.34 33.59
CA GLY B 603 -19.73 -6.86 34.10
C GLY B 603 -18.57 -7.67 33.55
N ALA B 604 -18.82 -8.92 33.13
CA ALA B 604 -17.82 -9.84 32.55
C ALA B 604 -17.49 -9.42 31.11
N PHE B 605 -18.51 -9.08 30.31
CA PHE B 605 -18.38 -8.72 28.87
C PHE B 605 -17.72 -7.34 28.73
N MET B 606 -18.04 -6.40 29.64
CA MET B 606 -17.46 -5.03 29.67
C MET B 606 -16.01 -5.09 30.15
N ARG B 607 -15.62 -6.19 30.81
CA ARG B 607 -14.23 -6.51 31.22
C ARG B 607 -13.81 -5.59 32.37
N GLN B 608 -14.65 -5.51 33.41
CA GLN B 608 -14.35 -4.82 34.70
C GLN B 608 -14.48 -5.82 35.85
N GLY B 609 -13.59 -5.73 36.84
CA GLY B 609 -13.53 -6.64 38.01
C GLY B 609 -14.48 -6.20 39.12
N CYS B 610 -15.54 -6.97 39.36
CA CYS B 610 -16.52 -6.78 40.46
C CYS B 610 -16.13 -7.68 41.64
N ASP B 611 -17.02 -7.82 42.63
CA ASP B 611 -16.81 -8.66 43.85
C ASP B 611 -17.65 -9.94 43.76
N ILE B 612 -18.33 -10.16 42.62
CA ILE B 612 -19.19 -11.35 42.37
C ILE B 612 -18.33 -12.43 41.70
N SER B 613 -18.27 -13.63 42.29
CA SER B 613 -17.46 -14.78 41.80
C SER B 613 -18.16 -16.09 42.13
N PRO B 614 -18.45 -16.95 41.12
CA PRO B 614 -19.03 -18.27 41.38
C PRO B 614 -18.06 -19.18 42.15
N ARG B 615 -18.51 -19.71 43.29
CA ARG B 615 -17.69 -20.51 44.23
C ARG B 615 -17.82 -22.00 43.90
N SER B 616 -18.86 -22.40 43.17
CA SER B 616 -19.12 -23.80 42.73
C SER B 616 -18.18 -24.17 41.58
N LEU B 617 -17.71 -25.42 41.56
CA LEU B 617 -16.87 -26.01 40.49
C LEU B 617 -17.61 -25.91 39.15
N SER B 618 -18.90 -26.22 39.14
CA SER B 618 -19.80 -26.18 37.95
C SER B 618 -19.89 -24.75 37.41
N GLY B 619 -19.97 -23.76 38.31
CA GLY B 619 -20.09 -22.33 37.97
C GLY B 619 -18.79 -21.76 37.41
N ARG B 620 -17.64 -22.32 37.80
CA ARG B 620 -16.29 -21.86 37.38
C ARG B 620 -15.96 -22.39 35.98
N ILE B 621 -16.66 -23.45 35.53
CA ILE B 621 -16.60 -23.96 34.13
C ILE B 621 -17.39 -23.00 33.24
N VAL B 622 -18.50 -22.45 33.75
CA VAL B 622 -19.37 -21.46 33.05
C VAL B 622 -18.63 -20.13 32.91
N GLY B 623 -18.05 -19.66 34.02
CA GLY B 623 -17.36 -18.35 34.11
C GLY B 623 -16.16 -18.26 33.18
N GLY B 624 -15.27 -19.27 33.22
CA GLY B 624 -14.01 -19.30 32.46
C GLY B 624 -14.23 -19.41 30.96
N VAL B 625 -15.30 -20.09 30.54
CA VAL B 625 -15.66 -20.31 29.10
C VAL B 625 -16.26 -19.01 28.54
N TRP B 626 -17.08 -18.32 29.33
CA TRP B 626 -17.70 -17.00 28.98
C TRP B 626 -16.61 -15.92 28.89
N TRP B 627 -15.52 -16.08 29.65
CA TRP B 627 -14.36 -15.14 29.66
C TRP B 627 -13.60 -15.20 28.33
N PHE B 628 -13.38 -16.40 27.79
CA PHE B 628 -12.62 -16.62 26.53
C PHE B 628 -13.39 -15.99 25.35
N PHE B 629 -14.73 -16.06 25.38
CA PHE B 629 -15.63 -15.41 24.38
C PHE B 629 -15.35 -13.90 24.37
N THR B 630 -15.38 -13.27 25.56
CA THR B 630 -15.18 -11.81 25.76
C THR B 630 -13.84 -11.36 25.18
N LEU B 631 -12.78 -12.15 25.37
CA LEU B 631 -11.38 -11.81 25.01
C LEU B 631 -11.22 -11.72 23.49
N ILE B 632 -11.90 -12.60 22.75
CA ILE B 632 -11.76 -12.75 21.26
C ILE B 632 -12.62 -11.71 20.55
N ILE B 633 -13.83 -11.42 21.07
CA ILE B 633 -14.80 -10.47 20.46
C ILE B 633 -14.22 -9.05 20.51
N ILE B 634 -13.62 -8.67 21.65
CA ILE B 634 -12.99 -7.34 21.88
C ILE B 634 -11.77 -7.18 20.96
N SER B 635 -10.92 -8.20 20.90
CA SER B 635 -9.67 -8.22 20.11
C SER B 635 -9.97 -8.19 18.60
N SER B 636 -11.06 -8.83 18.18
CA SER B 636 -11.50 -8.92 16.76
C SER B 636 -12.07 -7.58 16.30
N TYR B 637 -12.79 -6.87 17.18
CA TYR B 637 -13.37 -5.52 16.94
C TYR B 637 -12.25 -4.53 16.61
N THR B 638 -11.26 -4.44 17.50
CA THR B 638 -10.14 -3.46 17.46
C THR B 638 -9.33 -3.63 16.16
N ALA B 639 -9.11 -4.88 15.72
CA ALA B 639 -8.33 -5.24 14.52
C ALA B 639 -9.05 -4.77 13.26
N ASN B 640 -10.37 -5.01 13.16
CA ASN B 640 -11.19 -4.74 11.96
C ASN B 640 -11.40 -3.24 11.79
N LEU B 641 -11.46 -2.49 12.91
CA LEU B 641 -11.65 -1.01 12.92
C LEU B 641 -10.38 -0.32 12.41
N ALA B 642 -9.20 -0.90 12.68
CA ALA B 642 -7.88 -0.40 12.28
C ALA B 642 -7.72 -0.50 10.75
N ALA B 643 -8.28 -1.56 10.14
CA ALA B 643 -8.22 -1.84 8.69
C ALA B 643 -9.05 -0.82 7.91
N PHE B 644 -10.16 -0.34 8.49
CA PHE B 644 -11.11 0.63 7.88
C PHE B 644 -10.44 2.01 7.71
N LEU B 645 -9.56 2.38 8.65
CA LEU B 645 -8.96 3.73 8.75
C LEU B 645 -7.57 3.75 8.09
N THR B 646 -7.07 2.61 7.63
CA THR B 646 -5.79 2.48 6.88
C THR B 646 -6.02 2.75 5.40
N VAL B 647 -6.92 1.98 4.77
CA VAL B 647 -7.30 2.13 3.34
C VAL B 647 -8.84 2.23 3.25
N GLU B 648 -9.33 3.27 2.56
CA GLU B 648 -10.78 3.56 2.38
C GLU B 648 -11.20 3.17 0.97
N ARG B 649 -12.29 2.40 0.84
CA ARG B 649 -12.85 1.92 -0.45
C ARG B 649 -14.22 2.60 -0.69
N MET B 650 -14.31 3.41 -1.74
CA MET B 650 -15.57 4.06 -2.20
C MET B 650 -16.17 3.23 -3.34
N VAL B 651 -17.16 2.39 -3.02
CA VAL B 651 -17.78 1.40 -3.95
C VAL B 651 -19.07 1.99 -4.54
N SER B 652 -19.33 1.75 -5.82
CA SER B 652 -20.48 2.29 -6.58
C SER B 652 -21.78 1.63 -6.12
N PRO B 653 -22.90 2.38 -6.00
CA PRO B 653 -24.18 1.82 -5.59
C PRO B 653 -24.83 0.93 -6.66
N ILE B 654 -24.61 1.24 -7.95
CA ILE B 654 -25.18 0.50 -9.12
C ILE B 654 -24.02 -0.05 -9.96
N GLU B 655 -24.22 -1.25 -10.53
CA GLU B 655 -23.20 -2.02 -11.30
C GLU B 655 -23.63 -2.14 -12.76
N SER B 656 -24.88 -2.57 -13.01
CA SER B 656 -25.41 -2.93 -14.35
C SER B 656 -26.73 -2.19 -14.62
N ALA B 657 -27.29 -2.39 -15.82
CA ALA B 657 -28.59 -1.84 -16.28
C ALA B 657 -29.75 -2.58 -15.58
N GLU B 658 -29.54 -3.86 -15.25
CA GLU B 658 -30.51 -4.70 -14.50
C GLU B 658 -30.51 -4.32 -13.01
N ASP B 659 -29.46 -3.63 -12.55
CA ASP B 659 -29.30 -3.16 -11.14
C ASP B 659 -30.26 -2.00 -10.87
N LEU B 660 -30.32 -1.01 -11.78
CA LEU B 660 -31.19 0.20 -11.65
C LEU B 660 -32.61 -0.13 -12.14
N SER B 661 -32.85 -1.37 -12.60
CA SER B 661 -34.19 -1.91 -12.95
C SER B 661 -34.90 -2.41 -11.67
N LYS B 662 -34.13 -2.84 -10.66
CA LYS B 662 -34.64 -3.40 -9.39
C LYS B 662 -34.57 -2.32 -8.28
N GLN B 663 -33.47 -1.58 -8.21
CA GLN B 663 -33.23 -0.52 -7.19
C GLN B 663 -34.40 0.48 -7.22
N THR B 664 -34.71 1.03 -8.40
CA THR B 664 -35.82 1.99 -8.65
C THR B 664 -35.86 3.04 -7.53
N GLU B 665 -34.80 3.85 -7.44
CA GLU B 665 -34.59 4.89 -6.40
C GLU B 665 -34.09 6.17 -7.05
N ILE B 666 -33.02 6.06 -7.86
CA ILE B 666 -32.37 7.19 -8.59
C ILE B 666 -33.08 7.37 -9.93
N ALA B 667 -33.43 8.62 -10.27
CA ALA B 667 -34.15 9.00 -11.52
C ALA B 667 -33.22 8.78 -12.72
N TYR B 668 -33.76 8.33 -13.85
CA TYR B 668 -33.03 8.11 -15.12
C TYR B 668 -33.93 8.41 -16.32
N GLY B 669 -33.39 9.13 -17.30
CA GLY B 669 -34.07 9.50 -18.56
C GLY B 669 -33.07 9.79 -19.66
N THR B 670 -33.54 10.40 -20.76
CA THR B 670 -32.74 10.77 -21.96
C THR B 670 -33.15 12.18 -22.41
N LEU B 671 -32.77 12.56 -23.64
CA LEU B 671 -33.19 13.82 -24.31
C LEU B 671 -34.70 13.78 -24.62
N ASP B 672 -35.30 14.94 -24.82
CA ASP B 672 -36.76 15.12 -25.13
C ASP B 672 -37.11 14.33 -26.38
N SER B 673 -36.31 14.48 -27.45
CA SER B 673 -36.44 13.76 -28.75
C SER B 673 -35.06 13.58 -29.38
N GLY B 674 -34.68 12.33 -29.64
CA GLY B 674 -33.37 11.97 -30.24
C GLY B 674 -33.35 10.54 -30.74
N SER B 675 -32.15 9.96 -30.88
CA SER B 675 -31.90 8.58 -31.37
C SER B 675 -32.13 7.57 -30.23
N THR B 676 -31.63 7.88 -29.03
CA THR B 676 -31.71 7.02 -27.82
C THR B 676 -33.13 7.02 -27.25
N LYS B 677 -33.87 8.14 -27.42
CA LYS B 677 -35.27 8.29 -26.97
C LYS B 677 -36.19 7.39 -27.83
N GLU B 678 -35.92 7.32 -29.14
CA GLU B 678 -36.70 6.51 -30.11
C GLU B 678 -36.43 5.02 -29.90
N PHE B 679 -35.23 4.67 -29.43
CA PHE B 679 -34.80 3.27 -29.12
C PHE B 679 -35.61 2.73 -27.95
N PHE B 680 -35.79 3.54 -26.90
CA PHE B 680 -36.50 3.17 -25.64
C PHE B 680 -37.98 2.89 -25.92
N ARG B 681 -38.61 3.69 -26.78
CA ARG B 681 -40.07 3.63 -27.10
C ARG B 681 -40.40 2.25 -27.68
N ARG B 682 -39.73 1.86 -28.77
CA ARG B 682 -39.92 0.56 -29.48
C ARG B 682 -38.88 -0.44 -28.98
N SER B 683 -39.25 -1.27 -28.00
CA SER B 683 -38.42 -2.33 -27.39
C SER B 683 -39.20 -3.65 -27.30
N LYS B 684 -38.54 -4.78 -27.58
CA LYS B 684 -39.13 -6.13 -27.60
C LYS B 684 -38.93 -6.82 -26.25
N ILE B 685 -37.69 -6.80 -25.73
CA ILE B 685 -37.29 -7.48 -24.46
C ILE B 685 -37.90 -6.70 -23.28
N ALA B 686 -38.22 -7.42 -22.20
CA ALA B 686 -39.05 -6.96 -21.05
C ALA B 686 -38.30 -5.93 -20.19
N VAL B 687 -36.97 -6.03 -20.10
CA VAL B 687 -36.12 -5.25 -19.16
C VAL B 687 -36.18 -3.75 -19.52
N PHE B 688 -36.14 -3.41 -20.81
CA PHE B 688 -36.22 -2.01 -21.32
C PHE B 688 -37.69 -1.59 -21.46
N ASP B 689 -38.60 -2.55 -21.62
CA ASP B 689 -40.07 -2.33 -21.67
C ASP B 689 -40.56 -1.85 -20.30
N LYS B 690 -39.98 -2.39 -19.22
CA LYS B 690 -40.25 -1.98 -17.82
C LYS B 690 -39.59 -0.62 -17.56
N MET B 691 -38.48 -0.32 -18.26
CA MET B 691 -37.72 0.95 -18.15
C MET B 691 -38.48 2.08 -18.85
N TRP B 692 -39.10 1.79 -20.00
CA TRP B 692 -39.92 2.75 -20.79
C TRP B 692 -41.22 3.09 -20.05
N THR B 693 -41.73 2.14 -19.25
CA THR B 693 -42.90 2.32 -18.35
C THR B 693 -42.57 3.42 -17.32
N TYR B 694 -41.36 3.38 -16.76
CA TYR B 694 -40.84 4.38 -15.79
C TYR B 694 -40.58 5.72 -16.49
N MET B 695 -39.95 5.67 -17.67
CA MET B 695 -39.50 6.84 -18.46
C MET B 695 -40.72 7.67 -18.90
N ARG B 696 -41.78 7.01 -19.34
CA ARG B 696 -43.03 7.67 -19.85
C ARG B 696 -43.80 8.26 -18.66
N SER B 697 -44.22 7.42 -17.71
CA SER B 697 -45.02 7.80 -16.51
C SER B 697 -44.08 8.18 -15.36
N ALA B 698 -43.27 9.23 -15.55
CA ALA B 698 -42.35 9.82 -14.55
C ALA B 698 -42.99 11.07 -13.95
N GLU B 699 -42.81 11.28 -12.63
CA GLU B 699 -43.40 12.41 -11.86
C GLU B 699 -42.30 13.19 -11.16
N PRO B 700 -41.81 14.32 -11.73
CA PRO B 700 -42.22 14.80 -13.05
C PRO B 700 -41.43 14.13 -14.18
N SER B 701 -41.71 14.53 -15.43
CA SER B 701 -41.06 14.02 -16.67
C SER B 701 -39.56 14.31 -16.63
N VAL B 702 -38.73 13.26 -16.71
CA VAL B 702 -37.24 13.34 -16.64
C VAL B 702 -36.70 13.40 -18.08
N PHE B 703 -36.85 14.56 -18.73
CA PHE B 703 -36.36 14.84 -20.10
C PHE B 703 -35.82 16.27 -20.15
N VAL B 704 -34.65 16.46 -20.79
CA VAL B 704 -33.95 17.77 -20.93
C VAL B 704 -33.80 18.10 -22.42
N ARG B 705 -33.68 19.38 -22.75
CA ARG B 705 -33.67 19.91 -24.13
C ARG B 705 -32.35 19.56 -24.82
N THR B 706 -31.21 19.82 -24.16
CA THR B 706 -29.84 19.65 -24.69
C THR B 706 -29.07 18.60 -23.88
N THR B 707 -28.03 18.02 -24.48
CA THR B 707 -27.12 17.02 -23.86
C THR B 707 -26.27 17.70 -22.78
N ALA B 708 -25.96 18.99 -22.97
CA ALA B 708 -25.20 19.84 -22.02
C ALA B 708 -26.02 20.05 -20.75
N GLU B 709 -27.35 20.12 -20.87
CA GLU B 709 -28.32 20.27 -19.74
C GLU B 709 -28.36 18.98 -18.92
N GLY B 710 -28.22 17.82 -19.59
CA GLY B 710 -28.24 16.48 -18.96
C GLY B 710 -27.07 16.28 -18.01
N VAL B 711 -25.87 16.71 -18.42
CA VAL B 711 -24.61 16.59 -17.62
C VAL B 711 -24.74 17.46 -16.36
N ALA B 712 -25.26 18.69 -16.53
CA ALA B 712 -25.45 19.70 -15.45
C ALA B 712 -26.44 19.18 -14.40
N ARG B 713 -27.45 18.42 -14.83
CA ARG B 713 -28.53 17.89 -13.95
C ARG B 713 -27.99 16.77 -13.06
N VAL B 714 -27.01 16.00 -13.56
CA VAL B 714 -26.38 14.84 -12.84
C VAL B 714 -25.52 15.36 -11.69
N ARG B 715 -24.67 16.35 -11.96
CA ARG B 715 -23.68 16.92 -10.98
C ARG B 715 -24.40 17.68 -9.87
N LYS B 716 -25.46 18.42 -10.21
CA LYS B 716 -26.24 19.28 -9.28
C LYS B 716 -27.07 18.39 -8.34
N SER B 717 -27.70 17.34 -8.87
CA SER B 717 -28.56 16.38 -8.13
C SER B 717 -27.74 15.64 -7.06
N LYS B 718 -26.52 15.23 -7.41
CA LYS B 718 -25.55 14.54 -6.50
C LYS B 718 -26.12 13.19 -6.10
N GLY B 719 -26.07 12.20 -6.99
CA GLY B 719 -26.56 10.83 -6.77
C GLY B 719 -28.08 10.77 -6.64
N LYS B 720 -28.79 11.47 -7.55
CA LYS B 720 -30.28 11.55 -7.57
C LYS B 720 -30.81 11.42 -9.00
N TYR B 721 -30.03 11.83 -10.01
CA TYR B 721 -30.36 11.71 -11.46
C TYR B 721 -29.19 11.06 -12.21
N ALA B 722 -29.50 10.07 -13.06
CA ALA B 722 -28.56 9.35 -13.94
C ALA B 722 -28.96 9.58 -15.40
N TYR B 723 -28.01 10.03 -16.23
CA TYR B 723 -28.23 10.40 -17.66
C TYR B 723 -27.74 9.26 -18.55
N LEU B 724 -28.44 9.02 -19.68
CA LEU B 724 -28.13 7.95 -20.66
C LEU B 724 -27.85 8.61 -22.02
N LEU B 725 -26.67 8.37 -22.58
CA LEU B 725 -26.25 8.88 -23.92
C LEU B 725 -25.17 7.96 -24.52
N GLU B 726 -24.57 8.39 -25.63
CA GLU B 726 -23.51 7.65 -26.36
C GLU B 726 -22.30 7.46 -25.44
N SER B 727 -21.65 6.29 -25.52
CA SER B 727 -20.47 5.90 -24.70
C SER B 727 -19.24 6.71 -25.12
N THR B 728 -19.20 7.20 -26.36
CA THR B 728 -18.09 8.00 -26.93
C THR B 728 -17.98 9.33 -26.17
N MET B 729 -19.04 10.13 -26.17
CA MET B 729 -19.09 11.47 -25.50
C MET B 729 -18.90 11.29 -23.99
N ASN B 730 -19.53 10.27 -23.40
CA ASN B 730 -19.50 9.98 -21.94
C ASN B 730 -18.05 9.84 -21.46
N GLU B 731 -17.20 9.14 -22.23
CA GLU B 731 -15.78 8.88 -21.87
C GLU B 731 -14.97 10.17 -21.97
N TYR B 732 -15.33 11.08 -22.88
CA TYR B 732 -14.66 12.39 -23.09
C TYR B 732 -14.99 13.34 -21.94
N ILE B 733 -16.25 13.33 -21.48
CA ILE B 733 -16.77 14.22 -20.40
C ILE B 733 -16.11 13.84 -19.08
N GLU B 734 -15.83 12.55 -18.87
CA GLU B 734 -15.20 11.99 -17.64
C GLU B 734 -13.75 12.48 -17.53
N GLN B 735 -13.04 12.56 -18.66
CA GLN B 735 -11.60 12.93 -18.72
C GLN B 735 -11.44 14.46 -18.62
N ARG B 736 -12.46 15.23 -19.00
CA ARG B 736 -12.43 16.71 -19.00
C ARG B 736 -12.67 17.24 -17.57
N LYS B 737 -12.40 18.52 -17.35
CA LYS B 737 -12.42 19.19 -16.02
C LYS B 737 -13.86 19.35 -15.55
N PRO B 738 -14.13 19.36 -14.21
CA PRO B 738 -13.12 19.09 -13.19
C PRO B 738 -13.10 17.62 -12.70
N CYS B 739 -13.66 16.69 -13.50
CA CYS B 739 -13.74 15.24 -13.23
C CYS B 739 -14.65 14.98 -12.01
N ASP B 740 -15.93 14.70 -12.26
CA ASP B 740 -16.95 14.41 -11.21
C ASP B 740 -17.97 13.37 -11.70
N THR B 741 -17.72 12.69 -12.82
CA THR B 741 -18.61 11.64 -13.40
C THR B 741 -17.74 10.57 -14.07
N MET B 742 -18.26 9.34 -14.16
CA MET B 742 -17.56 8.15 -14.72
C MET B 742 -18.56 7.22 -15.40
N LYS B 743 -18.07 6.41 -16.35
CA LYS B 743 -18.84 5.38 -17.09
C LYS B 743 -19.01 4.16 -16.19
N VAL B 744 -20.18 3.50 -16.26
CA VAL B 744 -20.51 2.28 -15.45
C VAL B 744 -21.22 1.26 -16.36
N GLY B 745 -20.88 -0.02 -16.19
CA GLY B 745 -21.50 -1.17 -16.90
C GLY B 745 -21.08 -1.22 -18.35
N GLY B 746 -21.70 -2.12 -19.12
CA GLY B 746 -21.48 -2.29 -20.57
C GLY B 746 -22.42 -1.42 -21.39
N ASN B 747 -22.40 -1.59 -22.71
CA ASN B 747 -23.27 -0.86 -23.67
C ASN B 747 -24.52 -1.69 -23.94
N LEU B 748 -25.63 -1.02 -24.30
CA LEU B 748 -26.98 -1.63 -24.46
C LEU B 748 -27.20 -2.02 -25.93
N ASP B 749 -27.05 -1.06 -26.85
CA ASP B 749 -27.12 -1.27 -28.32
C ASP B 749 -25.70 -1.10 -28.89
N SER B 750 -25.51 -1.46 -30.17
CA SER B 750 -24.21 -1.39 -30.88
C SER B 750 -24.40 -0.65 -32.23
N LYS B 751 -23.93 0.60 -32.30
CA LYS B 751 -23.98 1.45 -33.52
C LYS B 751 -22.54 1.87 -33.88
N GLY B 752 -22.37 2.56 -35.00
CA GLY B 752 -21.05 2.99 -35.51
C GLY B 752 -21.15 4.23 -36.40
N TYR B 753 -20.07 5.01 -36.46
CA TYR B 753 -19.91 6.17 -37.37
C TYR B 753 -19.14 5.74 -38.62
N GLY B 754 -19.42 6.38 -39.75
CA GLY B 754 -18.76 6.14 -41.06
C GLY B 754 -18.59 7.41 -41.86
N ILE B 755 -17.98 7.31 -43.04
CA ILE B 755 -17.74 8.43 -43.99
C ILE B 755 -18.84 8.39 -45.05
N ALA B 756 -19.65 9.46 -45.14
CA ALA B 756 -20.81 9.58 -46.06
C ALA B 756 -20.34 10.17 -47.40
N THR B 757 -20.94 9.69 -48.49
CA THR B 757 -20.64 10.12 -49.89
C THR B 757 -21.93 10.14 -50.70
N PRO B 758 -22.14 11.14 -51.59
CA PRO B 758 -23.35 11.23 -52.41
C PRO B 758 -23.70 9.95 -53.21
N LYS B 759 -24.97 9.85 -53.64
CA LYS B 759 -25.53 8.70 -54.40
C LYS B 759 -24.74 8.51 -55.70
N GLY B 760 -24.54 7.25 -56.11
CA GLY B 760 -23.67 6.85 -57.23
C GLY B 760 -22.28 6.48 -56.74
N SER B 761 -21.62 7.41 -56.04
CA SER B 761 -20.31 7.22 -55.36
C SER B 761 -19.25 6.74 -56.36
N SER B 762 -18.72 7.66 -57.17
CA SER B 762 -17.66 7.41 -58.17
C SER B 762 -16.28 7.42 -57.49
N LEU B 763 -16.16 8.11 -56.36
CA LEU B 763 -14.89 8.29 -55.60
C LEU B 763 -15.02 7.73 -54.18
N GLY B 764 -16.09 6.99 -53.90
CA GLY B 764 -16.41 6.44 -52.55
C GLY B 764 -15.82 5.06 -52.33
N THR B 765 -15.34 4.41 -53.41
CA THR B 765 -14.83 3.01 -53.40
C THR B 765 -13.44 2.95 -52.76
N PRO B 766 -12.44 3.74 -53.22
CA PRO B 766 -11.07 3.59 -52.73
C PRO B 766 -10.88 4.01 -51.27
N VAL B 767 -11.56 5.08 -50.85
CA VAL B 767 -11.44 5.69 -49.49
C VAL B 767 -12.07 4.75 -48.46
N ASN B 768 -13.01 3.90 -48.87
CA ASN B 768 -13.64 2.85 -48.01
C ASN B 768 -12.61 1.77 -47.67
N LEU B 769 -11.78 1.39 -48.66
CA LEU B 769 -10.71 0.36 -48.51
C LEU B 769 -9.55 0.91 -47.68
N ALA B 770 -9.22 2.20 -47.85
CA ALA B 770 -8.07 2.88 -47.21
C ALA B 770 -8.25 2.92 -45.69
N VAL B 771 -9.48 3.22 -45.23
CA VAL B 771 -9.85 3.31 -43.78
C VAL B 771 -9.68 1.93 -43.13
N LEU B 772 -10.05 0.87 -43.86
CA LEU B 772 -10.00 -0.55 -43.38
C LEU B 772 -8.54 -0.97 -43.11
N LYS B 773 -7.60 -0.46 -43.90
CA LYS B 773 -6.14 -0.72 -43.77
C LYS B 773 -5.60 0.05 -42.56
N LEU B 774 -6.00 1.31 -42.42
CA LEU B 774 -5.57 2.22 -41.31
C LEU B 774 -6.18 1.75 -39.98
N SER B 775 -7.31 1.03 -40.04
CA SER B 775 -7.97 0.37 -38.88
C SER B 775 -7.09 -0.79 -38.38
N GLU B 776 -6.46 -1.53 -39.30
CA GLU B 776 -5.59 -2.70 -39.01
C GLU B 776 -4.26 -2.23 -38.40
N GLN B 777 -3.68 -1.16 -38.95
CA GLN B 777 -2.34 -0.63 -38.55
C GLN B 777 -2.39 -0.10 -37.10
N GLY B 778 -3.55 0.40 -36.67
CA GLY B 778 -3.78 0.94 -35.31
C GLY B 778 -3.51 2.44 -35.25
N VAL B 779 -3.99 3.18 -36.25
CA VAL B 779 -3.86 4.67 -36.36
C VAL B 779 -5.10 5.32 -35.72
N LEU B 780 -6.26 4.67 -35.85
CA LEU B 780 -7.56 5.15 -35.30
C LEU B 780 -7.51 5.08 -33.76
N ASP B 781 -6.95 4.00 -33.21
CA ASP B 781 -6.76 3.78 -31.75
C ASP B 781 -5.71 4.76 -31.22
N LYS B 782 -4.69 5.08 -32.02
CA LYS B 782 -3.59 6.01 -31.68
C LYS B 782 -4.13 7.44 -31.59
N LEU B 783 -5.02 7.82 -32.53
CA LEU B 783 -5.57 9.20 -32.66
C LEU B 783 -6.62 9.44 -31.56
N LYS B 784 -7.43 8.42 -31.25
CA LYS B 784 -8.49 8.48 -30.21
C LYS B 784 -7.84 8.57 -28.82
N ASN B 785 -6.65 8.00 -28.65
CA ASN B 785 -5.89 8.00 -27.37
C ASN B 785 -5.26 9.38 -27.13
N LYS B 786 -5.11 10.19 -28.19
CA LYS B 786 -4.40 11.49 -28.17
C LYS B 786 -5.34 12.60 -27.67
N TRP B 787 -6.61 12.61 -28.10
CA TRP B 787 -7.60 13.69 -27.83
C TRP B 787 -8.42 13.38 -26.58
N TRP B 788 -8.77 12.11 -26.35
CA TRP B 788 -9.59 11.66 -25.20
C TRP B 788 -8.75 11.65 -23.92
N TYR B 789 -7.67 10.86 -23.90
CA TYR B 789 -6.90 10.47 -22.70
C TYR B 789 -5.68 11.39 -22.49
N ASP B 790 -4.91 11.63 -23.55
CA ASP B 790 -3.62 12.39 -23.51
C ASP B 790 -3.90 13.84 -23.07
N LYS B 791 -4.83 14.52 -23.75
CA LYS B 791 -5.25 15.91 -23.44
C LYS B 791 -6.45 15.85 -22.48
N GLY B 792 -6.18 15.86 -21.16
CA GLY B 792 -7.19 15.77 -20.10
C GLY B 792 -6.81 16.56 -18.86
N GLU B 793 -7.76 16.77 -17.95
CA GLU B 793 -7.59 17.56 -16.70
C GLU B 793 -6.97 16.66 -15.62
N CYS B 794 -7.66 15.58 -15.24
CA CYS B 794 -7.24 14.62 -14.19
C CYS B 794 -6.60 13.38 -14.83
N GLY B 795 -5.42 12.99 -14.34
CA GLY B 795 -4.64 11.84 -14.85
C GLY B 795 -5.25 10.52 -14.41
N GLY B 800 -1.45 10.22 -9.56
CA GLY B 800 -0.86 9.76 -8.28
C GLY B 800 -1.83 9.91 -7.12
N SER B 801 -2.10 8.80 -6.42
CA SER B 801 -3.04 8.72 -5.26
C SER B 801 -2.23 8.69 -3.95
N LYS B 802 -2.25 9.80 -3.20
CA LYS B 802 -1.56 9.95 -1.89
C LYS B 802 -2.63 10.14 -0.80
N GLU B 803 -2.78 9.15 0.08
CA GLU B 803 -3.78 9.14 1.19
C GLU B 803 -3.09 9.58 2.48
N LYS B 804 -3.79 10.40 3.29
CA LYS B 804 -3.32 10.92 4.60
C LYS B 804 -4.42 10.71 5.65
N THR B 805 -4.10 10.01 6.74
CA THR B 805 -5.04 9.68 7.85
C THR B 805 -5.35 10.96 8.63
N SER B 806 -6.64 11.32 8.72
CA SER B 806 -7.16 12.53 9.41
C SER B 806 -7.64 12.16 10.82
N ALA B 807 -7.65 13.14 11.74
CA ALA B 807 -8.12 13.00 13.14
C ALA B 807 -9.63 12.77 13.15
N LEU B 808 -10.11 11.98 14.10
CA LEU B 808 -11.56 11.63 14.25
C LEU B 808 -12.33 12.84 14.80
N SER B 809 -13.42 13.22 14.13
CA SER B 809 -14.35 14.31 14.54
C SER B 809 -15.43 13.73 15.46
N LEU B 810 -16.17 14.61 16.15
CA LEU B 810 -17.17 14.26 17.19
C LEU B 810 -18.41 13.63 16.55
N SER B 811 -18.71 13.99 15.29
CA SER B 811 -19.92 13.57 14.54
C SER B 811 -19.97 12.04 14.37
N ASN B 812 -18.82 11.39 14.21
CA ASN B 812 -18.70 9.93 13.93
C ASN B 812 -18.68 9.14 15.25
N VAL B 813 -18.48 9.82 16.38
CA VAL B 813 -18.50 9.21 17.75
C VAL B 813 -19.79 9.65 18.49
N ALA B 814 -20.58 10.53 17.87
CA ALA B 814 -21.77 11.17 18.48
C ALA B 814 -22.75 10.11 19.01
N GLY B 815 -22.85 8.96 18.33
CA GLY B 815 -23.79 7.87 18.65
C GLY B 815 -23.75 7.44 20.10
N VAL B 816 -22.55 7.22 20.65
CA VAL B 816 -22.34 6.65 22.01
C VAL B 816 -22.64 7.72 23.08
N PHE B 817 -22.58 9.01 22.72
CA PHE B 817 -22.84 10.15 23.63
C PHE B 817 -24.34 10.25 23.96
N TYR B 818 -25.21 10.05 22.95
CA TYR B 818 -26.68 10.08 23.10
C TYR B 818 -27.14 8.92 24.00
N ILE B 819 -26.47 7.77 23.90
CA ILE B 819 -26.77 6.52 24.68
C ILE B 819 -26.43 6.77 26.16
N LEU B 820 -25.32 7.48 26.42
CA LEU B 820 -24.82 7.79 27.79
C LEU B 820 -25.83 8.66 28.53
N VAL B 821 -26.11 9.86 28.00
CA VAL B 821 -26.96 10.90 28.66
C VAL B 821 -28.40 10.40 28.72
N GLY B 822 -28.84 9.64 27.70
CA GLY B 822 -30.16 8.98 27.66
C GLY B 822 -30.32 7.96 28.78
N GLY B 823 -29.27 7.17 29.04
CA GLY B 823 -29.23 6.16 30.13
C GLY B 823 -29.19 6.81 31.50
N LEU B 824 -28.54 7.97 31.61
CA LEU B 824 -28.42 8.76 32.88
C LEU B 824 -29.80 9.28 33.30
N GLY B 825 -30.55 9.88 32.36
CA GLY B 825 -31.90 10.43 32.59
C GLY B 825 -32.90 9.36 32.98
N LEU B 826 -32.71 8.14 32.49
CA LEU B 826 -33.58 6.97 32.76
C LEU B 826 -33.35 6.47 34.20
N ALA B 827 -32.10 6.55 34.69
CA ALA B 827 -31.67 6.09 36.03
C ALA B 827 -32.32 6.96 37.12
N MET B 828 -32.48 8.27 36.86
CA MET B 828 -33.12 9.24 37.79
C MET B 828 -34.61 8.92 37.93
N LEU B 829 -35.25 8.52 36.82
CA LEU B 829 -36.71 8.25 36.74
C LEU B 829 -37.08 7.02 37.59
N VAL B 830 -36.27 5.96 37.50
CA VAL B 830 -36.51 4.65 38.18
C VAL B 830 -36.29 4.81 39.69
N ALA B 831 -35.27 5.60 40.09
CA ALA B 831 -34.88 5.84 41.49
C ALA B 831 -35.97 6.63 42.23
N LEU B 832 -36.67 7.52 41.51
CA LEU B 832 -37.71 8.43 42.07
C LEU B 832 -38.97 7.63 42.42
N ILE B 833 -39.49 6.85 41.48
CA ILE B 833 -40.74 6.04 41.62
C ILE B 833 -40.49 4.86 42.58
N GLU B 834 -39.24 4.41 42.72
CA GLU B 834 -38.84 3.35 43.68
C GLU B 834 -38.99 3.87 45.11
N PHE B 835 -38.73 5.16 45.32
CA PHE B 835 -38.86 5.88 46.62
C PHE B 835 -40.33 6.28 46.86
N CYS B 836 -41.01 6.73 45.79
CA CYS B 836 -42.39 7.27 45.81
C CYS B 836 -43.38 6.19 46.26
N TYR B 837 -43.24 4.97 45.75
CA TYR B 837 -44.11 3.80 46.03
C TYR B 837 -43.80 3.23 47.42
N LYS B 838 -42.53 3.31 47.84
CA LYS B 838 -42.04 2.80 49.15
C LYS B 838 -42.52 3.72 50.28
N SER B 839 -42.75 5.00 49.98
CA SER B 839 -43.23 6.03 50.94
C SER B 839 -44.68 5.72 51.35
N ARG B 840 -45.54 5.40 50.38
CA ARG B 840 -46.96 5.04 50.59
C ARG B 840 -47.05 3.57 51.02
N TYR C 417 52.47 32.54 -23.75
CA TYR C 417 51.11 32.11 -24.22
C TYR C 417 50.04 32.87 -23.43
N ILE C 418 48.84 33.01 -24.02
CA ILE C 418 47.67 33.71 -23.42
C ILE C 418 46.54 32.69 -23.23
N VAL C 419 45.87 32.74 -22.06
CA VAL C 419 44.76 31.83 -21.67
C VAL C 419 43.44 32.59 -21.80
N THR C 420 42.49 32.04 -22.57
CA THR C 420 41.10 32.55 -22.73
C THR C 420 40.16 31.73 -21.85
N THR C 421 39.49 32.38 -20.89
CA THR C 421 38.60 31.73 -19.89
C THR C 421 37.39 32.63 -19.62
N ILE C 422 36.33 32.06 -19.03
CA ILE C 422 35.06 32.75 -18.67
C ILE C 422 34.86 32.66 -17.16
N LEU C 423 34.20 33.68 -16.58
CA LEU C 423 33.96 33.80 -15.12
C LEU C 423 32.57 33.23 -14.79
N GLU C 424 32.54 32.14 -14.00
CA GLU C 424 31.28 31.46 -13.58
C GLU C 424 31.56 30.56 -12.36
N ASP C 425 31.25 31.06 -11.16
CA ASP C 425 31.23 30.29 -9.88
C ASP C 425 32.66 29.86 -9.52
N PRO C 426 32.91 28.60 -9.08
CA PRO C 426 34.18 28.27 -8.42
C PRO C 426 35.35 27.96 -9.37
N TYR C 427 35.09 27.95 -10.68
CA TYR C 427 36.10 27.68 -11.75
C TYR C 427 37.08 28.86 -11.83
N VAL C 428 36.55 30.06 -12.04
CA VAL C 428 37.30 31.35 -12.10
C VAL C 428 36.46 32.44 -11.42
N MET C 429 37.03 33.12 -10.42
CA MET C 429 36.45 34.32 -9.77
C MET C 429 37.60 35.22 -9.27
N LEU C 430 37.41 36.54 -9.35
CA LEU C 430 38.44 37.55 -8.98
C LEU C 430 38.73 37.46 -7.48
N LYS C 431 40.00 37.65 -7.10
CA LYS C 431 40.51 37.53 -5.71
C LYS C 431 40.00 38.70 -4.86
N LYS C 432 39.99 38.53 -3.53
CA LYS C 432 39.54 39.54 -2.55
C LYS C 432 40.53 40.72 -2.55
N ASN C 433 40.03 41.94 -2.65
CA ASN C 433 40.81 43.19 -2.82
C ASN C 433 41.58 43.11 -4.15
N ALA C 434 40.83 43.10 -5.26
CA ALA C 434 41.35 42.96 -6.65
C ALA C 434 42.01 44.27 -7.11
N ASN C 435 41.74 45.38 -6.40
CA ASN C 435 42.35 46.71 -6.65
C ASN C 435 43.87 46.64 -6.42
N GLN C 436 44.29 45.95 -5.37
CA GLN C 436 45.72 45.73 -5.00
C GLN C 436 46.15 44.33 -5.42
N PHE C 437 46.07 44.04 -6.74
CA PHE C 437 46.47 42.75 -7.35
C PHE C 437 46.87 43.01 -8.82
N GLU C 438 47.94 42.34 -9.27
CA GLU C 438 48.53 42.52 -10.63
C GLU C 438 48.88 41.16 -11.23
N GLY C 439 48.32 40.85 -12.41
CA GLY C 439 48.66 39.66 -13.22
C GLY C 439 47.76 38.47 -12.88
N ASN C 440 48.38 37.33 -12.58
CA ASN C 440 47.70 36.02 -12.32
C ASN C 440 47.25 35.95 -10.85
N ASP C 441 47.68 36.91 -10.01
CA ASP C 441 47.30 37.00 -8.58
C ASP C 441 45.97 37.74 -8.42
N ARG C 442 45.35 38.17 -9.52
CA ARG C 442 44.06 38.91 -9.55
C ARG C 442 42.88 37.92 -9.61
N TYR C 443 43.15 36.64 -9.87
CA TYR C 443 42.13 35.57 -10.03
C TYR C 443 42.43 34.40 -9.09
N GLU C 444 41.38 33.64 -8.74
CA GLU C 444 41.45 32.43 -7.88
C GLU C 444 40.28 31.49 -8.21
N GLY C 445 40.51 30.17 -8.17
CA GLY C 445 39.48 29.15 -8.42
C GLY C 445 40.05 27.79 -8.76
N TYR C 446 39.26 26.95 -9.44
CA TYR C 446 39.60 25.55 -9.81
C TYR C 446 40.47 25.54 -11.06
N CYS C 447 40.00 26.17 -12.13
CA CYS C 447 40.68 26.26 -13.46
C CYS C 447 42.00 27.04 -13.33
N VAL C 448 42.08 27.95 -12.35
CA VAL C 448 43.32 28.72 -12.00
C VAL C 448 44.42 27.72 -11.62
N GLU C 449 44.10 26.74 -10.79
CA GLU C 449 45.03 25.70 -10.27
C GLU C 449 45.36 24.70 -11.39
N LEU C 450 44.40 24.42 -12.29
CA LEU C 450 44.55 23.51 -13.45
C LEU C 450 45.54 24.12 -14.45
N ALA C 451 45.44 25.43 -14.69
CA ALA C 451 46.30 26.21 -15.61
C ALA C 451 47.74 26.21 -15.10
N ALA C 452 47.93 26.19 -13.78
CA ALA C 452 49.24 26.22 -13.09
C ALA C 452 49.95 24.86 -13.24
N GLU C 453 49.20 23.76 -13.16
CA GLU C 453 49.72 22.37 -13.15
C GLU C 453 50.23 21.99 -14.55
N ILE C 454 49.48 22.33 -15.60
CA ILE C 454 49.75 21.92 -17.01
C ILE C 454 50.91 22.74 -17.57
N ALA C 455 50.98 24.04 -17.23
CA ALA C 455 52.02 24.99 -17.70
C ALA C 455 53.40 24.55 -17.22
N LYS C 456 53.48 23.86 -16.08
CA LYS C 456 54.73 23.32 -15.48
C LYS C 456 55.14 22.04 -16.19
N HIS C 457 54.18 21.13 -16.44
CA HIS C 457 54.41 19.79 -17.04
C HIS C 457 54.83 19.92 -18.51
N VAL C 458 54.17 20.79 -19.28
CA VAL C 458 54.47 21.05 -20.72
C VAL C 458 55.71 21.94 -20.79
N GLY C 459 55.69 23.08 -20.09
CA GLY C 459 56.84 23.99 -19.93
C GLY C 459 56.71 25.26 -20.74
N TYR C 460 55.84 26.18 -20.32
CA TYR C 460 55.70 27.56 -20.87
C TYR C 460 54.98 28.45 -19.86
N SER C 461 55.44 29.71 -19.74
CA SER C 461 54.83 30.77 -18.90
C SER C 461 53.56 31.30 -19.60
N TYR C 462 52.52 31.59 -18.83
CA TYR C 462 51.16 31.96 -19.32
C TYR C 462 50.73 33.32 -18.75
N ARG C 463 49.67 33.89 -19.34
CA ARG C 463 49.02 35.15 -18.89
C ARG C 463 47.50 34.98 -18.98
N LEU C 464 46.81 35.00 -17.85
CA LEU C 464 45.33 34.78 -17.75
C LEU C 464 44.59 36.03 -18.26
N GLU C 465 43.57 35.84 -19.09
CA GLU C 465 42.72 36.92 -19.67
C GLU C 465 41.26 36.43 -19.75
N ILE C 466 40.32 37.27 -19.31
CA ILE C 466 38.86 36.99 -19.34
C ILE C 466 38.34 37.23 -20.76
N VAL C 467 37.28 36.51 -21.16
CA VAL C 467 36.67 36.56 -22.51
C VAL C 467 35.97 37.92 -22.70
N SER C 468 35.81 38.35 -23.95
CA SER C 468 35.24 39.68 -24.35
C SER C 468 33.70 39.61 -24.37
N ASP C 469 33.14 38.57 -24.99
CA ASP C 469 31.69 38.40 -25.21
C ASP C 469 31.01 38.06 -23.87
N GLY C 470 31.51 37.03 -23.17
CA GLY C 470 30.96 36.54 -21.89
C GLY C 470 30.02 35.36 -22.09
N LYS C 471 30.07 34.72 -23.27
CA LYS C 471 29.28 33.52 -23.63
C LYS C 471 30.21 32.30 -23.71
N TYR C 472 29.63 31.09 -23.74
CA TYR C 472 30.37 29.80 -23.79
C TYR C 472 30.95 29.60 -25.21
N GLY C 473 30.08 29.69 -26.22
CA GLY C 473 30.46 29.53 -27.65
C GLY C 473 29.29 29.05 -28.48
N ALA C 474 28.75 29.93 -29.34
CA ALA C 474 27.62 29.65 -30.26
C ALA C 474 27.78 30.46 -31.55
N ARG C 475 27.49 29.85 -32.69
CA ARG C 475 27.54 30.48 -34.04
C ARG C 475 26.13 30.91 -34.45
N ASP C 476 26.00 32.12 -35.00
CA ASP C 476 24.72 32.67 -35.55
C ASP C 476 24.37 31.89 -36.81
N PRO C 477 23.07 31.61 -37.07
CA PRO C 477 22.67 30.79 -38.22
C PRO C 477 22.91 31.48 -39.57
N ASP C 478 22.80 32.82 -39.62
CA ASP C 478 22.99 33.64 -40.84
C ASP C 478 24.49 33.74 -41.15
N THR C 479 25.19 34.65 -40.46
CA THR C 479 26.67 34.85 -40.56
C THR C 479 27.36 33.96 -39.53
N LYS C 480 28.38 33.21 -39.95
CA LYS C 480 29.17 32.27 -39.10
C LYS C 480 30.12 33.08 -38.21
N ALA C 481 29.56 33.95 -37.36
CA ALA C 481 30.30 34.79 -36.39
C ALA C 481 30.21 34.16 -35.00
N TRP C 482 31.25 33.42 -34.61
CA TRP C 482 31.34 32.67 -33.33
C TRP C 482 31.57 33.66 -32.19
N ASN C 483 30.67 33.67 -31.19
CA ASN C 483 30.66 34.64 -30.07
C ASN C 483 30.89 33.89 -28.75
N GLY C 484 31.92 34.27 -27.99
CA GLY C 484 32.23 33.72 -26.66
C GLY C 484 33.69 33.31 -26.55
N MET C 485 33.95 32.14 -25.94
CA MET C 485 35.31 31.60 -25.68
C MET C 485 35.90 31.02 -26.96
N VAL C 486 35.11 30.26 -27.73
CA VAL C 486 35.54 29.57 -28.98
C VAL C 486 35.74 30.60 -30.09
N GLY C 487 34.98 31.70 -30.07
CA GLY C 487 35.09 32.82 -31.02
C GLY C 487 36.44 33.50 -30.98
N GLU C 488 37.04 33.59 -29.79
CA GLU C 488 38.37 34.23 -29.55
C GLU C 488 39.48 33.29 -30.01
N LEU C 489 39.19 31.97 -30.09
CA LEU C 489 40.16 30.90 -30.47
C LEU C 489 40.22 30.75 -32.00
N VAL C 490 39.09 30.96 -32.70
CA VAL C 490 38.94 30.67 -34.15
C VAL C 490 39.96 31.49 -34.95
N TYR C 491 40.00 32.82 -34.76
CA TYR C 491 40.95 33.74 -35.45
C TYR C 491 42.30 33.73 -34.70
N GLY C 492 42.27 33.48 -33.39
CA GLY C 492 43.48 33.21 -32.57
C GLY C 492 43.99 34.46 -31.89
N ARG C 493 43.31 34.90 -30.82
CA ARG C 493 43.75 36.01 -29.92
C ARG C 493 44.53 35.41 -28.74
N ALA C 494 44.14 34.21 -28.31
CA ALA C 494 44.77 33.45 -27.20
C ALA C 494 45.27 32.09 -27.72
N ASP C 495 46.22 31.48 -27.00
CA ASP C 495 46.87 30.20 -27.39
C ASP C 495 45.93 29.03 -27.09
N VAL C 496 45.56 28.84 -25.81
CA VAL C 496 44.70 27.72 -25.32
C VAL C 496 43.60 28.31 -24.43
N ALA C 497 42.62 27.47 -24.05
CA ALA C 497 41.45 27.83 -23.22
C ALA C 497 41.19 26.74 -22.18
N VAL C 498 40.98 27.13 -20.92
CA VAL C 498 40.60 26.22 -19.80
C VAL C 498 39.33 26.76 -19.14
N ALA C 499 38.17 26.23 -19.54
CA ALA C 499 36.83 26.64 -19.06
C ALA C 499 35.89 25.45 -19.09
N PRO C 500 34.88 25.37 -18.19
CA PRO C 500 33.87 24.33 -18.25
C PRO C 500 33.02 24.46 -19.53
N LEU C 501 33.39 23.72 -20.57
CA LEU C 501 32.75 23.74 -21.92
C LEU C 501 32.51 22.30 -22.38
N THR C 502 31.24 21.97 -22.67
CA THR C 502 30.79 20.62 -23.12
C THR C 502 31.25 20.38 -24.56
N ILE C 503 31.32 19.12 -24.98
CA ILE C 503 31.77 18.70 -26.35
C ILE C 503 30.54 18.35 -27.18
N THR C 504 30.47 18.89 -28.40
CA THR C 504 29.38 18.64 -29.39
C THR C 504 29.99 18.35 -30.77
N LEU C 505 29.20 17.73 -31.64
CA LEU C 505 29.57 17.43 -33.06
C LEU C 505 29.86 18.73 -33.81
N VAL C 506 29.10 19.79 -33.49
CA VAL C 506 29.20 21.13 -34.13
C VAL C 506 30.52 21.79 -33.72
N ARG C 507 30.93 21.61 -32.46
CA ARG C 507 32.12 22.25 -31.83
C ARG C 507 33.40 21.53 -32.26
N GLU C 508 33.31 20.22 -32.53
CA GLU C 508 34.46 19.32 -32.81
C GLU C 508 35.09 19.66 -34.16
N GLU C 509 34.32 20.22 -35.10
CA GLU C 509 34.75 20.51 -36.49
C GLU C 509 35.66 21.75 -36.51
N VAL C 510 35.21 22.86 -35.90
CA VAL C 510 35.87 24.19 -35.98
C VAL C 510 37.02 24.26 -34.97
N ILE C 511 36.86 23.66 -33.78
CA ILE C 511 37.88 23.65 -32.69
C ILE C 511 38.21 22.19 -32.32
N ASP C 512 39.48 21.91 -32.07
CA ASP C 512 39.99 20.56 -31.68
C ASP C 512 39.89 20.41 -30.16
N PHE C 513 39.11 19.42 -29.70
CA PHE C 513 38.89 19.09 -28.26
C PHE C 513 39.88 18.01 -27.83
N SER C 514 40.35 18.09 -26.58
CA SER C 514 41.26 17.11 -25.93
C SER C 514 40.41 16.05 -25.19
N LYS C 515 41.07 15.13 -24.49
CA LYS C 515 40.43 14.04 -23.72
C LYS C 515 39.73 14.64 -22.51
N PRO C 516 38.54 14.13 -22.10
CA PRO C 516 37.79 14.71 -20.98
C PRO C 516 38.48 14.49 -19.63
N PHE C 517 38.36 15.47 -18.73
CA PHE C 517 39.00 15.49 -17.38
C PHE C 517 37.94 15.29 -16.29
N MET C 518 36.75 15.88 -16.46
CA MET C 518 35.60 15.79 -15.51
C MET C 518 34.34 15.40 -16.28
N SER C 519 33.62 14.37 -15.81
CA SER C 519 32.36 13.85 -16.39
C SER C 519 31.16 14.49 -15.67
N LEU C 520 30.15 14.92 -16.43
CA LEU C 520 28.92 15.59 -15.92
C LEU C 520 27.69 14.76 -16.29
N GLY C 521 26.54 15.11 -15.71
CA GLY C 521 25.24 14.47 -15.97
C GLY C 521 24.09 15.32 -15.49
N ILE C 522 22.88 15.10 -16.01
CA ILE C 522 21.64 15.81 -15.61
C ILE C 522 21.02 15.05 -14.42
N SER C 523 20.83 15.75 -13.30
CA SER C 523 20.31 15.21 -12.02
C SER C 523 19.16 16.07 -11.51
N ILE C 524 18.55 15.66 -10.39
CA ILE C 524 17.31 16.27 -9.81
C ILE C 524 17.69 17.06 -8.55
N MET C 525 17.10 18.25 -8.39
CA MET C 525 17.29 19.15 -7.22
C MET C 525 15.93 19.52 -6.64
N ILE C 526 15.64 19.07 -5.40
CA ILE C 526 14.38 19.38 -4.66
C ILE C 526 14.73 20.10 -3.36
N LYS C 527 13.71 20.70 -2.72
CA LYS C 527 13.84 21.36 -1.39
C LYS C 527 14.12 20.29 -0.33
N LYS C 528 15.19 20.47 0.45
CA LYS C 528 15.67 19.51 1.48
C LYS C 528 14.59 19.33 2.54
N PRO C 529 14.11 18.09 2.81
CA PRO C 529 13.15 17.86 3.87
C PRO C 529 13.71 18.28 5.24
N GLN C 530 13.10 19.31 5.84
CA GLN C 530 13.52 19.91 7.14
C GLN C 530 13.32 18.87 8.25
N LYS C 531 14.23 18.85 9.25
CA LYS C 531 14.21 17.92 10.40
C LYS C 531 12.88 18.09 11.16
N SER C 532 11.88 17.28 10.80
CA SER C 532 10.50 17.32 11.37
C SER C 532 10.53 16.92 12.84
N LYS C 533 10.82 17.89 13.71
CA LYS C 533 10.82 17.73 15.20
C LYS C 533 9.39 17.46 15.65
N PRO C 534 9.07 16.27 16.22
CA PRO C 534 7.71 15.95 16.63
C PRO C 534 7.20 16.89 17.72
N GLY C 535 5.90 17.23 17.67
CA GLY C 535 5.21 18.04 18.70
C GLY C 535 5.36 17.42 20.08
N VAL C 536 5.60 18.23 21.10
CA VAL C 536 5.79 17.78 22.51
C VAL C 536 4.49 17.12 23.00
N PHE C 537 3.35 17.49 22.43
CA PHE C 537 2.03 16.79 22.60
C PHE C 537 1.53 16.33 21.22
N SER C 538 2.28 15.43 20.58
CA SER C 538 1.94 14.81 19.27
C SER C 538 1.38 13.39 19.50
N PHE C 539 0.87 13.11 20.70
CA PHE C 539 0.26 11.80 21.10
C PHE C 539 -1.26 11.96 21.28
N LEU C 540 -1.77 13.20 21.20
CA LEU C 540 -3.23 13.53 21.26
C LEU C 540 -3.73 13.92 19.86
N ASP C 541 -3.06 13.44 18.81
CA ASP C 541 -3.38 13.72 17.39
C ASP C 541 -4.57 12.88 16.91
N PRO C 542 -4.66 11.57 17.25
CA PRO C 542 -5.74 10.73 16.74
C PRO C 542 -7.15 11.29 16.97
N LEU C 543 -7.43 11.79 18.17
CA LEU C 543 -8.73 12.40 18.56
C LEU C 543 -8.63 13.92 18.53
N ALA C 544 -9.64 14.59 17.98
CA ALA C 544 -9.72 16.07 17.84
C ALA C 544 -10.00 16.71 19.21
N TYR C 545 -9.83 18.02 19.31
CA TYR C 545 -9.84 18.80 20.59
C TYR C 545 -11.24 18.83 21.20
N GLU C 546 -12.29 18.90 20.37
CA GLU C 546 -13.71 19.06 20.83
C GLU C 546 -14.23 17.74 21.42
N ILE C 547 -13.61 16.60 21.08
CA ILE C 547 -13.92 15.27 21.68
C ILE C 547 -13.34 15.22 23.10
N TRP C 548 -12.05 15.56 23.25
CA TRP C 548 -11.32 15.58 24.54
C TRP C 548 -12.04 16.50 25.54
N MET C 549 -12.74 17.53 25.04
CA MET C 549 -13.51 18.51 25.86
C MET C 549 -14.77 17.84 26.43
N CYS C 550 -15.47 17.05 25.61
CA CYS C 550 -16.80 16.44 25.93
C CYS C 550 -16.65 15.18 26.78
N ILE C 551 -15.44 14.59 26.84
CA ILE C 551 -15.12 13.44 27.73
C ILE C 551 -15.06 13.94 29.18
N VAL C 552 -14.58 15.18 29.37
CA VAL C 552 -14.43 15.83 30.71
C VAL C 552 -15.82 16.19 31.25
N PHE C 553 -16.68 16.78 30.41
CA PHE C 553 -18.06 17.21 30.76
C PHE C 553 -18.89 15.98 31.16
N ALA C 554 -18.80 14.90 30.37
CA ALA C 554 -19.52 13.62 30.58
C ALA C 554 -19.10 12.99 31.92
N TYR C 555 -17.80 12.99 32.22
CA TYR C 555 -17.18 12.43 33.44
C TYR C 555 -17.79 13.07 34.70
N ILE C 556 -18.03 14.39 34.65
CA ILE C 556 -18.64 15.17 35.77
C ILE C 556 -20.11 14.77 35.91
N GLY C 557 -20.88 14.85 34.81
CA GLY C 557 -22.32 14.57 34.76
C GLY C 557 -22.66 13.15 35.18
N VAL C 558 -21.77 12.19 34.90
CA VAL C 558 -21.96 10.74 35.22
C VAL C 558 -21.85 10.54 36.74
N SER C 559 -20.84 11.13 37.38
CA SER C 559 -20.55 11.01 38.83
C SER C 559 -21.66 11.66 39.66
N VAL C 560 -22.14 12.83 39.25
CA VAL C 560 -23.18 13.65 39.96
C VAL C 560 -24.49 12.86 39.98
N VAL C 561 -24.88 12.27 38.86
CA VAL C 561 -26.12 11.45 38.71
C VAL C 561 -25.98 10.18 39.56
N LEU C 562 -24.80 9.55 39.53
CA LEU C 562 -24.47 8.32 40.32
C LEU C 562 -24.59 8.63 41.82
N PHE C 563 -24.03 9.76 42.24
CA PHE C 563 -24.04 10.28 43.64
C PHE C 563 -25.48 10.44 44.14
N LEU C 564 -26.36 10.98 43.28
CA LEU C 564 -27.77 11.31 43.61
C LEU C 564 -28.57 10.04 43.90
N VAL C 565 -28.60 9.10 42.94
CA VAL C 565 -29.50 7.91 42.94
C VAL C 565 -28.97 6.83 43.89
N SER C 566 -27.68 6.88 44.25
CA SER C 566 -27.01 5.88 45.14
C SER C 566 -27.54 6.02 46.57
N ARG C 567 -27.40 7.21 47.17
CA ARG C 567 -27.86 7.52 48.56
C ARG C 567 -29.20 8.27 48.49
N PHE C 568 -30.28 7.61 48.92
CA PHE C 568 -31.67 8.12 48.88
C PHE C 568 -32.49 7.40 49.97
N SER C 569 -33.26 8.17 50.75
CA SER C 569 -34.07 7.68 51.90
C SER C 569 -35.27 6.87 51.38
N ASN C 591 -25.11 3.39 52.32
CA ASN C 591 -24.56 3.77 50.98
C ASN C 591 -23.09 4.19 51.15
N GLU C 592 -22.18 3.52 50.42
CA GLU C 592 -20.72 3.77 50.44
C GLU C 592 -20.37 4.85 49.41
N PHE C 593 -21.19 5.00 48.37
CA PHE C 593 -20.98 5.96 47.24
C PHE C 593 -21.28 7.39 47.71
N GLY C 594 -20.34 7.97 48.46
CA GLY C 594 -20.34 9.40 48.82
C GLY C 594 -19.90 10.26 47.66
N ILE C 595 -19.90 11.59 47.82
CA ILE C 595 -19.53 12.57 46.76
C ILE C 595 -18.03 12.42 46.41
N PHE C 596 -17.21 11.96 47.36
CA PHE C 596 -15.76 11.72 47.18
C PHE C 596 -15.53 10.34 46.55
N ASN C 597 -16.30 9.33 46.97
CA ASN C 597 -16.13 7.91 46.57
C ASN C 597 -16.71 7.67 45.17
N SER C 598 -17.87 8.26 44.87
CA SER C 598 -18.57 8.16 43.56
C SER C 598 -17.73 8.83 42.46
N LEU C 599 -16.92 9.83 42.84
CA LEU C 599 -16.01 10.58 41.93
C LEU C 599 -14.78 9.72 41.62
N TRP C 600 -14.38 8.86 42.57
CA TRP C 600 -13.21 7.94 42.50
C TRP C 600 -13.57 6.70 41.66
N PHE C 601 -14.84 6.27 41.70
CA PHE C 601 -15.38 5.09 40.96
C PHE C 601 -15.39 5.37 39.46
N SER C 602 -15.77 6.60 39.06
CA SER C 602 -15.96 7.03 37.65
C SER C 602 -14.62 7.11 36.92
N LEU C 603 -13.54 7.49 37.62
CA LEU C 603 -12.17 7.58 37.05
C LEU C 603 -11.62 6.16 36.84
N GLY C 604 -11.76 5.29 37.84
CA GLY C 604 -11.26 3.91 37.83
C GLY C 604 -11.85 3.07 36.71
N ALA C 605 -13.08 3.39 36.28
CA ALA C 605 -13.81 2.69 35.21
C ALA C 605 -13.23 3.07 33.84
N PHE C 606 -12.99 4.36 33.60
CA PHE C 606 -12.45 4.91 32.33
C PHE C 606 -10.99 4.48 32.13
N MET C 607 -10.19 4.53 33.21
CA MET C 607 -8.74 4.19 33.19
C MET C 607 -8.54 2.68 33.03
N GLN C 608 -9.60 1.88 33.24
CA GLN C 608 -9.61 0.41 33.09
C GLN C 608 -8.67 -0.21 34.15
N GLN C 609 -8.95 0.06 35.42
CA GLN C 609 -8.13 -0.38 36.58
C GLN C 609 -9.03 -1.03 37.63
N GLY C 610 -10.05 -1.79 37.18
CA GLY C 610 -11.00 -2.51 38.04
C GLY C 610 -11.86 -1.57 38.88
N CYS C 611 -12.21 -1.98 40.09
CA CYS C 611 -13.05 -1.21 41.05
C CYS C 611 -12.83 -1.72 42.48
N ASP C 612 -13.06 -0.86 43.47
CA ASP C 612 -12.97 -1.18 44.92
C ASP C 612 -14.34 -1.71 45.38
N ILE C 613 -15.41 -0.93 45.14
CA ILE C 613 -16.80 -1.24 45.57
C ILE C 613 -17.73 -1.12 44.35
N SER C 614 -18.66 -2.08 44.21
CA SER C 614 -19.66 -2.15 43.11
C SER C 614 -21.00 -1.58 43.58
N PRO C 615 -21.75 -0.86 42.73
CA PRO C 615 -23.11 -0.42 43.05
C PRO C 615 -24.01 -1.59 43.46
N ARG C 616 -24.78 -1.41 44.55
CA ARG C 616 -25.60 -2.47 45.21
C ARG C 616 -27.05 -2.41 44.72
N SER C 617 -27.58 -1.21 44.48
CA SER C 617 -29.00 -0.96 44.09
C SER C 617 -29.16 -1.10 42.57
N LEU C 618 -30.41 -1.10 42.10
CA LEU C 618 -30.79 -1.22 40.66
C LEU C 618 -30.47 0.09 39.95
N SER C 619 -30.79 1.23 40.57
CA SER C 619 -30.58 2.60 40.04
C SER C 619 -29.09 2.90 39.88
N GLY C 620 -28.25 2.37 40.79
CA GLY C 620 -26.78 2.52 40.75
C GLY C 620 -26.13 1.61 39.72
N ARG C 621 -26.75 0.46 39.44
CA ARG C 621 -26.23 -0.57 38.50
C ARG C 621 -26.44 -0.11 37.05
N ILE C 622 -27.63 0.42 36.74
CA ILE C 622 -28.04 0.80 35.35
C ILE C 622 -27.15 1.95 34.84
N VAL C 623 -26.78 2.90 35.70
CA VAL C 623 -25.93 4.07 35.34
C VAL C 623 -24.47 3.62 35.24
N GLY C 624 -24.09 2.57 35.99
CA GLY C 624 -22.74 1.95 35.95
C GLY C 624 -22.50 1.17 34.67
N GLY C 625 -23.56 0.55 34.12
CA GLY C 625 -23.50 -0.31 32.92
C GLY C 625 -23.28 0.48 31.65
N VAL C 626 -23.87 1.68 31.54
CA VAL C 626 -23.79 2.56 30.34
C VAL C 626 -22.40 3.20 30.30
N TRP C 627 -21.86 3.57 31.46
CA TRP C 627 -20.51 4.17 31.63
C TRP C 627 -19.44 3.14 31.26
N TRP C 628 -19.71 1.85 31.47
CA TRP C 628 -18.82 0.73 31.06
C TRP C 628 -18.85 0.56 29.54
N PHE C 629 -20.02 0.73 28.92
CA PHE C 629 -20.23 0.60 27.44
C PHE C 629 -19.59 1.79 26.72
N PHE C 630 -19.64 2.99 27.33
CA PHE C 630 -19.03 4.24 26.81
C PHE C 630 -17.50 4.06 26.73
N THR C 631 -16.90 3.59 27.82
CA THR C 631 -15.43 3.45 28.02
C THR C 631 -14.81 2.53 26.96
N LEU C 632 -15.47 1.39 26.69
CA LEU C 632 -14.91 0.28 25.86
C LEU C 632 -14.76 0.73 24.40
N ILE C 633 -15.64 1.62 23.92
CA ILE C 633 -15.68 2.09 22.50
C ILE C 633 -14.65 3.21 22.29
N ILE C 634 -14.56 4.15 23.23
CA ILE C 634 -13.69 5.36 23.15
C ILE C 634 -12.21 4.92 23.13
N ILE C 635 -11.85 3.96 23.98
CA ILE C 635 -10.45 3.44 24.12
C ILE C 635 -10.06 2.66 22.86
N SER C 636 -10.93 1.77 22.37
CA SER C 636 -10.69 0.87 21.22
C SER C 636 -10.62 1.67 19.91
N SER C 637 -11.33 2.80 19.84
CA SER C 637 -11.35 3.72 18.66
C SER C 637 -10.03 4.52 18.60
N TYR C 638 -9.47 4.87 19.76
CA TYR C 638 -8.20 5.64 19.90
C TYR C 638 -7.01 4.79 19.43
N THR C 639 -6.96 3.52 19.86
CA THR C 639 -5.87 2.55 19.56
C THR C 639 -5.86 2.22 18.06
N ALA C 640 -7.04 2.02 17.46
CA ALA C 640 -7.23 1.63 16.05
C ALA C 640 -6.85 2.79 15.12
N ASN C 641 -7.12 4.04 15.52
CA ASN C 641 -6.85 5.26 14.72
C ASN C 641 -5.35 5.55 14.74
N LEU C 642 -4.69 5.38 15.90
CA LEU C 642 -3.22 5.57 16.08
C LEU C 642 -2.47 4.48 15.32
N ALA C 643 -3.04 3.28 15.23
CA ALA C 643 -2.49 2.13 14.45
C ALA C 643 -2.48 2.49 12.96
N ALA C 644 -3.52 3.16 12.46
CA ALA C 644 -3.68 3.59 11.05
C ALA C 644 -2.75 4.77 10.76
N PHE C 645 -2.46 5.61 11.76
CA PHE C 645 -1.66 6.85 11.65
C PHE C 645 -0.19 6.50 11.41
N LEU C 646 0.31 5.47 12.09
CA LEU C 646 1.73 5.03 12.05
C LEU C 646 1.97 4.10 10.84
N THR C 647 0.96 3.30 10.45
CA THR C 647 1.02 2.34 9.32
C THR C 647 1.21 3.10 8.00
N VAL C 648 0.47 4.20 7.81
CA VAL C 648 0.49 5.06 6.58
C VAL C 648 1.82 5.82 6.52
N GLU C 649 2.30 6.34 7.66
CA GLU C 649 3.44 7.28 7.76
C GLU C 649 4.77 6.60 7.38
N ARG C 650 4.87 5.28 7.55
CA ARG C 650 6.13 4.50 7.35
C ARG C 650 6.20 3.92 5.92
N MET C 651 5.06 3.82 5.23
CA MET C 651 4.99 3.28 3.83
C MET C 651 4.84 4.44 2.85
N VAL C 652 5.73 5.44 2.95
CA VAL C 652 5.84 6.60 2.01
C VAL C 652 7.28 6.65 1.50
N SER C 653 7.46 6.86 0.19
CA SER C 653 8.77 6.88 -0.51
C SER C 653 9.01 8.26 -1.11
N PRO C 654 10.20 8.88 -0.90
CA PRO C 654 10.53 10.16 -1.52
C PRO C 654 10.83 10.01 -3.02
N ILE C 655 10.83 11.13 -3.76
CA ILE C 655 11.13 11.17 -5.22
C ILE C 655 12.61 10.83 -5.42
N GLU C 656 12.91 9.55 -5.70
CA GLU C 656 14.29 9.01 -5.76
C GLU C 656 14.81 9.08 -7.21
N SER C 657 14.24 8.26 -8.10
CA SER C 657 14.67 8.10 -9.51
C SER C 657 13.77 8.95 -10.43
N ALA C 658 14.14 9.03 -11.72
CA ALA C 658 13.41 9.78 -12.77
C ALA C 658 12.09 9.08 -13.11
N GLU C 659 11.97 7.79 -12.79
CA GLU C 659 10.74 6.98 -12.95
C GLU C 659 9.65 7.48 -11.98
N ASP C 660 10.06 7.93 -10.78
CA ASP C 660 9.16 8.48 -9.74
C ASP C 660 8.60 9.83 -10.20
N LEU C 661 9.42 10.63 -10.90
CA LEU C 661 9.03 11.94 -11.49
C LEU C 661 7.99 11.72 -12.59
N ALA C 662 8.17 10.68 -13.41
CA ALA C 662 7.33 10.34 -14.58
C ALA C 662 5.88 10.06 -14.14
N LYS C 663 5.70 9.46 -12.96
CA LYS C 663 4.37 9.11 -12.40
C LYS C 663 4.10 9.97 -11.16
N GLN C 664 4.06 11.29 -11.35
CA GLN C 664 3.68 12.29 -10.31
C GLN C 664 3.19 13.58 -10.99
N THR C 665 2.10 14.15 -10.47
CA THR C 665 1.43 15.37 -11.00
C THR C 665 1.45 16.49 -9.95
N GLU C 666 1.41 16.14 -8.65
CA GLU C 666 1.39 17.10 -7.51
C GLU C 666 2.68 17.90 -7.48
N ILE C 667 3.84 17.23 -7.59
CA ILE C 667 5.19 17.86 -7.61
C ILE C 667 5.59 18.12 -9.07
N ALA C 668 5.63 19.39 -9.47
CA ALA C 668 5.97 19.85 -10.84
C ALA C 668 7.49 19.84 -11.02
N TYR C 669 7.94 19.75 -12.28
CA TYR C 669 9.39 19.77 -12.65
C TYR C 669 9.54 20.47 -14.01
N GLY C 670 10.46 21.45 -14.08
CA GLY C 670 10.78 22.24 -15.28
C GLY C 670 12.27 22.51 -15.39
N THR C 671 12.74 22.84 -16.60
CA THR C 671 14.16 23.09 -16.95
C THR C 671 14.34 24.58 -17.29
N LEU C 672 15.49 24.95 -17.87
CA LEU C 672 15.79 26.31 -18.38
C LEU C 672 14.93 26.58 -19.64
N GLU C 673 14.75 27.86 -19.98
CA GLU C 673 13.93 28.31 -21.14
C GLU C 673 14.55 27.81 -22.44
N ALA C 674 15.87 27.95 -22.58
CA ALA C 674 16.65 27.50 -23.77
C ALA C 674 18.05 27.05 -23.33
N GLY C 675 18.57 25.98 -23.95
CA GLY C 675 19.91 25.43 -23.68
C GLY C 675 20.10 24.07 -24.34
N SER C 676 20.99 23.24 -23.79
CA SER C 676 21.30 21.86 -24.25
C SER C 676 20.38 20.85 -23.57
N THR C 677 19.72 21.25 -22.48
CA THR C 677 18.84 20.39 -21.65
C THR C 677 17.50 20.18 -22.35
N LYS C 678 16.85 21.28 -22.76
CA LYS C 678 15.51 21.28 -23.41
C LYS C 678 15.62 20.73 -24.84
N GLU C 679 16.75 21.00 -25.52
CA GLU C 679 17.03 20.56 -26.91
C GLU C 679 17.16 19.03 -26.94
N PHE C 680 17.72 18.44 -25.88
CA PHE C 680 17.88 16.96 -25.70
C PHE C 680 16.50 16.32 -25.50
N PHE C 681 15.60 17.01 -24.77
CA PHE C 681 14.25 16.52 -24.39
C PHE C 681 13.34 16.42 -25.63
N ARG C 682 13.56 17.26 -26.64
CA ARG C 682 12.71 17.35 -27.86
C ARG C 682 12.90 16.10 -28.73
N ARG C 683 14.15 15.74 -29.02
CA ARG C 683 14.53 14.56 -29.84
C ARG C 683 14.98 13.42 -28.91
N SER C 684 14.24 13.21 -27.81
CA SER C 684 14.47 12.14 -26.79
C SER C 684 13.70 10.88 -27.20
N LYS C 685 14.40 9.89 -27.77
CA LYS C 685 13.85 8.55 -28.12
C LYS C 685 14.21 7.57 -26.99
N ILE C 686 13.48 7.67 -25.86
CA ILE C 686 13.74 6.91 -24.61
C ILE C 686 12.46 6.18 -24.18
N ALA C 687 12.47 5.58 -22.98
CA ALA C 687 11.38 4.75 -22.43
C ALA C 687 10.19 5.63 -22.03
N VAL C 688 10.34 6.44 -20.97
CA VAL C 688 9.26 7.26 -20.35
C VAL C 688 9.71 8.73 -20.21
N PHE C 689 10.78 9.14 -20.90
CA PHE C 689 11.26 10.54 -20.94
C PHE C 689 10.60 11.29 -22.10
N GLU C 690 10.02 10.54 -23.05
CA GLU C 690 9.16 11.08 -24.15
C GLU C 690 7.82 11.54 -23.55
N LYS C 691 7.30 10.80 -22.56
CA LYS C 691 6.06 11.12 -21.83
C LYS C 691 6.32 12.26 -20.84
N MET C 692 7.57 12.37 -20.35
CA MET C 692 8.02 13.43 -19.40
C MET C 692 7.92 14.81 -20.08
N TRP C 693 8.41 14.91 -21.31
CA TRP C 693 8.39 16.17 -22.11
C TRP C 693 6.97 16.47 -22.60
N THR C 694 6.16 15.43 -22.82
CA THR C 694 4.73 15.53 -23.24
C THR C 694 3.94 16.32 -22.19
N TYR C 695 4.26 16.13 -20.91
CA TYR C 695 3.65 16.85 -19.76
C TYR C 695 4.24 18.26 -19.64
N MET C 696 5.56 18.39 -19.87
CA MET C 696 6.33 19.66 -19.73
C MET C 696 5.79 20.73 -20.68
N LYS C 697 5.39 20.34 -21.90
CA LYS C 697 4.95 21.26 -22.98
C LYS C 697 3.66 21.98 -22.57
N SER C 698 2.69 21.25 -22.02
CA SER C 698 1.35 21.75 -21.60
C SER C 698 1.26 21.82 -20.08
N ALA C 699 1.45 23.01 -19.50
CA ALA C 699 1.35 23.31 -18.05
C ALA C 699 0.49 24.56 -17.84
N GLU C 700 -0.06 24.74 -16.65
CA GLU C 700 -0.96 25.88 -16.29
C GLU C 700 -0.12 27.16 -16.21
N PRO C 701 0.85 27.27 -15.26
CA PRO C 701 1.86 28.32 -15.33
C PRO C 701 3.07 27.89 -16.19
N SER C 702 3.95 28.84 -16.50
CA SER C 702 5.20 28.63 -17.28
C SER C 702 6.22 27.87 -16.41
N VAL C 703 6.37 26.56 -16.65
CA VAL C 703 7.28 25.67 -15.88
C VAL C 703 8.75 25.99 -16.24
N PHE C 704 9.00 26.41 -17.48
CA PHE C 704 10.35 26.78 -17.98
C PHE C 704 10.75 28.15 -17.42
N VAL C 705 11.85 28.21 -16.68
CA VAL C 705 12.37 29.44 -16.01
C VAL C 705 13.54 29.98 -16.85
N ARG C 706 13.60 31.32 -16.99
CA ARG C 706 14.62 32.02 -17.83
C ARG C 706 15.99 31.94 -17.14
N THR C 707 16.07 32.39 -15.88
CA THR C 707 17.31 32.44 -15.06
C THR C 707 17.45 31.15 -14.25
N THR C 708 18.69 30.63 -14.12
CA THR C 708 19.03 29.38 -13.39
C THR C 708 19.06 29.66 -11.88
N GLU C 709 19.64 30.80 -11.48
CA GLU C 709 19.79 31.21 -10.06
C GLU C 709 18.41 31.58 -9.49
N GLU C 710 17.59 32.30 -10.28
CA GLU C 710 16.19 32.68 -9.93
C GLU C 710 15.31 31.43 -9.95
N GLY C 711 15.66 30.43 -10.77
CA GLY C 711 14.98 29.12 -10.83
C GLY C 711 15.17 28.33 -9.55
N MET C 712 16.32 28.49 -8.88
CA MET C 712 16.65 27.85 -7.58
C MET C 712 15.79 28.47 -6.46
N ILE C 713 15.41 29.75 -6.62
CA ILE C 713 14.58 30.51 -5.64
C ILE C 713 13.14 30.01 -5.71
N ARG C 714 12.67 29.62 -6.91
CA ARG C 714 11.30 29.12 -7.16
C ARG C 714 11.07 27.80 -6.43
N VAL C 715 12.14 26.99 -6.28
CA VAL C 715 12.11 25.69 -5.55
C VAL C 715 11.98 25.97 -4.05
N ARG C 716 12.69 26.99 -3.56
CA ARG C 716 12.67 27.45 -2.14
C ARG C 716 11.27 27.99 -1.80
N LYS C 717 10.68 28.80 -2.69
CA LYS C 717 9.39 29.50 -2.48
C LYS C 717 8.24 28.49 -2.39
N SER C 718 8.26 27.46 -3.25
CA SER C 718 7.24 26.38 -3.32
C SER C 718 7.30 25.51 -2.05
N LYS C 719 8.50 25.14 -1.63
CA LYS C 719 8.78 24.29 -0.43
C LYS C 719 8.15 22.91 -0.64
N GLY C 720 8.81 22.07 -1.45
CA GLY C 720 8.39 20.68 -1.74
C GLY C 720 7.16 20.62 -2.64
N LYS C 721 7.14 21.45 -3.69
CA LYS C 721 6.03 21.52 -4.69
C LYS C 721 6.61 21.59 -6.12
N TYR C 722 7.82 22.10 -6.28
CA TYR C 722 8.52 22.27 -7.59
C TYR C 722 9.93 21.65 -7.50
N ALA C 723 10.37 21.02 -8.58
CA ALA C 723 11.73 20.46 -8.77
C ALA C 723 12.38 21.13 -9.97
N TYR C 724 13.71 21.29 -9.95
CA TYR C 724 14.51 21.95 -11.02
C TYR C 724 15.62 21.01 -11.49
N LEU C 725 15.63 20.70 -12.79
CA LEU C 725 16.64 19.82 -13.44
C LEU C 725 17.79 20.69 -13.98
N LEU C 726 19.02 20.28 -13.72
CA LEU C 726 20.26 20.99 -14.15
C LEU C 726 21.43 20.00 -14.17
N GLU C 727 22.65 20.50 -14.44
CA GLU C 727 23.91 19.71 -14.44
C GLU C 727 24.24 19.29 -13.00
N SER C 728 24.87 18.11 -12.84
CA SER C 728 25.21 17.49 -11.54
C SER C 728 26.30 18.29 -10.81
N THR C 729 27.29 18.79 -11.56
CA THR C 729 28.46 19.56 -11.05
C THR C 729 27.97 20.84 -10.37
N MET C 730 27.06 21.57 -11.03
CA MET C 730 26.48 22.85 -10.54
C MET C 730 25.54 22.56 -9.36
N ASN C 731 24.83 21.43 -9.39
CA ASN C 731 23.83 21.02 -8.36
C ASN C 731 24.53 20.75 -7.03
N GLU C 732 25.68 20.07 -7.06
CA GLU C 732 26.45 19.66 -5.85
C GLU C 732 27.05 20.88 -5.16
N TYR C 733 27.47 21.89 -5.92
CA TYR C 733 28.11 23.14 -5.41
C TYR C 733 27.06 24.04 -4.76
N ILE C 734 25.82 24.01 -5.26
CA ILE C 734 24.69 24.86 -4.79
C ILE C 734 24.22 24.38 -3.41
N GLU C 735 24.37 23.08 -3.12
CA GLU C 735 24.05 22.47 -1.80
C GLU C 735 25.04 22.96 -0.74
N GLN C 736 26.32 23.07 -1.11
CA GLN C 736 27.44 23.39 -0.19
C GLN C 736 27.42 24.89 0.16
N ARG C 737 27.65 25.77 -0.83
CA ARG C 737 27.69 27.24 -0.65
C ARG C 737 26.26 27.77 -0.48
N LYS C 738 26.11 28.90 0.23
CA LYS C 738 24.81 29.58 0.50
C LYS C 738 24.00 28.79 1.52
N PRO C 739 22.93 29.38 2.11
CA PRO C 739 22.08 28.68 3.06
C PRO C 739 21.58 27.31 2.57
N CYS C 740 21.57 26.32 3.46
CA CYS C 740 21.26 24.89 3.16
C CYS C 740 19.75 24.65 3.22
N ASP C 741 19.10 24.54 2.05
CA ASP C 741 17.67 24.17 1.90
C ASP C 741 17.47 23.38 0.59
N THR C 742 18.53 22.73 0.10
CA THR C 742 18.55 21.96 -1.18
C THR C 742 19.46 20.74 -1.03
N MET C 743 19.27 19.74 -1.91
CA MET C 743 20.12 18.52 -1.98
C MET C 743 19.95 17.86 -3.35
N LYS C 744 20.96 17.09 -3.77
CA LYS C 744 20.93 16.23 -4.98
C LYS C 744 20.27 14.90 -4.60
N VAL C 745 19.44 14.34 -5.49
CA VAL C 745 18.73 13.04 -5.27
C VAL C 745 18.73 12.26 -6.59
N GLY C 746 18.94 10.94 -6.51
CA GLY C 746 18.93 10.01 -7.66
C GLY C 746 20.25 9.97 -8.39
N GLY C 747 20.34 9.16 -9.45
CA GLY C 747 21.53 9.00 -10.30
C GLY C 747 21.52 9.95 -11.48
N ASN C 748 22.62 10.01 -12.23
CA ASN C 748 22.78 10.86 -13.45
C ASN C 748 21.97 10.24 -14.59
N LEU C 749 21.37 11.08 -15.44
CA LEU C 749 20.48 10.67 -16.57
C LEU C 749 21.27 10.75 -17.88
N ASP C 750 21.76 11.95 -18.23
CA ASP C 750 22.46 12.24 -19.51
C ASP C 750 23.97 12.03 -19.32
N SER C 751 24.68 11.80 -20.42
CA SER C 751 26.16 11.62 -20.48
C SER C 751 26.80 12.77 -21.27
N LYS C 752 27.57 13.61 -20.59
CA LYS C 752 28.30 14.78 -21.20
C LYS C 752 29.59 15.02 -20.41
N GLY C 753 30.64 15.49 -21.08
CA GLY C 753 31.97 15.73 -20.49
C GLY C 753 32.53 17.09 -20.88
N TYR C 754 33.20 17.76 -19.94
CA TYR C 754 33.95 19.02 -20.18
C TYR C 754 35.31 18.66 -20.81
N GLY C 755 35.97 19.64 -21.43
CA GLY C 755 37.27 19.45 -22.12
C GLY C 755 38.09 20.72 -22.18
N ILE C 756 39.30 20.62 -22.74
CA ILE C 756 40.25 21.75 -22.96
C ILE C 756 40.49 21.85 -24.47
N ALA C 757 40.15 23.00 -25.06
CA ALA C 757 40.05 23.22 -26.53
C ALA C 757 41.15 24.17 -27.01
N THR C 758 41.76 23.84 -28.15
CA THR C 758 42.70 24.70 -28.92
C THR C 758 42.48 24.41 -30.40
N PRO C 759 42.40 25.45 -31.27
CA PRO C 759 41.99 25.26 -32.67
C PRO C 759 42.85 24.25 -33.44
N LYS C 760 42.23 23.54 -34.39
CA LYS C 760 42.84 22.43 -35.17
C LYS C 760 44.06 22.94 -35.94
N GLY C 761 45.10 22.11 -36.04
CA GLY C 761 46.40 22.46 -36.65
C GLY C 761 47.35 23.08 -35.62
N SER C 762 47.16 22.76 -34.34
CA SER C 762 47.99 23.22 -33.20
C SER C 762 48.98 22.11 -32.81
N ALA C 763 50.23 22.50 -32.51
CA ALA C 763 51.31 21.60 -32.03
C ALA C 763 51.27 21.49 -30.50
N LEU C 764 50.32 22.18 -29.86
CA LEU C 764 50.14 22.19 -28.38
C LEU C 764 49.24 21.03 -27.94
N ARG C 765 48.60 20.34 -28.90
CA ARG C 765 47.69 19.19 -28.64
C ARG C 765 48.48 18.04 -28.00
N GLY C 766 49.67 17.74 -28.53
CA GLY C 766 50.52 16.61 -28.11
C GLY C 766 50.79 16.59 -26.61
N PRO C 767 51.60 17.54 -26.08
CA PRO C 767 52.03 17.50 -24.68
C PRO C 767 50.90 17.75 -23.66
N VAL C 768 49.86 18.50 -24.03
CA VAL C 768 48.72 18.90 -23.15
C VAL C 768 47.80 17.69 -22.94
N ASN C 769 47.43 17.00 -24.02
CA ASN C 769 46.48 15.84 -24.00
C ASN C 769 47.02 14.73 -23.09
N LEU C 770 48.33 14.47 -23.16
CA LEU C 770 49.02 13.43 -22.34
C LEU C 770 49.16 13.90 -20.89
N ALA C 771 49.37 15.21 -20.68
CA ALA C 771 49.49 15.85 -19.34
C ALA C 771 48.16 15.72 -18.59
N VAL C 772 47.03 15.88 -19.29
CA VAL C 772 45.65 15.72 -18.76
C VAL C 772 45.49 14.29 -18.23
N LEU C 773 45.98 13.29 -18.97
CA LEU C 773 45.94 11.86 -18.59
C LEU C 773 46.91 11.59 -17.44
N LYS C 774 48.01 12.35 -17.36
CA LYS C 774 49.04 12.25 -16.28
C LYS C 774 48.45 12.74 -14.96
N LEU C 775 47.60 13.78 -15.01
CA LEU C 775 46.94 14.40 -13.82
C LEU C 775 45.87 13.45 -13.26
N SER C 776 45.06 12.85 -14.14
CA SER C 776 43.86 12.04 -13.80
C SER C 776 44.28 10.70 -13.17
N GLU C 777 45.26 10.01 -13.77
CA GLU C 777 45.66 8.63 -13.40
C GLU C 777 46.37 8.64 -12.03
N GLN C 778 47.25 9.63 -11.80
CA GLN C 778 48.00 9.81 -10.52
C GLN C 778 47.03 10.27 -9.43
N GLY C 779 46.07 11.13 -9.78
CA GLY C 779 45.02 11.63 -8.87
C GLY C 779 45.30 13.05 -8.39
N VAL C 780 45.46 13.97 -9.34
CA VAL C 780 45.69 15.43 -9.08
C VAL C 780 44.33 16.15 -9.13
N LEU C 781 43.52 15.85 -10.14
CA LEU C 781 42.16 16.42 -10.36
C LEU C 781 41.23 16.06 -9.19
N ASP C 782 41.32 14.81 -8.71
CA ASP C 782 40.41 14.24 -7.68
C ASP C 782 40.65 14.93 -6.33
N LYS C 783 41.91 15.21 -6.01
CA LYS C 783 42.33 15.93 -4.77
C LYS C 783 41.90 17.40 -4.88
N LEU C 784 42.02 17.99 -6.07
CA LEU C 784 41.73 19.43 -6.34
C LEU C 784 40.22 19.67 -6.31
N LYS C 785 39.44 18.73 -6.86
CA LYS C 785 37.96 18.77 -6.91
C LYS C 785 37.38 18.64 -5.49
N SER C 786 38.07 17.91 -4.60
CA SER C 786 37.70 17.69 -3.19
C SER C 786 37.86 18.99 -2.39
N LYS C 787 38.80 19.85 -2.78
CA LYS C 787 39.19 21.08 -2.04
C LYS C 787 38.12 22.16 -2.22
N TRP C 788 37.86 22.56 -3.48
CA TRP C 788 37.04 23.75 -3.83
C TRP C 788 35.55 23.50 -3.59
N TRP C 789 35.11 22.23 -3.57
CA TRP C 789 33.69 21.84 -3.39
C TRP C 789 33.38 21.63 -1.91
N TYR C 790 34.16 20.80 -1.22
CA TYR C 790 33.86 20.28 0.16
C TYR C 790 34.71 21.01 1.20
N ASP C 791 36.04 21.03 1.02
CA ASP C 791 37.02 21.66 1.97
C ASP C 791 36.71 23.15 2.09
N LYS C 792 36.42 23.82 0.96
CA LYS C 792 35.95 25.23 0.90
C LYS C 792 34.42 25.21 0.76
N GLY C 793 33.74 24.72 1.80
CA GLY C 793 32.27 24.59 1.87
C GLY C 793 31.71 25.16 3.16
N GLU C 794 30.40 25.45 3.18
CA GLU C 794 29.70 26.08 4.33
C GLU C 794 28.42 25.27 4.65
N CYS C 795 28.48 23.95 4.49
CA CYS C 795 27.36 23.01 4.79
C CYS C 795 27.92 21.60 5.01
N GLY C 796 27.47 20.93 6.09
CA GLY C 796 27.88 19.56 6.46
C GLY C 796 29.31 19.53 6.99
N THR C 806 17.66 3.01 12.54
CA THR C 806 16.69 2.73 13.65
C THR C 806 15.36 3.44 13.36
N SER C 807 14.25 2.70 13.34
CA SER C 807 12.88 3.21 13.07
C SER C 807 11.89 2.65 14.09
N ALA C 808 12.19 2.83 15.39
CA ALA C 808 11.31 2.50 16.52
C ALA C 808 10.60 3.78 16.97
N LEU C 809 9.73 3.68 17.99
CA LEU C 809 9.00 4.83 18.58
C LEU C 809 9.98 5.66 19.41
N SER C 810 10.10 6.96 19.09
CA SER C 810 11.05 7.91 19.72
C SER C 810 10.53 8.35 21.10
N LEU C 811 11.42 8.91 21.92
CA LEU C 811 11.11 9.44 23.27
C LEU C 811 10.26 10.72 23.14
N SER C 812 10.51 11.51 22.11
CA SER C 812 9.87 12.84 21.86
C SER C 812 8.37 12.70 21.62
N ASN C 813 7.93 11.58 21.04
CA ASN C 813 6.52 11.30 20.70
C ASN C 813 5.70 11.07 21.99
N VAL C 814 6.35 10.53 23.03
CA VAL C 814 5.71 10.17 24.34
C VAL C 814 6.11 11.20 25.41
N ALA C 815 7.12 12.03 25.14
CA ALA C 815 7.73 13.01 26.08
C ALA C 815 6.66 13.80 26.83
N GLY C 816 5.58 14.18 26.14
CA GLY C 816 4.47 15.01 26.67
C GLY C 816 3.81 14.42 27.90
N VAL C 817 3.65 13.09 27.94
CA VAL C 817 2.86 12.36 28.98
C VAL C 817 3.67 12.26 30.28
N PHE C 818 4.99 12.49 30.22
CA PHE C 818 5.91 12.52 31.39
C PHE C 818 5.72 13.84 32.15
N TYR C 819 5.44 14.95 31.44
CA TYR C 819 5.19 16.29 32.03
C TYR C 819 3.89 16.26 32.84
N ILE C 820 2.92 15.43 32.42
CA ILE C 820 1.61 15.23 33.12
C ILE C 820 1.86 14.45 34.42
N LEU C 821 2.81 13.52 34.40
CA LEU C 821 3.16 12.62 35.54
C LEU C 821 3.82 13.43 36.67
N ILE C 822 4.77 14.30 36.32
CA ILE C 822 5.56 15.12 37.29
C ILE C 822 4.66 16.20 37.91
N GLY C 823 3.89 16.90 37.07
CA GLY C 823 2.99 17.99 37.49
C GLY C 823 1.95 17.52 38.50
N GLY C 824 1.47 16.28 38.35
CA GLY C 824 0.50 15.65 39.27
C GLY C 824 1.10 15.42 40.65
N LEU C 825 2.36 14.96 40.70
CA LEU C 825 3.11 14.70 41.96
C LEU C 825 3.47 16.03 42.65
N GLY C 826 3.62 17.11 41.86
CA GLY C 826 3.86 18.47 42.37
C GLY C 826 2.70 18.98 43.21
N LEU C 827 1.47 18.77 42.74
CA LEU C 827 0.21 19.12 43.45
C LEU C 827 0.02 18.20 44.65
N ALA C 828 0.39 16.92 44.51
CA ALA C 828 0.24 15.86 45.54
C ALA C 828 1.00 16.26 46.82
N MET C 829 2.20 16.83 46.67
CA MET C 829 3.06 17.30 47.79
C MET C 829 2.42 18.51 48.47
N LEU C 830 1.78 19.39 47.69
CA LEU C 830 1.16 20.66 48.18
C LEU C 830 -0.09 20.34 49.01
N VAL C 831 -0.86 19.33 48.62
CA VAL C 831 -2.11 18.89 49.33
C VAL C 831 -1.73 18.33 50.71
N ALA C 832 -0.60 17.61 50.79
CA ALA C 832 -0.03 17.05 52.04
C ALA C 832 0.49 18.19 52.93
N LEU C 833 0.94 19.29 52.32
CA LEU C 833 1.53 20.47 53.00
C LEU C 833 0.41 21.27 53.69
N ILE C 834 -0.75 21.40 53.05
CA ILE C 834 -1.91 22.24 53.50
C ILE C 834 -2.58 21.56 54.70
N GLU C 835 -2.95 20.28 54.57
CA GLU C 835 -3.82 19.55 55.55
C GLU C 835 -3.00 19.10 56.77
N PHE C 836 -1.68 19.29 56.77
CA PHE C 836 -0.79 19.02 57.94
C PHE C 836 -0.81 20.24 58.88
N CYS C 837 -0.82 21.45 58.32
CA CYS C 837 -0.86 22.75 59.05
C CYS C 837 -2.23 22.94 59.71
N TYR C 838 -3.29 22.40 59.10
CA TYR C 838 -4.70 22.52 59.57
C TYR C 838 -4.88 21.74 60.88
N LYS C 839 -4.60 20.44 60.86
CA LYS C 839 -4.73 19.53 62.02
C LYS C 839 -3.53 19.73 62.96
N VAL D 417 39.41 -5.69 -41.29
CA VAL D 417 39.53 -6.64 -40.15
C VAL D 417 39.14 -5.91 -38.86
N VAL D 418 38.14 -6.44 -38.13
CA VAL D 418 37.61 -5.89 -36.85
C VAL D 418 37.98 -6.84 -35.72
N THR D 419 38.96 -6.47 -34.89
CA THR D 419 39.44 -7.27 -33.73
C THR D 419 38.61 -6.91 -32.50
N THR D 420 38.04 -7.92 -31.84
CA THR D 420 37.24 -7.81 -30.59
C THR D 420 37.78 -8.82 -29.57
N ILE D 421 37.17 -8.90 -28.39
CA ILE D 421 37.58 -9.82 -27.30
C ILE D 421 36.32 -10.40 -26.62
N LEU D 422 36.39 -11.67 -26.22
CA LEU D 422 35.27 -12.43 -25.61
C LEU D 422 35.02 -11.92 -24.18
N GLU D 423 33.84 -11.35 -23.93
CA GLU D 423 33.39 -10.85 -22.61
C GLU D 423 32.06 -11.54 -22.24
N SER D 424 31.50 -11.18 -21.08
CA SER D 424 30.21 -11.72 -20.57
C SER D 424 29.04 -11.02 -21.26
N PRO D 425 28.90 -9.68 -21.16
CA PRO D 425 27.77 -8.96 -21.75
C PRO D 425 28.00 -8.34 -23.15
N TYR D 426 29.26 -8.26 -23.60
CA TYR D 426 29.66 -7.49 -24.81
C TYR D 426 29.65 -8.40 -26.05
N VAL D 427 30.46 -9.46 -26.05
CA VAL D 427 30.59 -10.44 -27.18
C VAL D 427 30.21 -11.83 -26.67
N MET D 428 29.05 -12.34 -27.09
CA MET D 428 28.50 -13.66 -26.70
C MET D 428 28.28 -14.52 -27.95
N MET D 429 28.76 -15.77 -27.93
CA MET D 429 28.56 -16.77 -29.00
C MET D 429 27.14 -17.34 -28.89
N LYS D 430 26.32 -17.20 -29.94
CA LYS D 430 24.89 -17.59 -29.97
C LYS D 430 24.77 -19.12 -30.03
N LYS D 431 23.62 -19.65 -29.61
CA LYS D 431 23.30 -21.11 -29.62
C LYS D 431 23.14 -21.57 -31.08
N ASN D 432 23.62 -22.77 -31.38
CA ASN D 432 23.67 -23.34 -32.76
C ASN D 432 24.62 -22.49 -33.61
N HIS D 433 25.88 -22.38 -33.18
CA HIS D 433 26.94 -21.58 -33.84
C HIS D 433 27.53 -22.33 -35.04
N GLU D 434 27.40 -23.66 -35.05
CA GLU D 434 27.87 -24.54 -36.15
C GLU D 434 26.91 -24.43 -37.35
N MET D 435 25.62 -24.23 -37.06
CA MET D 435 24.54 -24.14 -38.09
C MET D 435 24.67 -22.82 -38.88
N LEU D 436 24.92 -21.71 -38.17
CA LEU D 436 25.05 -20.34 -38.75
C LEU D 436 26.51 -19.89 -38.70
N GLU D 437 27.21 -19.94 -39.84
CA GLU D 437 28.63 -19.54 -39.99
C GLU D 437 28.71 -18.13 -40.57
N GLY D 438 29.50 -17.25 -39.94
CA GLY D 438 29.71 -15.85 -40.37
C GLY D 438 29.58 -14.89 -39.20
N ASN D 439 28.72 -13.88 -39.35
CA ASN D 439 28.47 -12.81 -38.33
C ASN D 439 27.24 -13.17 -37.47
N GLU D 440 26.57 -14.29 -37.79
CA GLU D 440 25.37 -14.79 -37.06
C GLU D 440 25.82 -15.67 -35.87
N ARG D 441 27.11 -15.99 -35.80
CA ARG D 441 27.70 -16.86 -34.74
C ARG D 441 27.70 -16.12 -33.40
N TYR D 442 27.83 -14.79 -33.40
CA TYR D 442 27.93 -13.93 -32.21
C TYR D 442 26.75 -12.95 -32.17
N GLU D 443 26.41 -12.49 -30.95
CA GLU D 443 25.36 -11.47 -30.70
C GLU D 443 25.65 -10.77 -29.36
N GLY D 444 25.55 -9.43 -29.34
CA GLY D 444 25.80 -8.62 -28.13
C GLY D 444 25.78 -7.13 -28.41
N TYR D 445 26.21 -6.33 -27.44
CA TYR D 445 26.27 -4.84 -27.50
C TYR D 445 27.36 -4.41 -28.48
N CYS D 446 28.55 -4.99 -28.36
CA CYS D 446 29.79 -4.60 -29.10
C CYS D 446 29.67 -4.95 -30.58
N VAL D 447 28.79 -5.91 -30.93
CA VAL D 447 28.51 -6.34 -32.33
C VAL D 447 27.69 -5.25 -33.03
N ASP D 448 26.65 -4.75 -32.35
CA ASP D 448 25.71 -3.72 -32.88
C ASP D 448 26.39 -2.34 -32.89
N LEU D 449 27.35 -2.13 -31.98
CA LEU D 449 28.14 -0.86 -31.86
C LEU D 449 29.02 -0.69 -33.10
N ALA D 450 29.56 -1.78 -33.63
CA ALA D 450 30.42 -1.82 -34.84
C ALA D 450 29.59 -1.49 -36.09
N ALA D 451 28.34 -1.97 -36.14
CA ALA D 451 27.38 -1.77 -37.26
C ALA D 451 26.95 -0.30 -37.31
N GLU D 452 26.83 0.36 -36.16
CA GLU D 452 26.49 1.80 -36.02
C GLU D 452 27.65 2.66 -36.53
N ILE D 453 28.89 2.20 -36.34
CA ILE D 453 30.15 2.90 -36.74
C ILE D 453 30.31 2.80 -38.26
N ALA D 454 29.97 1.64 -38.85
CA ALA D 454 30.10 1.34 -40.29
C ALA D 454 28.89 1.86 -41.07
N LYS D 455 27.91 2.47 -40.38
CA LYS D 455 26.74 3.14 -41.01
C LYS D 455 27.17 4.49 -41.60
N HIS D 456 28.23 5.10 -41.04
CA HIS D 456 28.79 6.41 -41.47
C HIS D 456 30.26 6.26 -41.87
N CYS D 457 30.75 5.03 -42.07
CA CYS D 457 32.13 4.71 -42.49
C CYS D 457 32.10 3.63 -43.59
N GLY D 458 32.72 3.92 -44.74
CA GLY D 458 32.82 2.99 -45.89
C GLY D 458 33.87 1.93 -45.66
N PHE D 459 33.54 0.90 -44.87
CA PHE D 459 34.45 -0.21 -44.48
C PHE D 459 33.67 -1.53 -44.45
N LYS D 460 34.33 -2.63 -44.84
CA LYS D 460 33.79 -4.01 -44.80
C LYS D 460 34.24 -4.68 -43.50
N TYR D 461 33.29 -5.08 -42.65
CA TYR D 461 33.53 -5.65 -41.29
C TYR D 461 33.45 -7.17 -41.35
N LYS D 462 34.41 -7.84 -40.69
CA LYS D 462 34.47 -9.32 -40.52
C LYS D 462 34.76 -9.63 -39.04
N LEU D 463 33.84 -10.33 -38.37
CA LEU D 463 33.93 -10.66 -36.92
C LEU D 463 35.11 -11.60 -36.68
N THR D 464 36.28 -11.04 -36.35
CA THR D 464 37.54 -11.78 -36.07
C THR D 464 37.88 -11.66 -34.58
N ILE D 465 38.10 -12.80 -33.92
CA ILE D 465 38.40 -12.91 -32.46
C ILE D 465 39.93 -12.96 -32.30
N VAL D 466 40.48 -12.22 -31.33
CA VAL D 466 41.94 -12.22 -31.01
C VAL D 466 42.29 -13.57 -30.37
N GLY D 467 43.37 -14.20 -30.83
CA GLY D 467 43.76 -15.57 -30.47
C GLY D 467 44.38 -15.67 -29.09
N ASP D 468 45.08 -14.62 -28.64
CA ASP D 468 45.80 -14.57 -27.34
C ASP D 468 44.80 -14.65 -26.19
N GLY D 469 43.65 -13.96 -26.31
CA GLY D 469 42.66 -13.83 -25.24
C GLY D 469 43.11 -12.85 -24.17
N LYS D 470 43.77 -11.77 -24.59
CA LYS D 470 44.36 -10.72 -23.71
C LYS D 470 44.05 -9.33 -24.30
N TYR D 471 43.95 -8.32 -23.44
CA TYR D 471 43.62 -6.91 -23.81
C TYR D 471 44.84 -6.26 -24.47
N GLY D 472 45.96 -6.19 -23.72
CA GLY D 472 47.24 -5.66 -24.22
C GLY D 472 48.08 -5.04 -23.11
N ALA D 473 49.27 -5.60 -22.87
CA ALA D 473 50.27 -5.11 -21.89
C ALA D 473 51.68 -5.53 -22.33
N ARG D 474 52.61 -4.57 -22.39
CA ARG D 474 54.03 -4.81 -22.75
C ARG D 474 54.73 -5.52 -21.59
N ASP D 475 55.26 -6.72 -21.84
CA ASP D 475 55.95 -7.58 -20.83
C ASP D 475 57.26 -6.89 -20.41
N ALA D 476 57.70 -7.14 -19.17
CA ALA D 476 58.90 -6.52 -18.55
C ALA D 476 60.18 -7.07 -19.21
N ASP D 477 60.19 -8.35 -19.57
CA ASP D 477 61.38 -9.08 -20.11
C ASP D 477 61.52 -8.82 -21.61
N THR D 478 60.46 -9.07 -22.38
CA THR D 478 60.45 -9.03 -23.86
C THR D 478 60.32 -7.59 -24.36
N LYS D 479 59.57 -6.74 -23.65
CA LYS D 479 59.29 -5.32 -24.03
C LYS D 479 58.56 -5.30 -25.37
N ILE D 480 57.53 -6.14 -25.51
CA ILE D 480 56.70 -6.30 -26.74
C ILE D 480 55.23 -6.45 -26.34
N TRP D 481 54.32 -5.86 -27.12
CA TRP D 481 52.86 -5.81 -26.85
C TRP D 481 52.18 -7.10 -27.38
N ASN D 482 51.03 -7.44 -26.79
CA ASN D 482 50.26 -8.68 -27.10
C ASN D 482 48.78 -8.34 -27.32
N GLY D 483 48.01 -9.31 -27.84
CA GLY D 483 46.55 -9.22 -28.01
C GLY D 483 46.14 -8.21 -29.07
N MET D 484 45.04 -7.50 -28.83
CA MET D 484 44.44 -6.51 -29.76
C MET D 484 45.35 -5.29 -29.89
N VAL D 485 46.04 -4.92 -28.81
CA VAL D 485 47.01 -3.78 -28.77
C VAL D 485 48.25 -4.16 -29.57
N GLY D 486 48.73 -5.39 -29.41
CA GLY D 486 49.90 -5.95 -30.12
C GLY D 486 49.66 -6.05 -31.62
N GLU D 487 48.44 -6.42 -32.02
CA GLU D 487 48.05 -6.59 -33.45
C GLU D 487 47.94 -5.22 -34.14
N LEU D 488 47.68 -4.15 -33.37
CA LEU D 488 47.49 -2.76 -33.87
C LEU D 488 48.85 -2.15 -34.25
N VAL D 489 49.82 -2.21 -33.33
CA VAL D 489 51.14 -1.52 -33.45
C VAL D 489 52.01 -2.24 -34.49
N TYR D 490 51.99 -3.58 -34.52
CA TYR D 490 52.81 -4.41 -35.44
C TYR D 490 52.16 -4.47 -36.83
N GLY D 491 50.91 -4.01 -36.95
CA GLY D 491 50.22 -3.84 -38.24
C GLY D 491 49.62 -5.14 -38.74
N LYS D 492 48.54 -5.61 -38.10
CA LYS D 492 47.77 -6.81 -38.48
C LYS D 492 46.27 -6.49 -38.44
N ALA D 493 45.80 -5.93 -37.32
CA ALA D 493 44.40 -5.48 -37.09
C ALA D 493 44.21 -4.06 -37.63
N ASP D 494 43.02 -3.77 -38.18
CA ASP D 494 42.67 -2.48 -38.81
C ASP D 494 41.93 -1.59 -37.81
N ILE D 495 40.88 -2.13 -37.17
CA ILE D 495 40.01 -1.41 -36.20
C ILE D 495 39.74 -2.30 -34.99
N ALA D 496 39.60 -1.71 -33.80
CA ALA D 496 39.37 -2.40 -32.51
C ALA D 496 38.20 -1.74 -31.76
N ILE D 497 37.02 -2.36 -31.80
CA ILE D 497 35.80 -1.94 -31.06
C ILE D 497 35.53 -3.00 -29.98
N ALA D 498 36.05 -2.77 -28.77
CA ALA D 498 36.02 -3.70 -27.62
C ALA D 498 36.10 -2.91 -26.32
N PRO D 499 35.61 -3.47 -25.19
CA PRO D 499 35.78 -2.82 -23.87
C PRO D 499 37.27 -2.74 -23.49
N LEU D 500 37.93 -1.66 -23.91
CA LEU D 500 39.36 -1.38 -23.65
C LEU D 500 39.50 -0.04 -22.92
N THR D 501 40.09 -0.05 -21.72
CA THR D 501 40.32 1.14 -20.87
C THR D 501 41.41 2.00 -21.50
N ILE D 502 41.20 3.33 -21.54
CA ILE D 502 42.10 4.32 -22.19
C ILE D 502 43.03 4.89 -21.11
N THR D 503 44.28 4.42 -21.08
CA THR D 503 45.32 4.81 -20.07
C THR D 503 46.43 5.61 -20.76
N LEU D 504 47.45 5.99 -19.98
CA LEU D 504 48.54 6.92 -20.39
C LEU D 504 49.44 6.26 -21.44
N VAL D 505 49.90 5.03 -21.15
CA VAL D 505 50.95 4.31 -21.93
C VAL D 505 50.39 3.87 -23.29
N ARG D 506 49.07 3.62 -23.37
CA ARG D 506 48.37 3.20 -24.63
C ARG D 506 48.33 4.36 -25.63
N GLU D 507 48.19 5.60 -25.13
CA GLU D 507 48.08 6.83 -25.96
C GLU D 507 49.41 7.10 -26.67
N GLU D 508 50.54 6.68 -26.08
CA GLU D 508 51.91 6.86 -26.63
C GLU D 508 52.12 5.97 -27.85
N VAL D 509 51.47 4.81 -27.91
CA VAL D 509 51.69 3.76 -28.96
C VAL D 509 50.59 3.83 -30.03
N ILE D 510 49.32 3.94 -29.63
CA ILE D 510 48.15 3.98 -30.57
C ILE D 510 47.23 5.14 -30.22
N ASP D 511 46.58 5.72 -31.24
CA ASP D 511 45.58 6.82 -31.09
C ASP D 511 44.24 6.22 -30.65
N PHE D 512 43.52 6.92 -29.78
CA PHE D 512 42.20 6.51 -29.23
C PHE D 512 41.12 7.52 -29.65
N SER D 513 39.88 7.04 -29.75
CA SER D 513 38.67 7.84 -30.05
C SER D 513 38.12 8.44 -28.75
N LYS D 514 36.99 9.16 -28.83
CA LYS D 514 36.32 9.80 -27.67
C LYS D 514 35.49 8.74 -26.93
N PRO D 515 35.29 8.88 -25.60
CA PRO D 515 34.57 7.88 -24.81
C PRO D 515 33.09 7.76 -25.22
N PHE D 516 32.59 6.53 -25.37
CA PHE D 516 31.19 6.22 -25.78
C PHE D 516 30.34 5.89 -24.54
N MET D 517 30.96 5.40 -23.47
CA MET D 517 30.32 5.24 -22.14
C MET D 517 31.36 5.42 -21.03
N SER D 518 30.94 5.97 -19.89
CA SER D 518 31.78 6.24 -18.69
C SER D 518 31.48 5.20 -17.61
N LEU D 519 32.50 4.84 -16.82
CA LEU D 519 32.41 3.84 -15.72
C LEU D 519 33.39 4.21 -14.60
N GLY D 520 33.36 3.45 -13.50
CA GLY D 520 34.25 3.63 -12.34
C GLY D 520 34.21 2.42 -11.41
N ILE D 521 35.01 2.44 -10.36
CA ILE D 521 35.09 1.36 -9.33
C ILE D 521 33.98 1.63 -8.30
N SER D 522 33.16 0.61 -8.02
CA SER D 522 31.98 0.67 -7.11
C SER D 522 32.00 -0.52 -6.14
N ILE D 523 31.07 -0.53 -5.19
CA ILE D 523 30.95 -1.55 -4.10
C ILE D 523 29.74 -2.44 -4.41
N MET D 524 29.89 -3.76 -4.25
CA MET D 524 28.78 -4.75 -4.33
C MET D 524 28.76 -5.59 -3.05
N ILE D 525 27.56 -5.95 -2.59
CA ILE D 525 27.32 -6.78 -1.36
C ILE D 525 26.16 -7.74 -1.67
N LYS D 526 26.05 -8.82 -0.90
CA LYS D 526 24.93 -9.80 -0.98
C LYS D 526 23.64 -9.11 -0.53
N LYS D 527 22.51 -9.45 -1.16
CA LYS D 527 21.17 -8.86 -0.87
C LYS D 527 20.89 -8.94 0.62
N PRO D 528 20.25 -7.91 1.22
CA PRO D 528 20.09 -7.83 2.67
C PRO D 528 19.20 -8.94 3.26
N GLN D 529 18.20 -9.39 2.48
CA GLN D 529 17.28 -10.50 2.83
C GLN D 529 16.56 -10.17 4.15
N LYS D 530 16.17 -11.18 4.92
CA LYS D 530 15.43 -11.05 6.21
C LYS D 530 16.23 -11.71 7.33
N SER D 531 16.31 -11.05 8.49
CA SER D 531 17.07 -11.50 9.69
C SER D 531 16.22 -12.47 10.51
N LYS D 532 16.87 -13.31 11.32
CA LYS D 532 16.22 -14.22 12.30
C LYS D 532 16.05 -13.49 13.63
N PRO D 533 14.81 -13.37 14.16
CA PRO D 533 14.59 -12.77 15.47
C PRO D 533 15.00 -13.73 16.59
N GLY D 534 16.05 -13.37 17.35
CA GLY D 534 16.63 -14.20 18.41
C GLY D 534 15.83 -14.14 19.70
N VAL D 535 16.39 -13.53 20.75
CA VAL D 535 15.77 -13.40 22.10
C VAL D 535 15.71 -11.91 22.46
N PHE D 536 14.64 -11.49 23.14
CA PHE D 536 14.31 -10.08 23.47
C PHE D 536 14.13 -9.27 22.18
N SER D 537 13.50 -9.88 21.17
CA SER D 537 13.18 -9.27 19.84
C SER D 537 11.82 -8.55 19.91
N PHE D 538 11.14 -8.62 21.07
CA PHE D 538 9.79 -8.05 21.31
C PHE D 538 9.89 -6.64 21.93
N LEU D 539 11.12 -6.17 22.18
CA LEU D 539 11.42 -4.80 22.68
C LEU D 539 11.77 -3.88 21.50
N ASP D 540 11.48 -4.32 20.28
CA ASP D 540 11.76 -3.59 19.01
C ASP D 540 10.85 -2.38 18.83
N PRO D 541 9.52 -2.45 19.13
CA PRO D 541 8.63 -1.31 18.90
C PRO D 541 9.08 0.01 19.56
N LEU D 542 9.55 -0.06 20.82
CA LEU D 542 9.98 1.11 21.63
C LEU D 542 11.51 1.19 21.67
N ALA D 543 12.05 2.39 21.81
CA ALA D 543 13.50 2.69 21.97
C ALA D 543 13.96 2.23 23.36
N TYR D 544 15.26 1.92 23.50
CA TYR D 544 15.92 1.48 24.75
C TYR D 544 15.94 2.62 25.78
N GLU D 545 15.79 3.86 25.33
CA GLU D 545 15.77 5.09 26.19
C GLU D 545 14.46 5.13 26.99
N ILE D 546 13.33 4.76 26.37
CA ILE D 546 11.97 4.86 26.97
C ILE D 546 11.82 3.80 28.07
N TRP D 547 12.26 2.56 27.80
CA TRP D 547 12.12 1.39 28.72
C TRP D 547 12.72 1.71 30.10
N MET D 548 13.91 2.30 30.13
CA MET D 548 14.66 2.63 31.38
C MET D 548 13.97 3.80 32.11
N CYS D 549 13.34 4.72 31.37
CA CYS D 549 12.61 5.89 31.91
C CYS D 549 11.35 5.43 32.67
N ILE D 550 10.73 4.34 32.21
CA ILE D 550 9.52 3.73 32.85
C ILE D 550 9.93 3.09 34.18
N VAL D 551 11.12 2.49 34.22
CA VAL D 551 11.68 1.79 35.42
C VAL D 551 11.92 2.82 36.52
N PHE D 552 12.62 3.92 36.20
CA PHE D 552 12.97 5.01 37.15
C PHE D 552 11.70 5.68 37.69
N ALA D 553 10.75 5.98 36.80
CA ALA D 553 9.48 6.70 37.10
C ALA D 553 8.63 5.87 38.09
N TYR D 554 8.59 4.55 37.92
CA TYR D 554 7.81 3.59 38.73
C TYR D 554 8.30 3.61 40.19
N ILE D 555 9.61 3.80 40.40
CA ILE D 555 10.24 3.89 41.75
C ILE D 555 9.82 5.23 42.37
N GLY D 556 9.88 6.31 41.59
CA GLY D 556 9.52 7.68 41.99
C GLY D 556 8.09 7.77 42.52
N VAL D 557 7.13 7.19 41.79
CA VAL D 557 5.68 7.20 42.13
C VAL D 557 5.47 6.37 43.42
N SER D 558 6.17 5.26 43.55
CA SER D 558 6.10 4.32 44.71
C SER D 558 6.64 5.01 45.97
N VAL D 559 7.77 5.71 45.86
CA VAL D 559 8.46 6.39 46.99
C VAL D 559 7.63 7.59 47.46
N VAL D 560 7.13 8.40 46.53
CA VAL D 560 6.32 9.62 46.80
C VAL D 560 5.04 9.23 47.57
N LEU D 561 4.40 8.12 47.17
CA LEU D 561 3.15 7.59 47.78
C LEU D 561 3.37 7.35 49.28
N PHE D 562 4.53 6.80 49.65
CA PHE D 562 4.90 6.46 51.06
C PHE D 562 5.06 7.75 51.88
N LEU D 563 5.84 8.71 51.37
CA LEU D 563 6.12 10.01 52.05
C LEU D 563 4.83 10.84 52.16
N VAL D 564 3.96 10.77 51.15
CA VAL D 564 2.64 11.46 51.09
C VAL D 564 1.74 10.90 52.20
N SER D 565 1.78 9.58 52.42
CA SER D 565 0.94 8.84 53.41
C SER D 565 1.33 9.24 54.84
N ARG D 566 2.63 9.24 55.14
CA ARG D 566 3.20 9.62 56.47
C ARG D 566 4.10 10.84 56.31
N GLU D 591 -2.46 -0.39 55.47
CA GLU D 591 -1.34 0.59 55.62
C GLU D 591 -0.38 0.43 54.43
N PHE D 592 0.23 1.55 54.01
CA PHE D 592 1.21 1.64 52.89
C PHE D 592 2.62 1.85 53.44
N GLY D 593 3.47 0.83 53.33
CA GLY D 593 4.91 0.90 53.67
C GLY D 593 5.75 1.14 52.43
N ILE D 594 7.00 0.66 52.44
CA ILE D 594 7.94 0.72 51.28
C ILE D 594 7.62 -0.46 50.34
N PHE D 595 7.45 -1.66 50.90
CA PHE D 595 7.16 -2.92 50.17
C PHE D 595 5.77 -2.88 49.55
N ASN D 596 4.78 -2.37 50.29
CA ASN D 596 3.33 -2.39 49.91
C ASN D 596 3.08 -1.35 48.80
N SER D 597 3.78 -0.21 48.84
CA SER D 597 3.66 0.90 47.86
C SER D 597 4.22 0.49 46.50
N LEU D 598 5.34 -0.24 46.50
CA LEU D 598 6.02 -0.75 45.28
C LEU D 598 5.11 -1.74 44.54
N TRP D 599 4.40 -2.60 45.29
CA TRP D 599 3.48 -3.64 44.75
C TRP D 599 2.28 -2.99 44.05
N PHE D 600 1.75 -1.92 44.62
CA PHE D 600 0.56 -1.17 44.12
C PHE D 600 0.85 -0.62 42.71
N SER D 601 2.02 -0.02 42.52
CA SER D 601 2.45 0.65 41.26
C SER D 601 2.91 -0.39 40.22
N LEU D 602 3.24 -1.61 40.65
CA LEU D 602 3.55 -2.75 39.75
C LEU D 602 2.24 -3.31 39.19
N GLY D 603 1.27 -3.58 40.07
CA GLY D 603 -0.07 -4.08 39.71
C GLY D 603 -0.85 -3.06 38.89
N ALA D 604 -0.53 -1.77 39.02
CA ALA D 604 -1.16 -0.65 38.29
C ALA D 604 -0.70 -0.66 36.82
N PHE D 605 0.61 -0.87 36.57
CA PHE D 605 1.22 -0.83 35.23
C PHE D 605 0.82 -2.08 34.43
N MET D 606 0.68 -3.23 35.10
CA MET D 606 0.26 -4.52 34.48
C MET D 606 -1.25 -4.48 34.18
N ARG D 607 -1.97 -3.54 34.81
CA ARG D 607 -3.41 -3.23 34.53
C ARG D 607 -4.29 -4.39 35.04
N GLN D 608 -3.98 -4.88 36.24
CA GLN D 608 -4.82 -5.87 37.00
C GLN D 608 -5.29 -5.21 38.30
N GLY D 609 -6.58 -5.38 38.63
CA GLY D 609 -7.22 -4.82 39.83
C GLY D 609 -7.02 -5.71 41.05
N CYS D 610 -6.25 -5.22 42.04
CA CYS D 610 -5.98 -5.90 43.34
C CYS D 610 -7.03 -5.44 44.36
N ASP D 611 -6.62 -5.26 45.63
CA ASP D 611 -7.48 -4.76 46.74
C ASP D 611 -6.81 -3.57 47.44
N ILE D 612 -5.68 -3.09 46.91
CA ILE D 612 -4.89 -1.96 47.49
C ILE D 612 -5.37 -0.66 46.82
N SER D 613 -5.86 0.29 47.63
CA SER D 613 -6.42 1.59 47.16
C SER D 613 -6.05 2.72 48.12
N PRO D 614 -5.33 3.76 47.66
CA PRO D 614 -5.03 4.93 48.50
C PRO D 614 -6.30 5.68 48.90
N ARG D 615 -6.53 5.85 50.20
CA ARG D 615 -7.76 6.42 50.79
C ARG D 615 -7.61 7.94 50.96
N SER D 616 -6.38 8.44 51.00
CA SER D 616 -6.04 9.88 51.14
C SER D 616 -6.33 10.62 49.82
N LEU D 617 -6.82 11.85 49.92
CA LEU D 617 -7.07 12.77 48.77
C LEU D 617 -5.76 13.00 48.00
N SER D 618 -4.65 13.19 48.72
CA SER D 618 -3.29 13.39 48.16
C SER D 618 -2.85 12.16 47.37
N GLY D 619 -3.13 10.96 47.88
CA GLY D 619 -2.77 9.67 47.27
C GLY D 619 -3.58 9.36 46.02
N ARG D 620 -4.81 9.90 45.93
CA ARG D 620 -5.74 9.66 44.80
C ARG D 620 -5.40 10.59 43.63
N ILE D 621 -4.64 11.66 43.88
CA ILE D 621 -4.04 12.54 42.85
C ILE D 621 -2.84 11.81 42.22
N VAL D 622 -2.10 11.05 43.04
CA VAL D 622 -0.92 10.22 42.61
C VAL D 622 -1.43 9.04 41.77
N GLY D 623 -2.45 8.33 42.26
CA GLY D 623 -2.99 7.11 41.64
C GLY D 623 -3.54 7.36 40.24
N GLY D 624 -4.42 8.36 40.10
CA GLY D 624 -5.13 8.70 38.86
C GLY D 624 -4.19 9.20 37.77
N VAL D 625 -3.11 9.91 38.16
CA VAL D 625 -2.09 10.47 37.24
C VAL D 625 -1.20 9.34 36.72
N TRP D 626 -0.84 8.39 37.59
CA TRP D 626 -0.04 7.18 37.26
C TRP D 626 -0.86 6.24 36.35
N TRP D 627 -2.19 6.27 36.47
CA TRP D 627 -3.12 5.44 35.65
C TRP D 627 -3.12 5.93 34.19
N PHE D 628 -3.18 7.25 33.97
CA PHE D 628 -3.23 7.84 32.61
C PHE D 628 -1.94 7.52 31.84
N PHE D 629 -0.80 7.47 32.54
CA PHE D 629 0.51 7.06 31.99
C PHE D 629 0.40 5.63 31.43
N THR D 630 -0.11 4.71 32.24
CA THR D 630 -0.26 3.26 31.92
C THR D 630 -1.11 3.08 30.65
N LEU D 631 -2.19 3.85 30.52
CA LEU D 631 -3.22 3.72 29.45
C LEU D 631 -2.60 4.07 28.08
N ILE D 632 -1.72 5.08 28.04
CA ILE D 632 -1.11 5.63 26.79
C ILE D 632 0.07 4.75 26.35
N ILE D 633 0.87 4.25 27.29
CA ILE D 633 2.08 3.42 27.01
C ILE D 633 1.65 2.09 26.38
N ILE D 634 0.60 1.47 26.91
CA ILE D 634 0.06 0.16 26.42
C ILE D 634 -0.55 0.36 25.03
N SER D 635 -1.34 1.41 24.83
CA SER D 635 -2.04 1.74 23.56
C SER D 635 -1.02 2.09 22.46
N SER D 636 0.07 2.77 22.82
CA SER D 636 1.15 3.22 21.90
C SER D 636 1.98 2.01 21.43
N TYR D 637 2.20 1.02 22.32
CA TYR D 637 2.93 -0.24 22.04
C TYR D 637 2.20 -1.02 20.94
N THR D 638 0.91 -1.29 21.17
CA THR D 638 0.03 -2.16 20.31
C THR D 638 -0.05 -1.58 18.89
N ALA D 639 -0.14 -0.26 18.76
CA ALA D 639 -0.27 0.49 17.49
C ALA D 639 1.02 0.33 16.66
N ASN D 640 2.18 0.49 17.31
CA ASN D 640 3.52 0.50 16.64
C ASN D 640 3.89 -0.91 16.20
N LEU D 641 3.44 -1.94 16.94
CA LEU D 641 3.72 -3.37 16.63
C LEU D 641 2.91 -3.81 15.40
N ALA D 642 1.72 -3.23 15.21
CA ALA D 642 0.82 -3.51 14.07
C ALA D 642 1.42 -2.97 12.76
N ALA D 643 2.12 -1.84 12.83
CA ALA D 643 2.76 -1.15 11.69
C ALA D 643 3.94 -1.99 11.15
N PHE D 644 4.66 -2.68 12.05
CA PHE D 644 5.85 -3.51 11.73
C PHE D 644 5.44 -4.73 10.89
N LEU D 645 4.25 -5.28 11.12
CA LEU D 645 3.77 -6.56 10.53
C LEU D 645 2.87 -6.31 9.32
N THR D 646 2.62 -5.04 8.97
CA THR D 646 1.85 -4.63 7.76
C THR D 646 2.80 -4.48 6.58
N VAL D 647 3.85 -3.66 6.73
CA VAL D 647 4.91 -3.44 5.70
C VAL D 647 6.28 -3.62 6.35
N GLU D 648 7.12 -4.48 5.76
CA GLU D 648 8.48 -4.82 6.25
C GLU D 648 9.52 -4.10 5.39
N ARG D 649 10.45 -3.39 6.02
CA ARG D 649 11.54 -2.63 5.35
C ARG D 649 12.89 -3.29 5.64
N MET D 650 13.54 -3.84 4.60
CA MET D 650 14.90 -4.43 4.67
C MET D 650 15.93 -3.36 4.23
N VAL D 651 16.58 -2.72 5.21
CA VAL D 651 17.49 -1.55 5.00
C VAL D 651 18.94 -2.05 5.00
N SER D 652 19.77 -1.50 4.12
CA SER D 652 21.18 -1.88 3.90
C SER D 652 22.04 -1.45 5.10
N PRO D 653 23.01 -2.28 5.55
CA PRO D 653 23.88 -1.93 6.67
C PRO D 653 24.91 -0.84 6.33
N ILE D 654 25.35 -0.78 5.07
CA ILE D 654 26.38 0.20 4.57
C ILE D 654 25.74 1.04 3.46
N GLU D 655 26.11 2.32 3.40
CA GLU D 655 25.55 3.34 2.47
C GLU D 655 26.64 3.83 1.50
N SER D 656 27.81 4.21 2.02
CA SER D 656 28.91 4.87 1.27
C SER D 656 30.24 4.14 1.48
N ALA D 657 31.30 4.61 0.82
CA ALA D 657 32.69 4.11 0.94
C ALA D 657 33.30 4.56 2.28
N GLU D 658 32.86 5.71 2.80
CA GLU D 658 33.28 6.26 4.12
C GLU D 658 32.56 5.49 5.25
N ASP D 659 31.48 4.77 4.93
CA ASP D 659 30.68 3.96 5.88
C ASP D 659 31.46 2.70 6.28
N LEU D 660 32.02 1.99 5.29
CA LEU D 660 32.81 0.74 5.50
C LEU D 660 34.25 1.08 5.88
N SER D 661 34.60 2.37 5.93
CA SER D 661 35.89 2.89 6.45
C SER D 661 35.87 2.97 7.98
N LYS D 662 34.68 3.19 8.56
CA LYS D 662 34.46 3.33 10.03
C LYS D 662 33.96 2.01 10.63
N GLN D 663 33.00 1.36 9.95
CA GLN D 663 32.37 0.08 10.40
C GLN D 663 33.48 -0.96 10.67
N THR D 664 34.34 -1.20 9.68
CA THR D 664 35.48 -2.14 9.72
C THR D 664 35.05 -3.45 10.39
N GLU D 665 34.18 -4.21 9.71
CA GLU D 665 33.58 -5.47 10.21
C GLU D 665 33.56 -6.50 9.07
N ILE D 666 33.01 -6.11 7.91
CA ILE D 666 32.89 -6.95 6.68
C ILE D 666 34.18 -6.80 5.87
N ALA D 667 34.75 -7.92 5.41
CA ALA D 667 36.00 -7.99 4.62
C ALA D 667 35.76 -7.37 3.23
N TYR D 668 36.77 -6.68 2.69
CA TYR D 668 36.72 -6.07 1.33
C TYR D 668 38.12 -6.11 0.71
N GLY D 669 38.17 -6.49 -0.58
CA GLY D 669 39.40 -6.55 -1.39
C GLY D 669 39.09 -6.48 -2.88
N THR D 670 40.09 -6.76 -3.72
CA THR D 670 40.00 -6.75 -5.20
C THR D 670 40.69 -8.00 -5.76
N LEU D 671 41.01 -8.01 -7.05
CA LEU D 671 41.80 -9.07 -7.73
C LEU D 671 43.24 -9.05 -7.24
N ASP D 672 43.97 -10.16 -7.44
CA ASP D 672 45.39 -10.35 -7.04
C ASP D 672 46.25 -9.27 -7.70
N SER D 673 46.07 -9.06 -9.01
CA SER D 673 46.76 -8.02 -9.83
C SER D 673 45.85 -7.58 -10.98
N GLY D 674 45.55 -6.28 -11.06
CA GLY D 674 44.69 -5.69 -12.10
C GLY D 674 44.81 -4.17 -12.15
N SER D 675 43.78 -3.50 -12.66
CA SER D 675 43.69 -2.02 -12.81
C SER D 675 43.28 -1.39 -11.48
N THR D 676 42.28 -1.97 -10.81
CA THR D 676 41.69 -1.47 -9.52
C THR D 676 42.66 -1.74 -8.36
N LYS D 677 43.47 -2.80 -8.45
CA LYS D 677 44.49 -3.19 -7.44
C LYS D 677 45.63 -2.16 -7.45
N GLU D 678 46.04 -1.70 -8.63
CA GLU D 678 47.14 -0.72 -8.84
C GLU D 678 46.67 0.68 -8.39
N PHE D 679 45.36 0.96 -8.49
CA PHE D 679 44.75 2.24 -8.06
C PHE D 679 44.84 2.40 -6.54
N PHE D 680 44.56 1.32 -5.80
CA PHE D 680 44.53 1.28 -4.31
C PHE D 680 45.93 1.53 -3.74
N ARG D 681 46.96 0.95 -4.36
CA ARG D 681 48.37 1.01 -3.89
C ARG D 681 48.84 2.47 -3.83
N ARG D 682 48.79 3.17 -4.97
CA ARG D 682 49.20 4.60 -5.11
C ARG D 682 47.97 5.50 -4.92
N SER D 683 47.76 6.00 -3.70
CA SER D 683 46.64 6.90 -3.32
C SER D 683 47.18 8.08 -2.51
N LYS D 684 46.66 9.29 -2.77
CA LYS D 684 47.08 10.56 -2.13
C LYS D 684 46.18 10.86 -0.93
N ILE D 685 44.87 10.79 -1.10
CA ILE D 685 43.85 11.12 -0.07
C ILE D 685 43.85 10.02 1.01
N ALA D 686 43.54 10.40 2.25
CA ALA D 686 43.74 9.59 3.48
C ALA D 686 42.74 8.43 3.56
N VAL D 687 41.53 8.58 3.01
CA VAL D 687 40.39 7.63 3.18
C VAL D 687 40.72 6.29 2.48
N PHE D 688 41.35 6.32 1.30
CA PHE D 688 41.77 5.13 0.53
C PHE D 688 43.15 4.66 1.00
N ASP D 689 43.95 5.56 1.58
CA ASP D 689 45.27 5.25 2.19
C ASP D 689 45.07 4.37 3.42
N LYS D 690 44.00 4.64 4.19
CA LYS D 690 43.57 3.84 5.37
C LYS D 690 42.96 2.51 4.89
N MET D 691 42.38 2.49 3.69
CA MET D 691 41.75 1.30 3.06
C MET D 691 42.84 0.35 2.54
N TRP D 692 43.92 0.89 1.97
CA TRP D 692 45.09 0.13 1.45
C TRP D 692 45.87 -0.49 2.61
N THR D 693 45.87 0.17 3.78
CA THR D 693 46.46 -0.32 5.06
C THR D 693 45.76 -1.63 5.46
N TYR D 694 44.43 -1.66 5.34
CA TYR D 694 43.57 -2.85 5.62
C TYR D 694 43.79 -3.92 4.55
N MET D 695 43.79 -3.51 3.27
CA MET D 695 43.88 -4.40 2.08
C MET D 695 45.21 -5.17 2.09
N ARG D 696 46.32 -4.48 2.42
CA ARG D 696 47.69 -5.06 2.43
C ARG D 696 47.83 -6.01 3.63
N SER D 697 47.64 -5.49 4.85
CA SER D 697 47.77 -6.24 6.13
C SER D 697 46.42 -6.85 6.52
N ALA D 698 45.90 -7.73 5.67
CA ALA D 698 44.65 -8.50 5.89
C ALA D 698 45.00 -9.92 6.36
N GLU D 699 44.23 -10.46 7.31
CA GLU D 699 44.46 -11.78 7.95
C GLU D 699 43.21 -12.65 7.79
N PRO D 700 43.14 -13.56 6.78
CA PRO D 700 44.17 -13.69 5.75
C PRO D 700 43.99 -12.71 4.59
N SER D 701 44.85 -12.78 3.58
CA SER D 701 44.85 -11.92 2.37
C SER D 701 43.53 -12.10 1.61
N VAL D 702 42.79 -11.00 1.41
CA VAL D 702 41.47 -10.98 0.71
C VAL D 702 41.71 -10.61 -0.76
N PHE D 703 42.24 -11.55 -1.53
CA PHE D 703 42.52 -11.42 -2.98
C PHE D 703 42.19 -12.75 -3.69
N VAL D 704 41.49 -12.66 -4.83
CA VAL D 704 41.05 -13.84 -5.65
C VAL D 704 41.68 -13.72 -7.05
N ARG D 705 41.83 -14.86 -7.74
CA ARG D 705 42.54 -14.97 -9.04
C ARG D 705 41.69 -14.35 -10.16
N THR D 706 40.40 -14.73 -10.23
CA THR D 706 39.46 -14.33 -11.32
C THR D 706 38.32 -13.48 -10.73
N THR D 707 37.68 -12.69 -11.59
CA THR D 707 36.52 -11.82 -11.25
C THR D 707 35.28 -12.70 -10.96
N ALA D 708 35.20 -13.86 -11.60
CA ALA D 708 34.13 -14.87 -11.40
C ALA D 708 34.23 -15.48 -10.00
N GLU D 709 35.46 -15.60 -9.47
CA GLU D 709 35.74 -16.12 -8.10
C GLU D 709 35.29 -15.10 -7.06
N GLY D 710 35.42 -13.81 -7.36
CA GLY D 710 35.04 -12.69 -6.48
C GLY D 710 33.55 -12.65 -6.21
N VAL D 711 32.73 -12.87 -7.24
CA VAL D 711 31.24 -12.86 -7.17
C VAL D 711 30.80 -14.07 -6.32
N ALA D 712 31.42 -15.23 -6.53
CA ALA D 712 31.11 -16.51 -5.83
C ALA D 712 31.42 -16.38 -4.34
N ARG D 713 32.45 -15.62 -3.97
CA ARG D 713 32.92 -15.44 -2.57
C ARG D 713 31.93 -14.58 -1.79
N VAL D 714 31.28 -13.61 -2.47
CA VAL D 714 30.32 -12.65 -1.86
C VAL D 714 29.02 -13.39 -1.48
N ARG D 715 28.50 -14.21 -2.40
CA ARG D 715 27.20 -14.93 -2.25
C ARG D 715 27.33 -16.03 -1.19
N LYS D 716 28.48 -16.71 -1.14
CA LYS D 716 28.74 -17.86 -0.21
C LYS D 716 28.94 -17.34 1.21
N SER D 717 29.69 -16.24 1.37
CA SER D 717 30.02 -15.60 2.68
C SER D 717 28.74 -15.13 3.38
N LYS D 718 27.80 -14.54 2.61
CA LYS D 718 26.47 -14.06 3.10
C LYS D 718 26.70 -12.91 4.11
N GLY D 719 27.01 -11.72 3.59
CA GLY D 719 27.24 -10.50 4.39
C GLY D 719 28.50 -10.60 5.24
N LYS D 720 29.60 -11.04 4.64
CA LYS D 720 30.92 -11.23 5.31
C LYS D 720 32.07 -10.76 4.40
N TYR D 721 31.90 -10.80 3.07
CA TYR D 721 32.88 -10.31 2.07
C TYR D 721 32.18 -9.38 1.06
N ALA D 722 32.82 -8.24 0.75
CA ALA D 722 32.35 -7.22 -0.22
C ALA D 722 33.41 -7.03 -1.31
N TYR D 723 33.06 -7.31 -2.56
CA TYR D 723 33.96 -7.27 -3.74
C TYR D 723 33.89 -5.88 -4.39
N LEU D 724 35.01 -5.40 -4.91
CA LEU D 724 35.14 -4.08 -5.58
C LEU D 724 35.61 -4.29 -7.03
N LEU D 725 34.82 -3.83 -8.01
CA LEU D 725 35.15 -3.92 -9.46
C LEU D 725 34.44 -2.80 -10.22
N GLU D 726 34.48 -2.86 -11.56
CA GLU D 726 33.86 -1.87 -12.48
C GLU D 726 32.35 -1.85 -12.26
N SER D 727 31.74 -0.66 -12.32
CA SER D 727 30.28 -0.42 -12.11
C SER D 727 29.47 -0.99 -13.28
N THR D 728 30.09 -1.13 -14.46
CA THR D 728 29.47 -1.68 -15.71
C THR D 728 29.11 -3.15 -15.49
N MET D 729 30.11 -3.99 -15.18
CA MET D 729 29.94 -5.45 -14.97
C MET D 729 29.02 -5.69 -13.77
N ASN D 730 29.20 -4.93 -12.69
CA ASN D 730 28.44 -5.05 -11.41
C ASN D 730 26.93 -4.94 -11.69
N GLU D 731 26.52 -3.99 -12.54
CA GLU D 731 25.09 -3.73 -12.87
C GLU D 731 24.52 -4.88 -13.70
N TYR D 732 25.35 -5.51 -14.55
CA TYR D 732 24.97 -6.67 -15.41
C TYR D 732 24.76 -7.92 -14.56
N ILE D 733 25.63 -8.13 -13.55
CA ILE D 733 25.61 -9.32 -12.64
C ILE D 733 24.35 -9.25 -11.77
N GLU D 734 23.91 -8.04 -11.39
CA GLU D 734 22.72 -7.80 -10.54
C GLU D 734 21.44 -8.21 -11.28
N GLN D 735 21.37 -7.91 -12.59
CA GLN D 735 20.17 -8.15 -13.45
C GLN D 735 20.10 -9.63 -13.83
N ARG D 736 21.24 -10.32 -13.92
CA ARG D 736 21.34 -11.75 -14.33
C ARG D 736 20.90 -12.66 -13.18
N LYS D 737 20.61 -13.93 -13.48
CA LYS D 737 20.04 -14.92 -12.53
C LYS D 737 21.08 -15.31 -11.50
N PRO D 738 20.67 -15.71 -10.26
CA PRO D 738 19.28 -15.67 -9.82
C PRO D 738 18.91 -14.41 -9.01
N CYS D 739 19.71 -13.34 -9.14
CA CYS D 739 19.51 -12.02 -8.47
C CYS D 739 19.70 -12.18 -6.96
N ASP D 740 20.92 -11.92 -6.45
CA ASP D 740 21.25 -12.00 -5.00
C ASP D 740 22.33 -10.96 -4.63
N THR D 741 22.59 -9.96 -5.48
CA THR D 741 23.57 -8.87 -5.24
C THR D 741 23.08 -7.58 -5.92
N MET D 742 23.50 -6.43 -5.40
CA MET D 742 23.07 -5.09 -5.89
C MET D 742 24.20 -4.07 -5.69
N LYS D 743 24.18 -3.00 -6.50
CA LYS D 743 25.13 -1.86 -6.46
C LYS D 743 24.76 -0.95 -5.28
N VAL D 744 25.76 -0.38 -4.59
CA VAL D 744 25.58 0.55 -3.44
C VAL D 744 26.55 1.72 -3.57
N GLY D 745 26.07 2.94 -3.28
CA GLY D 745 26.85 4.18 -3.27
C GLY D 745 27.23 4.64 -4.67
N GLY D 746 28.07 5.67 -4.76
CA GLY D 746 28.59 6.22 -6.02
C GLY D 746 29.92 5.61 -6.41
N ASN D 747 30.44 5.97 -7.59
CA ASN D 747 31.74 5.48 -8.12
C ASN D 747 32.88 6.30 -7.49
N LEU D 748 34.08 5.72 -7.44
CA LEU D 748 35.27 6.28 -6.74
C LEU D 748 36.15 7.04 -7.75
N ASP D 749 36.57 6.35 -8.82
CA ASP D 749 37.35 6.94 -9.94
C ASP D 749 36.41 7.05 -11.16
N SER D 750 36.85 7.75 -12.21
CA SER D 750 36.10 7.98 -13.47
C SER D 750 36.97 7.60 -14.67
N LYS D 751 36.68 6.45 -15.30
CA LYS D 751 37.37 5.93 -16.51
C LYS D 751 36.33 5.74 -17.62
N GLY D 752 36.78 5.40 -18.83
CA GLY D 752 35.92 5.22 -20.00
C GLY D 752 36.53 4.27 -21.04
N TYR D 753 35.68 3.63 -21.84
CA TYR D 753 36.07 2.76 -22.99
C TYR D 753 35.98 3.59 -24.28
N GLY D 754 36.82 3.25 -25.26
CA GLY D 754 36.86 3.89 -26.59
C GLY D 754 37.19 2.89 -27.69
N ILE D 755 37.28 3.37 -28.93
CA ILE D 755 37.62 2.57 -30.14
C ILE D 755 39.10 2.81 -30.48
N ALA D 756 39.91 1.75 -30.46
CA ALA D 756 41.38 1.80 -30.69
C ALA D 756 41.68 1.64 -32.18
N THR D 757 42.69 2.36 -32.67
CA THR D 757 43.14 2.36 -34.10
C THR D 757 44.67 2.48 -34.13
N PRO D 758 45.36 1.73 -35.03
CA PRO D 758 46.82 1.80 -35.13
C PRO D 758 47.42 3.21 -35.28
N LYS D 759 48.72 3.33 -34.97
CA LYS D 759 49.49 4.61 -35.02
C LYS D 759 49.43 5.20 -36.43
N GLY D 760 49.36 6.53 -36.52
CA GLY D 760 49.14 7.28 -37.78
C GLY D 760 47.66 7.60 -37.95
N SER D 761 46.81 6.56 -37.98
CA SER D 761 45.34 6.63 -38.02
C SER D 761 44.87 7.45 -39.23
N SER D 762 44.85 6.82 -40.41
CA SER D 762 44.39 7.41 -41.69
C SER D 762 42.86 7.30 -41.80
N LEU D 763 42.26 6.35 -41.08
CA LEU D 763 40.80 6.05 -41.11
C LEU D 763 40.19 6.20 -39.72
N GLY D 764 40.93 6.78 -38.76
CA GLY D 764 40.51 6.91 -37.35
C GLY D 764 39.77 8.21 -37.08
N THR D 765 39.86 9.17 -38.01
CA THR D 765 39.29 10.54 -37.87
C THR D 765 37.77 10.52 -38.04
N PRO D 766 37.20 9.94 -39.12
CA PRO D 766 35.76 10.04 -39.38
C PRO D 766 34.90 9.26 -38.36
N VAL D 767 35.37 8.07 -37.95
CA VAL D 767 34.64 7.15 -37.04
C VAL D 767 34.61 7.73 -35.63
N ASN D 768 35.57 8.60 -35.28
CA ASN D 768 35.64 9.32 -33.99
C ASN D 768 34.50 10.34 -33.91
N LEU D 769 34.21 11.03 -35.02
CA LEU D 769 33.15 12.06 -35.13
C LEU D 769 31.77 11.39 -35.17
N ALA D 770 31.65 10.24 -35.83
CA ALA D 770 30.39 9.49 -36.05
C ALA D 770 29.80 9.02 -34.72
N VAL D 771 30.66 8.52 -33.81
CA VAL D 771 30.28 8.02 -32.46
C VAL D 771 29.70 9.17 -31.63
N LEU D 772 30.29 10.36 -31.76
CA LEU D 772 29.90 11.59 -31.00
C LEU D 772 28.48 12.02 -31.38
N LYS D 773 28.10 11.81 -32.65
CA LYS D 773 26.75 12.14 -33.19
C LYS D 773 25.73 11.11 -32.68
N LEU D 774 26.09 9.83 -32.69
CA LEU D 774 25.24 8.70 -32.23
C LEU D 774 25.10 8.74 -30.70
N SER D 775 26.06 9.36 -30.01
CA SER D 775 26.01 9.63 -28.54
C SER D 775 24.93 10.67 -28.24
N GLU D 776 24.78 11.67 -29.10
CA GLU D 776 23.81 12.79 -28.97
C GLU D 776 22.38 12.29 -29.23
N GLN D 777 22.21 11.45 -30.25
CA GLN D 777 20.88 10.93 -30.71
C GLN D 777 20.27 10.04 -29.62
N GLY D 778 21.10 9.33 -28.85
CA GLY D 778 20.67 8.44 -27.76
C GLY D 778 20.50 7.00 -28.23
N VAL D 779 21.47 6.53 -29.03
CA VAL D 779 21.50 5.14 -29.59
C VAL D 779 22.33 4.25 -28.65
N LEU D 780 23.36 4.82 -28.01
CA LEU D 780 24.26 4.13 -27.06
C LEU D 780 23.47 3.77 -25.79
N ASP D 781 22.63 4.69 -25.31
CA ASP D 781 21.75 4.51 -24.13
C ASP D 781 20.65 3.49 -24.46
N LYS D 782 20.16 3.49 -25.71
CA LYS D 782 19.10 2.58 -26.20
C LYS D 782 19.64 1.14 -26.27
N LEU D 783 20.88 0.97 -26.72
CA LEU D 783 21.53 -0.36 -26.93
C LEU D 783 21.93 -0.96 -25.58
N LYS D 784 22.42 -0.13 -24.65
CA LYS D 784 22.82 -0.54 -23.28
C LYS D 784 21.58 -0.96 -22.48
N ASN D 785 20.41 -0.37 -22.77
CA ASN D 785 19.12 -0.66 -22.09
C ASN D 785 18.56 -2.00 -22.57
N LYS D 786 19.03 -2.49 -23.73
CA LYS D 786 18.51 -3.71 -24.41
C LYS D 786 19.16 -4.97 -23.83
N TRP D 787 20.48 -4.95 -23.61
CA TRP D 787 21.28 -6.14 -23.20
C TRP D 787 21.36 -6.25 -21.67
N TRP D 788 21.46 -5.12 -20.97
CA TRP D 788 21.57 -5.07 -19.49
C TRP D 788 20.20 -5.35 -18.85
N TYR D 789 19.20 -4.51 -19.15
CA TYR D 789 17.91 -4.41 -18.41
C TYR D 789 16.83 -5.26 -19.09
N ASP D 790 16.67 -5.13 -20.42
CA ASP D 790 15.58 -5.76 -21.20
C ASP D 790 15.71 -7.30 -21.11
N LYS D 791 16.90 -7.83 -21.41
CA LYS D 791 17.23 -9.28 -21.31
C LYS D 791 17.79 -9.58 -19.91
N GLY D 792 16.91 -9.90 -18.96
CA GLY D 792 17.26 -10.17 -17.55
C GLY D 792 16.37 -11.24 -16.93
N GLU D 793 16.76 -11.74 -15.75
CA GLU D 793 16.06 -12.82 -15.01
C GLU D 793 14.91 -12.22 -14.18
N CYS D 794 15.25 -11.34 -13.23
CA CYS D 794 14.30 -10.68 -12.29
C CYS D 794 13.98 -9.27 -12.78
N GLY D 795 12.69 -8.92 -12.84
CA GLY D 795 12.19 -7.61 -13.31
C GLY D 795 12.36 -6.54 -12.24
N GLY D 800 6.44 -7.39 -10.22
CA GLY D 800 5.29 -7.27 -9.30
C GLY D 800 5.63 -7.78 -7.91
N SER D 801 5.55 -6.90 -6.90
CA SER D 801 5.85 -7.20 -5.47
C SER D 801 4.53 -7.43 -4.71
N LYS D 802 4.25 -8.69 -4.37
CA LYS D 802 3.05 -9.12 -3.60
C LYS D 802 3.48 -9.65 -2.24
N GLU D 803 3.03 -9.00 -1.16
CA GLU D 803 3.38 -9.35 0.24
C GLU D 803 2.19 -10.08 0.88
N LYS D 804 2.46 -11.12 1.68
CA LYS D 804 1.46 -11.95 2.40
C LYS D 804 1.88 -12.09 3.86
N THR D 805 1.00 -11.73 4.80
CA THR D 805 1.25 -11.78 6.27
C THR D 805 1.22 -13.25 6.72
N SER D 806 2.32 -13.72 7.32
CA SER D 806 2.52 -15.10 7.83
C SER D 806 2.21 -15.15 9.33
N ALA D 807 1.84 -16.34 9.83
CA ALA D 807 1.54 -16.61 11.25
C ALA D 807 2.83 -16.51 12.07
N LEU D 808 2.72 -16.07 13.34
CA LEU D 808 3.87 -15.88 14.27
C LEU D 808 4.35 -17.24 14.76
N SER D 809 5.66 -17.51 14.62
CA SER D 809 6.36 -18.71 15.13
C SER D 809 6.80 -18.50 16.58
N LEU D 810 7.18 -19.58 17.26
CA LEU D 810 7.50 -19.61 18.72
C LEU D 810 8.85 -18.91 18.98
N SER D 811 9.75 -18.93 17.99
CA SER D 811 11.15 -18.42 18.09
C SER D 811 11.16 -16.92 18.38
N ASN D 812 10.21 -16.17 17.82
CA ASN D 812 10.14 -14.68 17.93
C ASN D 812 9.43 -14.27 19.23
N VAL D 813 8.72 -15.21 19.88
CA VAL D 813 8.03 -14.99 21.19
C VAL D 813 8.83 -15.68 22.31
N ALA D 814 9.83 -16.49 21.95
CA ALA D 814 10.63 -17.35 22.86
C ALA D 814 11.15 -16.55 24.06
N GLY D 815 11.52 -15.28 23.85
CA GLY D 815 12.11 -14.39 24.86
C GLY D 815 11.34 -14.36 26.18
N VAL D 816 10.02 -14.21 26.12
CA VAL D 816 9.13 -14.01 27.30
C VAL D 816 8.96 -15.34 28.05
N PHE D 817 9.15 -16.48 27.37
CA PHE D 817 9.01 -17.85 27.95
C PHE D 817 10.16 -18.13 28.92
N TYR D 818 11.40 -17.73 28.57
CA TYR D 818 12.61 -17.90 29.40
C TYR D 818 12.48 -17.08 30.69
N ILE D 819 11.87 -15.89 30.59
CA ILE D 819 11.67 -14.94 31.72
C ILE D 819 10.67 -15.55 32.71
N LEU D 820 9.61 -16.20 32.21
CA LEU D 820 8.52 -16.81 33.01
C LEU D 820 9.10 -17.94 33.88
N VAL D 821 9.69 -18.96 33.25
CA VAL D 821 10.18 -20.20 33.92
C VAL D 821 11.37 -19.84 34.81
N GLY D 822 12.20 -18.89 34.38
CA GLY D 822 13.32 -18.33 35.17
C GLY D 822 12.84 -17.66 36.44
N GLY D 823 11.74 -16.91 36.35
CA GLY D 823 11.10 -16.23 37.49
C GLY D 823 10.44 -17.21 38.45
N LEU D 824 9.90 -18.31 37.93
CA LEU D 824 9.24 -19.40 38.71
C LEU D 824 10.28 -20.11 39.58
N GLY D 825 11.43 -20.49 39.00
CA GLY D 825 12.53 -21.18 39.68
C GLY D 825 13.13 -20.34 40.80
N LEU D 826 13.13 -19.01 40.63
CA LEU D 826 13.68 -18.03 41.61
C LEU D 826 12.73 -17.93 42.81
N ALA D 827 11.42 -18.02 42.57
CA ALA D 827 10.35 -17.91 43.60
C ALA D 827 10.42 -19.08 44.59
N MET D 828 10.78 -20.28 44.10
CA MET D 828 10.95 -21.52 44.92
C MET D 828 12.14 -21.36 45.87
N LEU D 829 13.22 -20.73 45.38
CA LEU D 829 14.51 -20.57 46.10
C LEU D 829 14.33 -19.64 47.32
N VAL D 830 13.63 -18.52 47.12
CA VAL D 830 13.42 -17.45 48.14
C VAL D 830 12.48 -17.97 49.23
N ALA D 831 11.46 -18.75 48.86
CA ALA D 831 10.44 -19.33 49.76
C ALA D 831 11.08 -20.35 50.71
N LEU D 832 12.09 -21.08 50.24
CA LEU D 832 12.77 -22.19 50.99
C LEU D 832 13.64 -21.59 52.09
N ILE D 833 14.51 -20.63 51.76
CA ILE D 833 15.47 -19.98 52.70
C ILE D 833 14.71 -19.08 53.68
N GLU D 834 13.52 -18.59 53.30
CA GLU D 834 12.63 -17.80 54.18
C GLU D 834 12.08 -18.69 55.31
N PHE D 835 11.86 -19.97 55.00
CA PHE D 835 11.37 -21.02 55.95
C PHE D 835 12.54 -21.58 56.76
N CYS D 836 13.69 -21.80 56.10
CA CYS D 836 14.90 -22.45 56.66
C CYS D 836 15.48 -21.61 57.81
N TYR D 837 15.53 -20.29 57.63
CA TYR D 837 16.09 -19.31 58.62
C TYR D 837 15.08 -19.09 59.76
N LYS D 838 13.78 -19.16 59.46
CA LYS D 838 12.68 -18.98 60.44
C LYS D 838 12.58 -20.21 61.34
N SER D 839 13.01 -21.38 60.85
CA SER D 839 13.01 -22.67 61.59
C SER D 839 14.04 -22.61 62.72
N ARG D 840 15.24 -22.09 62.44
CA ARG D 840 16.35 -21.94 63.41
C ARG D 840 16.13 -20.66 64.23
N VAL E 19 -26.75 29.55 56.00
CA VAL E 19 -25.42 30.13 55.65
C VAL E 19 -24.98 29.57 54.28
N GLN E 20 -24.94 28.24 54.15
CA GLN E 20 -24.57 27.52 52.89
C GLN E 20 -25.78 27.52 51.93
N VAL E 21 -27.00 27.56 52.48
CA VAL E 21 -28.28 27.59 51.71
C VAL E 21 -28.41 28.96 51.00
N LEU E 22 -27.88 30.02 51.62
CA LEU E 22 -27.87 31.41 51.05
C LEU E 22 -26.85 31.48 49.91
N LEU E 23 -25.77 30.69 49.98
CA LEU E 23 -24.71 30.60 48.94
C LEU E 23 -25.27 29.91 47.69
N THR E 24 -26.26 29.03 47.88
CA THR E 24 -26.93 28.23 46.79
C THR E 24 -27.75 29.16 45.90
N THR E 25 -28.43 30.15 46.49
CA THR E 25 -29.32 31.11 45.78
C THR E 25 -28.49 31.98 44.83
N ILE E 26 -27.31 32.43 45.29
CA ILE E 26 -26.39 33.34 44.53
C ILE E 26 -25.89 32.60 43.29
N GLY E 27 -25.46 31.35 43.46
CA GLY E 27 -24.96 30.47 42.37
C GLY E 27 -26.05 30.08 41.38
N ALA E 28 -27.31 29.98 41.86
CA ALA E 28 -28.49 29.64 41.04
C ALA E 28 -28.79 30.80 40.08
N PHE E 29 -28.76 32.04 40.56
CA PHE E 29 -29.00 33.29 39.78
C PHE E 29 -27.81 33.55 38.85
N ALA E 30 -26.60 33.19 39.28
CA ALA E 30 -25.34 33.33 38.51
C ALA E 30 -25.38 32.42 37.28
N ALA E 31 -25.71 31.14 37.47
CA ALA E 31 -25.84 30.12 36.42
C ALA E 31 -26.99 30.47 35.48
N PHE E 32 -28.07 31.05 36.02
CA PHE E 32 -29.26 31.54 35.27
C PHE E 32 -28.85 32.72 34.37
N GLY E 33 -28.00 33.61 34.88
CA GLY E 33 -27.49 34.78 34.16
C GLY E 33 -26.63 34.38 32.97
N LEU E 34 -25.58 33.59 33.22
CA LEU E 34 -24.56 33.18 32.22
C LEU E 34 -25.22 32.46 31.03
N MET E 35 -26.28 31.68 31.27
CA MET E 35 -27.05 30.96 30.22
C MET E 35 -27.85 31.97 29.39
N THR E 36 -28.37 33.02 30.03
CA THR E 36 -29.21 34.09 29.39
C THR E 36 -28.32 34.99 28.53
N ILE E 37 -27.09 35.29 29.00
CA ILE E 37 -26.08 36.12 28.26
C ILE E 37 -25.63 35.34 27.01
N ALA E 38 -25.47 34.02 27.14
CA ALA E 38 -24.98 33.12 26.08
C ALA E 38 -25.91 33.20 24.85
N ILE E 39 -27.21 32.95 25.05
CA ILE E 39 -28.24 32.93 23.97
C ILE E 39 -28.55 34.36 23.49
N SER E 40 -28.14 35.39 24.24
CA SER E 40 -28.34 36.83 23.89
C SER E 40 -27.24 37.28 22.91
N THR E 41 -25.97 37.18 23.32
CA THR E 41 -24.79 37.70 22.57
C THR E 41 -24.51 36.78 21.38
N ASP E 42 -24.10 37.38 20.24
CA ASP E 42 -23.81 36.67 18.96
C ASP E 42 -22.30 36.56 18.79
N TYR E 43 -21.65 35.73 19.62
CA TYR E 43 -20.19 35.50 19.63
C TYR E 43 -19.88 34.04 20.04
N TRP E 44 -20.33 33.09 19.22
CA TRP E 44 -20.19 31.63 19.45
C TRP E 44 -19.15 31.01 18.50
N LEU E 45 -18.97 31.59 17.31
CA LEU E 45 -18.12 31.01 16.23
C LEU E 45 -17.52 32.11 15.36
N TYR E 46 -16.34 31.85 14.76
CA TYR E 46 -15.66 32.68 13.75
C TYR E 46 -15.37 31.84 12.51
N THR E 47 -15.66 32.37 11.32
CA THR E 47 -15.40 31.71 10.01
C THR E 47 -15.03 32.76 8.95
N ARG E 48 -14.15 32.39 8.03
CA ARG E 48 -13.63 33.27 6.94
C ARG E 48 -14.21 32.79 5.59
N GLY E 80 -14.30 37.39 5.51
CA GLY E 80 -13.16 37.86 6.34
C GLY E 80 -13.31 37.39 7.78
N LEU E 81 -14.03 38.17 8.61
CA LEU E 81 -14.37 37.85 10.01
C LEU E 81 -15.89 37.82 10.16
N THR E 82 -16.44 36.71 10.67
CA THR E 82 -17.90 36.48 10.82
C THR E 82 -18.20 36.03 12.25
N HIS E 83 -18.52 36.99 13.14
CA HIS E 83 -18.85 36.76 14.56
C HIS E 83 -20.31 36.35 14.68
N SER E 84 -20.60 35.07 14.37
CA SER E 84 -21.96 34.46 14.41
C SER E 84 -22.22 33.86 15.80
N GLY E 85 -23.45 34.01 16.30
CA GLY E 85 -23.91 33.46 17.59
C GLY E 85 -24.69 32.18 17.40
N LEU E 86 -26.01 32.25 17.56
CA LEU E 86 -26.93 31.09 17.51
C LEU E 86 -28.10 31.38 16.56
N TRP E 87 -28.69 32.58 16.63
CA TRP E 87 -29.92 32.98 15.89
C TRP E 87 -29.62 33.97 14.76
N ARG E 88 -28.56 34.76 14.88
CA ARG E 88 -28.25 35.86 13.93
C ARG E 88 -26.75 35.86 13.60
N ILE E 89 -26.42 35.74 12.31
CA ILE E 89 -25.02 35.76 11.79
C ILE E 89 -24.64 37.22 11.50
N CYS E 90 -23.69 37.76 12.26
CA CYS E 90 -23.21 39.17 12.16
C CYS E 90 -21.81 39.20 11.52
N CYS E 91 -21.66 39.98 10.45
CA CYS E 91 -20.42 40.11 9.64
C CYS E 91 -19.64 41.36 10.09
N LEU E 92 -18.33 41.36 9.88
CA LEU E 92 -17.41 42.49 10.21
C LEU E 92 -16.22 42.50 9.24
N GLU E 93 -15.61 43.67 9.04
CA GLU E 93 -14.39 43.87 8.21
C GLU E 93 -14.71 43.52 6.75
N GLY E 94 -15.32 44.45 6.02
CA GLY E 94 -15.68 44.30 4.60
C GLY E 94 -16.62 45.40 4.12
N LEU E 95 -17.66 45.02 3.37
CA LEU E 95 -18.65 45.96 2.77
C LEU E 95 -19.64 46.40 3.85
N LYS E 96 -20.48 45.48 4.34
CA LYS E 96 -21.52 45.73 5.37
C LYS E 96 -20.92 45.42 6.75
N ARG E 97 -20.72 46.47 7.57
CA ARG E 97 -20.12 46.38 8.93
C ARG E 97 -21.17 46.72 9.97
N GLY E 98 -22.04 45.75 10.30
CA GLY E 98 -23.14 45.89 11.28
C GLY E 98 -24.45 45.32 10.75
N VAL E 99 -24.63 45.33 9.43
CA VAL E 99 -25.84 44.78 8.73
C VAL E 99 -25.86 43.26 8.90
N CYS E 100 -26.69 42.76 9.82
CA CYS E 100 -26.85 41.32 10.17
C CYS E 100 -28.24 40.84 9.73
N VAL E 101 -28.40 39.52 9.56
CA VAL E 101 -29.67 38.87 9.11
C VAL E 101 -29.77 37.48 9.77
N LYS E 102 -30.99 36.94 9.88
CA LYS E 102 -31.29 35.63 10.50
C LYS E 102 -30.63 34.50 9.68
N ILE E 103 -30.45 33.34 10.31
CA ILE E 103 -29.81 32.13 9.70
C ILE E 103 -30.82 31.48 8.76
N ASN E 104 -30.38 31.08 7.56
CA ASN E 104 -31.18 30.29 6.58
C ASN E 104 -30.72 28.83 6.64
N HIS E 105 -31.32 28.03 7.52
CA HIS E 105 -30.98 26.60 7.76
C HIS E 105 -31.44 25.77 6.57
N PHE E 106 -32.71 25.92 6.16
CA PHE E 106 -33.34 25.23 5.01
C PHE E 106 -34.47 26.09 4.44
N ALA E 117 -33.66 11.03 9.07
CA ALA E 117 -32.73 11.07 10.22
C ALA E 117 -31.93 12.39 10.21
N GLU E 118 -31.38 12.76 9.05
CA GLU E 118 -30.61 14.03 8.84
C GLU E 118 -31.55 15.23 9.00
N TYR E 119 -32.81 15.08 8.59
CA TYR E 119 -33.87 16.12 8.66
C TYR E 119 -34.20 16.44 10.13
N LEU E 120 -34.16 15.44 11.01
CA LEU E 120 -34.64 15.52 12.42
C LEU E 120 -33.66 16.34 13.26
N LEU E 121 -32.35 16.25 12.97
CA LEU E 121 -31.29 16.97 13.73
C LEU E 121 -31.30 18.46 13.37
N ARG E 122 -31.65 18.79 12.12
CA ARG E 122 -31.67 20.17 11.57
C ARG E 122 -32.64 21.04 12.36
N VAL E 123 -33.85 20.52 12.65
CA VAL E 123 -34.94 21.27 13.34
C VAL E 123 -34.62 21.41 14.84
N VAL E 124 -33.82 20.49 15.38
CA VAL E 124 -33.37 20.49 16.82
C VAL E 124 -32.30 21.58 17.00
N ARG E 125 -31.56 21.91 15.94
CA ARG E 125 -30.54 23.01 15.91
C ARG E 125 -31.24 24.34 15.62
N ALA E 126 -32.14 24.36 14.62
CA ALA E 126 -32.87 25.57 14.15
C ALA E 126 -33.64 26.21 15.32
N SER E 127 -34.32 25.38 16.12
CA SER E 127 -34.99 25.77 17.39
C SER E 127 -34.13 25.33 18.57
N SER E 128 -33.49 26.28 19.27
CA SER E 128 -32.60 26.04 20.45
C SER E 128 -33.44 25.49 21.60
N ILE E 129 -33.91 24.25 21.45
CA ILE E 129 -34.95 23.60 22.31
C ILE E 129 -34.33 23.19 23.65
N PHE E 130 -33.08 22.73 23.65
CA PHE E 130 -32.39 22.16 24.85
C PHE E 130 -31.82 23.26 25.74
N PRO E 131 -31.00 24.21 25.25
CA PRO E 131 -30.41 25.24 26.10
C PRO E 131 -31.42 26.18 26.78
N ILE E 132 -32.56 26.45 26.12
CA ILE E 132 -33.66 27.29 26.67
C ILE E 132 -34.37 26.52 27.77
N LEU E 133 -34.62 25.22 27.55
CA LEU E 133 -35.21 24.28 28.55
C LEU E 133 -34.34 24.26 29.82
N SER E 134 -33.01 24.25 29.64
CA SER E 134 -31.99 24.26 30.73
C SER E 134 -32.21 25.46 31.64
N ALA E 135 -32.49 26.63 31.08
CA ALA E 135 -32.72 27.92 31.79
C ALA E 135 -34.04 27.86 32.56
N ILE E 136 -35.09 27.29 31.94
CA ILE E 136 -36.46 27.17 32.52
C ILE E 136 -36.41 26.25 33.74
N LEU E 137 -35.66 25.14 33.64
CA LEU E 137 -35.37 24.20 34.76
C LEU E 137 -34.60 24.95 35.88
N LEU E 138 -33.67 25.83 35.48
CA LEU E 138 -32.71 26.50 36.39
C LEU E 138 -33.42 27.60 37.19
N LEU E 139 -34.21 28.46 36.53
CA LEU E 139 -34.89 29.62 37.16
C LEU E 139 -36.03 29.13 38.07
N LEU E 140 -36.64 27.98 37.76
CA LEU E 140 -37.66 27.32 38.62
C LEU E 140 -36.96 26.71 39.84
N GLY E 141 -35.71 26.26 39.66
CA GLY E 141 -34.84 25.75 40.75
C GLY E 141 -34.60 26.79 41.82
N GLY E 142 -34.10 27.97 41.43
CA GLY E 142 -33.86 29.12 42.32
C GLY E 142 -35.13 29.62 42.97
N VAL E 143 -36.27 29.53 42.26
CA VAL E 143 -37.63 29.87 42.75
C VAL E 143 -38.04 28.86 43.83
N CYS E 144 -37.71 27.59 43.65
CA CYS E 144 -38.04 26.47 44.57
C CYS E 144 -37.28 26.62 45.90
N VAL E 145 -36.07 27.21 45.86
CA VAL E 145 -35.21 27.46 47.06
C VAL E 145 -35.83 28.62 47.86
N ALA E 146 -36.36 29.64 47.16
CA ALA E 146 -37.04 30.81 47.74
C ALA E 146 -38.38 30.38 48.36
N ALA E 147 -39.03 29.35 47.79
CA ALA E 147 -40.30 28.76 48.26
C ALA E 147 -40.07 27.93 49.53
N SER E 148 -38.81 27.54 49.80
CA SER E 148 -38.38 26.77 51.00
C SER E 148 -38.02 27.72 52.15
N ARG E 149 -37.65 28.97 51.84
CA ARG E 149 -37.28 30.03 52.82
C ARG E 149 -38.50 30.34 53.70
N VAL E 150 -39.61 30.73 53.07
CA VAL E 150 -40.92 31.02 53.74
C VAL E 150 -41.74 29.71 53.76
N TYR E 151 -42.52 29.51 54.82
CA TYR E 151 -43.27 28.26 55.10
C TYR E 151 -42.27 27.10 55.27
N LYS E 152 -41.44 27.18 56.32
CA LYS E 152 -40.30 26.27 56.57
C LYS E 152 -40.81 24.92 57.12
N SER E 153 -39.93 23.93 57.18
CA SER E 153 -40.19 22.55 57.68
C SER E 153 -41.25 21.86 56.80
N LYS E 154 -40.91 21.59 55.54
CA LYS E 154 -41.72 20.82 54.57
C LYS E 154 -41.07 19.44 54.36
N ARG E 155 -39.73 19.40 54.29
CA ARG E 155 -38.90 18.17 54.19
C ARG E 155 -39.04 17.55 52.79
N ASN E 156 -39.29 18.38 51.78
CA ASN E 156 -39.40 17.97 50.35
C ASN E 156 -39.54 19.24 49.49
N ILE E 157 -38.53 20.11 49.52
CA ILE E 157 -38.54 21.46 48.88
C ILE E 157 -37.29 21.62 48.00
N ILE E 158 -36.10 21.60 48.61
CA ILE E 158 -34.79 21.82 47.94
C ILE E 158 -34.45 20.58 47.10
N LEU E 159 -34.92 19.40 47.51
CA LEU E 159 -34.80 18.12 46.78
C LEU E 159 -35.26 18.33 45.33
N GLY E 160 -36.47 18.87 45.14
CA GLY E 160 -37.07 19.16 43.83
C GLY E 160 -36.17 20.06 42.98
N ALA E 161 -35.61 21.11 43.59
CA ALA E 161 -34.70 22.08 42.94
C ALA E 161 -33.42 21.37 42.48
N GLY E 162 -32.84 20.53 43.35
CA GLY E 162 -31.60 19.77 43.09
C GLY E 162 -31.67 18.96 41.81
N ILE E 163 -32.82 18.34 41.54
CA ILE E 163 -33.07 17.48 40.34
C ILE E 163 -33.05 18.36 39.09
N LEU E 164 -33.63 19.57 39.18
CA LEU E 164 -33.81 20.52 38.05
C LEU E 164 -32.44 21.08 37.62
N PHE E 165 -31.55 21.35 38.58
CA PHE E 165 -30.17 21.86 38.36
C PHE E 165 -29.33 20.80 37.63
N VAL E 166 -29.47 19.54 38.04
CA VAL E 166 -28.79 18.36 37.41
C VAL E 166 -29.36 18.17 36.00
N ALA E 167 -30.68 18.33 35.84
CA ALA E 167 -31.42 18.20 34.56
C ALA E 167 -31.04 19.34 33.61
N ALA E 168 -30.74 20.52 34.16
CA ALA E 168 -30.32 21.72 33.40
C ALA E 168 -28.99 21.44 32.68
N GLY E 169 -28.02 20.87 33.40
CA GLY E 169 -26.70 20.48 32.87
C GLY E 169 -26.80 19.35 31.86
N LEU E 170 -27.65 18.35 32.13
CA LEU E 170 -27.89 17.17 31.26
C LEU E 170 -28.67 17.59 30.01
N SER E 171 -29.40 18.71 30.06
CA SER E 171 -30.08 19.35 28.91
C SER E 171 -29.06 20.20 28.13
N ASN E 172 -28.18 20.90 28.84
CA ASN E 172 -27.14 21.79 28.27
C ASN E 172 -26.11 20.96 27.48
N ILE E 173 -25.68 19.82 28.03
CA ILE E 173 -24.60 18.96 27.48
C ILE E 173 -25.01 18.40 26.10
N ILE E 174 -26.32 18.21 25.88
CA ILE E 174 -26.90 17.78 24.56
C ILE E 174 -26.77 18.95 23.59
N GLY E 175 -27.16 20.15 24.02
CA GLY E 175 -27.16 21.39 23.22
C GLY E 175 -25.78 21.71 22.64
N VAL E 176 -24.71 21.37 23.37
CA VAL E 176 -23.29 21.56 22.94
C VAL E 176 -22.99 20.56 21.82
N ILE E 177 -23.32 19.28 22.03
CA ILE E 177 -23.05 18.16 21.09
C ILE E 177 -23.79 18.41 19.76
N VAL E 178 -25.05 18.87 19.83
CA VAL E 178 -25.93 19.14 18.64
C VAL E 178 -25.30 20.27 17.81
N TYR E 179 -24.79 21.31 18.47
CA TYR E 179 -24.24 22.54 17.82
C TYR E 179 -22.97 22.21 17.04
N ILE E 180 -22.09 21.37 17.59
CA ILE E 180 -20.79 20.97 16.96
C ILE E 180 -21.08 20.02 15.80
N SER E 181 -22.11 19.17 15.94
CA SER E 181 -22.56 18.18 14.92
C SER E 181 -23.13 18.92 13.69
N ALA E 182 -23.84 20.03 13.91
CA ALA E 182 -24.53 20.84 12.87
C ALA E 182 -23.52 21.69 12.10
N ASN E 183 -22.54 22.27 12.80
CA ASN E 183 -21.52 23.20 12.24
C ASN E 183 -20.65 22.47 11.21
N ALA E 184 -20.16 21.28 11.55
CA ALA E 184 -19.24 20.46 10.73
C ALA E 184 -19.99 19.89 9.51
N GLY E 185 -19.37 19.97 8.33
CA GLY E 185 -19.92 19.46 7.06
C GLY E 185 -19.33 18.10 6.69
N LYS E 196 -7.33 25.19 3.92
CA LYS E 196 -8.70 25.21 4.51
C LYS E 196 -8.65 25.91 5.88
N ASN E 197 -9.34 27.05 6.01
CA ASN E 197 -9.42 27.85 7.25
C ASN E 197 -10.32 27.14 8.26
N HIS E 198 -9.88 27.05 9.52
CA HIS E 198 -10.58 26.35 10.63
C HIS E 198 -11.41 27.33 11.44
N TYR E 199 -12.55 26.88 11.96
CA TYR E 199 -13.45 27.63 12.88
C TYR E 199 -12.79 27.71 14.26
N SER E 200 -13.07 28.81 14.99
CA SER E 200 -12.61 29.07 16.37
C SER E 200 -13.81 29.44 17.25
N TYR E 201 -13.86 28.93 18.48
CA TYR E 201 -15.00 29.11 19.42
C TYR E 201 -14.84 30.45 20.16
N GLY E 202 -15.90 31.27 20.10
CA GLY E 202 -15.95 32.61 20.71
C GLY E 202 -16.16 32.54 22.21
N TRP E 203 -16.10 33.70 22.88
CA TRP E 203 -16.16 33.83 24.37
C TRP E 203 -17.52 33.38 24.90
N SER E 204 -18.61 33.72 24.21
CA SER E 204 -20.02 33.48 24.64
C SER E 204 -20.36 31.98 24.64
N PHE E 205 -19.56 31.15 23.98
CA PHE E 205 -19.70 29.67 23.96
C PHE E 205 -19.23 29.09 25.29
N TYR E 206 -18.13 29.61 25.83
CA TYR E 206 -17.50 29.16 27.12
C TYR E 206 -18.37 29.59 28.30
N PHE E 207 -19.21 30.62 28.12
CA PHE E 207 -20.24 31.08 29.09
C PHE E 207 -21.24 29.95 29.33
N GLY E 208 -21.65 29.26 28.25
CA GLY E 208 -22.50 28.06 28.29
C GLY E 208 -21.79 26.88 28.92
N GLY E 209 -20.47 26.77 28.71
CA GLY E 209 -19.60 25.74 29.30
C GLY E 209 -19.40 25.95 30.79
N LEU E 210 -19.26 27.21 31.23
CA LEU E 210 -19.00 27.60 32.64
C LEU E 210 -20.28 27.41 33.46
N SER E 211 -21.45 27.65 32.85
CA SER E 211 -22.78 27.57 33.49
C SER E 211 -23.12 26.11 33.86
N PHE E 212 -22.68 25.15 33.04
CA PHE E 212 -22.88 23.68 33.24
C PHE E 212 -22.18 23.24 34.53
N ILE E 213 -20.96 23.74 34.77
CA ILE E 213 -20.09 23.34 35.91
C ILE E 213 -20.75 23.84 37.21
N LEU E 214 -21.18 25.10 37.23
CA LEU E 214 -21.80 25.77 38.40
C LEU E 214 -23.11 25.05 38.79
N ALA E 215 -24.01 24.84 37.83
CA ALA E 215 -25.33 24.19 38.01
C ALA E 215 -25.14 22.79 38.62
N GLU E 216 -24.11 22.07 38.20
CA GLU E 216 -23.73 20.72 38.72
C GLU E 216 -23.31 20.85 40.19
N VAL E 217 -22.55 21.90 40.53
CA VAL E 217 -22.06 22.19 41.91
C VAL E 217 -23.25 22.63 42.78
N ILE E 218 -24.19 23.39 42.22
CA ILE E 218 -25.45 23.82 42.92
C ILE E 218 -26.31 22.58 43.20
N GLY E 219 -26.31 21.61 42.28
CA GLY E 219 -27.08 20.36 42.38
C GLY E 219 -26.68 19.53 43.58
N VAL E 220 -25.37 19.28 43.76
CA VAL E 220 -24.79 18.44 44.84
C VAL E 220 -24.98 19.14 46.19
N LEU E 221 -24.88 20.48 46.23
CA LEU E 221 -25.09 21.31 47.45
C LEU E 221 -26.52 21.10 47.96
N ALA E 222 -27.51 21.07 47.06
CA ALA E 222 -28.95 20.92 47.35
C ALA E 222 -29.23 19.56 48.03
N VAL E 223 -28.43 18.53 47.68
CA VAL E 223 -28.58 17.14 48.21
C VAL E 223 -28.10 17.11 49.67
N ASN E 224 -27.02 17.85 49.98
CA ASN E 224 -26.37 17.89 51.31
C ASN E 224 -27.33 18.47 52.36
N ILE E 225 -28.14 19.47 51.97
CA ILE E 225 -29.11 20.18 52.86
C ILE E 225 -30.27 19.24 53.15
N TYR E 226 -30.72 18.49 52.13
CA TYR E 226 -31.85 17.52 52.20
C TYR E 226 -31.48 16.36 53.13
N ILE E 227 -30.21 15.93 53.12
CA ILE E 227 -29.66 14.85 54.01
C ILE E 227 -29.65 15.35 55.46
N GLU E 228 -29.26 16.60 55.67
CA GLU E 228 -29.04 17.22 57.02
C GLU E 228 -30.38 17.30 57.78
N ARG E 229 -31.43 17.80 57.12
CA ARG E 229 -32.77 18.03 57.73
C ARG E 229 -33.45 16.69 58.03
N SER E 230 -33.31 15.71 57.13
CA SER E 230 -33.94 14.37 57.22
C SER E 230 -33.33 13.58 58.38
N ARG E 231 -32.00 13.61 58.52
CA ARG E 231 -31.24 12.89 59.58
C ARG E 231 -31.39 13.64 60.91
N VAL F 19 -1.97 -45.47 51.37
CA VAL F 19 -2.90 -45.86 50.26
C VAL F 19 -2.64 -44.95 49.05
N GLN F 20 -2.73 -43.62 49.26
CA GLN F 20 -2.48 -42.59 48.22
C GLN F 20 -0.97 -42.41 48.03
N VAL F 21 -0.17 -42.69 49.07
CA VAL F 21 1.32 -42.62 49.05
C VAL F 21 1.87 -43.73 48.15
N LEU F 22 1.19 -44.88 48.11
CA LEU F 22 1.54 -46.05 47.26
C LEU F 22 1.23 -45.73 45.78
N LEU F 23 0.21 -44.92 45.53
CA LEU F 23 -0.20 -44.45 44.17
C LEU F 23 0.84 -43.49 43.61
N THR F 24 1.55 -42.77 44.49
CA THR F 24 2.60 -41.76 44.15
C THR F 24 3.83 -42.47 43.56
N THR F 25 4.20 -43.63 44.11
CA THR F 25 5.39 -44.43 43.69
C THR F 25 5.19 -44.95 42.27
N ILE F 26 3.98 -45.42 41.95
CA ILE F 26 3.62 -46.02 40.62
C ILE F 26 3.74 -44.93 39.55
N GLY F 27 3.21 -43.74 39.83
CA GLY F 27 3.23 -42.58 38.92
C GLY F 27 4.64 -42.01 38.75
N ALA F 28 5.48 -42.12 39.78
CA ALA F 28 6.89 -41.67 39.79
C ALA F 28 7.71 -42.54 38.82
N PHE F 29 7.52 -43.86 38.87
CA PHE F 29 8.19 -44.85 37.99
C PHE F 29 7.64 -44.76 36.56
N ALA F 30 6.34 -44.45 36.43
CA ALA F 30 5.63 -44.28 35.13
C ALA F 30 6.21 -43.08 34.38
N ALA F 31 6.32 -41.93 35.06
CA ALA F 31 6.88 -40.66 34.53
C ALA F 31 8.38 -40.85 34.22
N PHE F 32 9.07 -41.63 35.05
CA PHE F 32 10.52 -41.99 34.88
C PHE F 32 10.69 -42.84 33.62
N GLY F 33 9.76 -43.77 33.38
CA GLY F 33 9.75 -44.66 32.19
C GLY F 33 9.56 -43.88 30.90
N LEU F 34 8.48 -43.11 30.81
CA LEU F 34 8.04 -42.37 29.59
C LEU F 34 9.14 -41.40 29.13
N MET F 35 9.88 -40.79 30.06
CA MET F 35 11.02 -39.88 29.76
C MET F 35 12.19 -40.69 29.18
N THR F 36 12.41 -41.91 29.68
CA THR F 36 13.52 -42.81 29.26
C THR F 36 13.23 -43.38 27.87
N ILE F 37 11.96 -43.70 27.57
CA ILE F 37 11.50 -44.22 26.24
C ILE F 37 11.66 -43.11 25.21
N ALA F 38 11.36 -41.86 25.58
CA ALA F 38 11.39 -40.66 24.72
C ALA F 38 12.81 -40.47 24.15
N ILE F 39 13.81 -40.41 25.02
CA ILE F 39 15.25 -40.17 24.65
C ILE F 39 15.85 -41.44 23.99
N SER F 40 15.19 -42.59 24.13
CA SER F 40 15.63 -43.88 23.53
C SER F 40 15.19 -43.97 22.07
N THR F 41 13.88 -43.91 21.81
CA THR F 41 13.25 -44.10 20.48
C THR F 41 13.51 -42.88 19.60
N ASP F 42 13.79 -43.10 18.31
CA ASP F 42 14.12 -42.05 17.31
C ASP F 42 12.87 -41.78 16.45
N TYR F 43 11.85 -41.15 17.05
CA TYR F 43 10.55 -40.83 16.40
C TYR F 43 9.97 -39.53 16.98
N TRP F 44 10.68 -38.42 16.78
CA TRP F 44 10.33 -37.07 17.30
C TRP F 44 9.86 -36.15 16.17
N LEU F 45 10.32 -36.35 14.94
CA LEU F 45 10.08 -35.44 13.79
C LEU F 45 10.07 -36.22 12.47
N TYR F 46 9.35 -35.70 11.47
CA TYR F 46 9.31 -36.18 10.07
C TYR F 46 9.62 -35.02 9.13
N THR F 47 10.49 -35.22 8.13
CA THR F 47 10.86 -34.23 7.10
C THR F 47 11.10 -34.93 5.76
N ARG F 48 10.76 -34.26 4.66
CA ARG F 48 10.90 -34.77 3.26
C ARG F 48 12.00 -33.98 2.54
N GLY F 80 12.50 -38.36 1.33
CA GLY F 80 11.14 -38.94 1.32
C GLY F 80 10.50 -38.91 2.70
N LEU F 81 10.79 -39.94 3.52
CA LEU F 81 10.36 -40.06 4.93
C LEU F 81 11.61 -40.18 5.82
N THR F 82 11.77 -39.29 6.80
CA THR F 82 12.94 -39.23 7.71
C THR F 82 12.46 -39.21 9.17
N HIS F 83 12.40 -40.39 9.79
CA HIS F 83 11.96 -40.60 11.20
C HIS F 83 13.15 -40.33 12.13
N SER F 84 13.46 -39.04 12.35
CA SER F 84 14.56 -38.55 13.23
C SER F 84 14.04 -38.40 14.66
N GLY F 85 14.90 -38.70 15.65
CA GLY F 85 14.60 -38.58 17.09
C GLY F 85 15.29 -37.39 17.71
N LEU F 86 16.38 -37.65 18.45
CA LEU F 86 17.13 -36.63 19.24
C LEU F 86 18.63 -36.72 18.91
N TRP F 87 19.20 -37.93 18.88
CA TRP F 87 20.66 -38.18 18.74
C TRP F 87 21.02 -38.81 17.38
N ARG F 88 20.08 -39.51 16.74
CA ARG F 88 20.33 -40.29 15.49
C ARG F 88 19.20 -40.06 14.50
N ILE F 89 19.53 -39.55 13.30
CA ILE F 89 18.57 -39.31 12.19
C ILE F 89 18.49 -40.57 11.33
N CYS F 90 17.36 -41.28 11.40
CA CYS F 90 17.10 -42.56 10.67
C CYS F 90 16.20 -42.29 9.46
N CYS F 91 16.65 -42.74 8.28
CA CYS F 91 15.98 -42.56 6.96
C CYS F 91 15.18 -43.82 6.60
N LEU F 92 14.14 -43.67 5.77
CA LEU F 92 13.27 -44.77 5.29
C LEU F 92 12.73 -44.43 3.90
N GLU F 93 12.39 -45.45 3.11
CA GLU F 93 11.74 -45.34 1.77
C GLU F 93 12.69 -44.61 0.82
N GLY F 94 13.65 -45.35 0.25
CA GLY F 94 14.64 -44.82 -0.72
C GLY F 94 15.78 -45.79 -0.95
N LEU F 95 17.02 -45.29 -0.94
CA LEU F 95 18.26 -46.08 -1.20
C LEU F 95 18.61 -46.91 0.04
N LYS F 96 19.05 -46.24 1.12
CA LYS F 96 19.44 -46.86 2.42
C LYS F 96 18.21 -46.90 3.34
N ARG F 97 17.73 -48.10 3.65
CA ARG F 97 16.52 -48.35 4.49
C ARG F 97 16.95 -49.04 5.79
N GLY F 98 17.45 -48.26 6.75
CA GLY F 98 17.93 -48.74 8.06
C GLY F 98 19.29 -48.15 8.43
N VAL F 99 20.10 -47.81 7.43
CA VAL F 99 21.45 -47.20 7.60
C VAL F 99 21.28 -45.79 8.16
N CYS F 100 21.51 -45.62 9.46
CA CYS F 100 21.38 -44.33 10.21
C CYS F 100 22.77 -43.85 10.65
N VAL F 101 22.89 -42.55 10.98
CA VAL F 101 24.16 -41.90 11.41
C VAL F 101 23.83 -40.76 12.38
N LYS F 102 24.80 -40.38 13.22
CA LYS F 102 24.66 -39.31 14.25
C LYS F 102 24.42 -37.96 13.57
N ILE F 103 23.87 -36.99 14.33
CA ILE F 103 23.53 -35.63 13.82
C ILE F 103 24.82 -34.81 13.72
N ASN F 104 25.01 -34.08 12.61
CA ASN F 104 26.13 -33.13 12.41
C ASN F 104 25.60 -31.70 12.61
N HIS F 105 25.64 -31.21 13.86
CA HIS F 105 25.12 -29.88 14.27
C HIS F 105 26.06 -28.79 13.74
N PHE F 106 27.37 -28.93 13.99
CA PHE F 106 28.44 -28.01 13.55
C PHE F 106 29.77 -28.78 13.43
N ALA F 117 25.67 -15.53 20.95
CA ALA F 117 24.29 -15.80 21.42
C ALA F 117 23.69 -16.99 20.66
N GLU F 118 23.82 -17.00 19.32
CA GLU F 118 23.35 -18.09 18.43
C GLU F 118 24.17 -19.36 18.69
N TYR F 119 25.46 -19.20 19.01
CA TYR F 119 26.42 -20.29 19.31
C TYR F 119 26.02 -21.03 20.60
N LEU F 120 25.46 -20.28 21.58
CA LEU F 120 25.20 -20.78 22.95
C LEU F 120 23.99 -21.73 22.97
N LEU F 121 22.99 -21.48 22.12
CA LEU F 121 21.74 -22.29 22.04
C LEU F 121 22.04 -23.63 21.33
N ARG F 122 22.97 -23.63 20.38
CA ARG F 122 23.35 -24.80 19.55
C ARG F 122 23.89 -25.93 20.44
N VAL F 123 24.74 -25.60 21.42
CA VAL F 123 25.42 -26.58 22.31
C VAL F 123 24.41 -27.11 23.35
N VAL F 124 23.37 -26.32 23.68
CA VAL F 124 22.29 -26.70 24.62
C VAL F 124 21.35 -27.71 23.94
N ARG F 125 21.28 -27.69 22.61
CA ARG F 125 20.49 -28.66 21.79
C ARG F 125 21.34 -29.92 21.54
N ALA F 126 22.61 -29.74 21.14
CA ALA F 126 23.56 -30.82 20.79
C ALA F 126 23.69 -31.80 21.96
N SER F 127 23.85 -31.27 23.18
CA SER F 127 23.83 -32.04 24.46
C SER F 127 22.46 -31.85 25.13
N SER F 128 21.63 -32.90 25.13
CA SER F 128 20.26 -32.92 25.72
C SER F 128 20.38 -32.76 27.24
N ILE F 129 20.77 -31.56 27.69
CA ILE F 129 21.21 -31.26 29.09
C ILE F 129 19.98 -31.20 30.01
N PHE F 130 18.86 -30.65 29.54
CA PHE F 130 17.64 -30.37 30.36
C PHE F 130 16.79 -31.63 30.52
N PRO F 131 16.40 -32.36 29.44
CA PRO F 131 15.53 -33.52 29.57
C PRO F 131 16.14 -34.68 30.36
N ILE F 132 17.47 -34.85 30.30
CA ILE F 132 18.23 -35.90 31.06
C ILE F 132 18.26 -35.50 32.54
N LEU F 133 18.50 -34.22 32.83
CA LEU F 133 18.45 -33.64 34.21
C LEU F 133 17.07 -33.90 34.82
N SER F 134 16.01 -33.74 34.03
CA SER F 134 14.59 -33.95 34.44
C SER F 134 14.41 -35.37 34.97
N ALA F 135 15.02 -36.36 34.30
CA ALA F 135 14.95 -37.81 34.67
C ALA F 135 15.73 -38.06 35.96
N ILE F 136 16.90 -37.43 36.12
CA ILE F 136 17.80 -37.57 37.31
C ILE F 136 17.08 -37.01 38.54
N LEU F 137 16.40 -35.87 38.39
CA LEU F 137 15.53 -35.26 39.43
C LEU F 137 14.38 -36.21 39.77
N LEU F 138 13.83 -36.88 38.75
CA LEU F 138 12.59 -37.71 38.85
C LEU F 138 12.90 -39.03 39.56
N LEU F 139 13.97 -39.73 39.17
CA LEU F 139 14.33 -41.07 39.71
C LEU F 139 14.83 -40.94 41.16
N LEU F 140 15.43 -39.80 41.51
CA LEU F 140 15.85 -39.46 42.90
C LEU F 140 14.60 -39.17 43.73
N GLY F 141 13.56 -38.59 43.10
CA GLY F 141 12.24 -38.32 43.71
C GLY F 141 11.58 -39.60 44.19
N GLY F 142 11.44 -40.59 43.30
CA GLY F 142 10.86 -41.92 43.60
C GLY F 142 11.68 -42.67 44.64
N VAL F 143 13.01 -42.47 44.62
CA VAL F 143 13.98 -43.04 45.60
C VAL F 143 13.72 -42.41 46.98
N CYS F 144 13.45 -41.10 47.01
CA CYS F 144 13.20 -40.30 48.24
C CYS F 144 11.90 -40.74 48.92
N VAL F 145 10.91 -41.21 48.14
CA VAL F 145 9.60 -41.71 48.64
C VAL F 145 9.83 -43.08 49.29
N ALA F 146 10.69 -43.92 48.68
CA ALA F 146 11.08 -45.26 49.18
C ALA F 146 11.92 -45.12 50.46
N ALA F 147 12.68 -44.03 50.59
CA ALA F 147 13.52 -43.70 51.76
C ALA F 147 12.63 -43.23 52.93
N SER F 148 11.39 -42.82 52.64
CA SER F 148 10.38 -42.37 53.64
C SER F 148 9.57 -43.57 54.16
N ARG F 149 9.50 -44.65 53.39
CA ARG F 149 8.76 -45.90 53.74
C ARG F 149 9.41 -46.54 54.98
N VAL F 150 10.70 -46.84 54.90
CA VAL F 150 11.52 -47.40 56.03
C VAL F 150 12.13 -46.22 56.80
N TYR F 151 12.28 -46.38 58.12
CA TYR F 151 12.72 -45.31 59.07
C TYR F 151 11.68 -44.18 59.03
N LYS F 152 10.46 -44.47 59.48
CA LYS F 152 9.28 -43.57 59.38
C LYS F 152 9.37 -42.48 60.46
N SER F 153 8.49 -41.47 60.35
CA SER F 153 8.37 -40.30 61.26
C SER F 153 9.68 -39.47 61.23
N LYS F 154 9.96 -38.83 60.09
CA LYS F 154 11.08 -37.88 59.89
C LYS F 154 10.52 -36.46 59.77
N ARG F 155 9.39 -36.31 59.06
CA ARG F 155 8.63 -35.04 58.91
C ARG F 155 9.39 -34.08 57.99
N ASN F 156 10.18 -34.61 57.04
CA ASN F 156 10.95 -33.85 56.02
C ASN F 156 11.59 -34.84 55.04
N ILE F 157 10.76 -35.59 54.31
CA ILE F 157 11.17 -36.71 53.42
C ILE F 157 10.52 -36.53 52.04
N ILE F 158 9.19 -36.59 51.98
CA ILE F 158 8.38 -36.53 50.72
C ILE F 158 8.42 -35.09 50.20
N LEU F 159 8.54 -34.10 51.10
CA LEU F 159 8.71 -32.66 50.79
C LEU F 159 9.80 -32.48 49.74
N GLY F 160 11.00 -33.04 50.02
CA GLY F 160 12.17 -32.99 49.13
C GLY F 160 11.86 -33.55 47.75
N ALA F 161 11.17 -34.70 47.69
CA ALA F 161 10.75 -35.39 46.44
C ALA F 161 9.83 -34.49 45.63
N GLY F 162 8.82 -33.89 46.29
CA GLY F 162 7.82 -33.00 45.67
C GLY F 162 8.45 -31.87 44.88
N ILE F 163 9.54 -31.29 45.39
CA ILE F 163 10.29 -30.16 44.75
C ILE F 163 10.95 -30.67 43.47
N LEU F 164 11.50 -31.89 43.51
CA LEU F 164 12.28 -32.51 42.40
C LEU F 164 11.35 -32.82 41.22
N PHE F 165 10.13 -33.29 41.50
CA PHE F 165 9.09 -33.61 40.49
C PHE F 165 8.64 -32.33 39.78
N VAL F 166 8.44 -31.25 40.53
CA VAL F 166 8.09 -29.89 40.00
C VAL F 166 9.26 -29.37 39.17
N ALA F 167 10.49 -29.57 39.65
CA ALA F 167 11.75 -29.14 38.98
C ALA F 167 11.97 -29.95 37.69
N ALA F 168 11.55 -31.23 37.67
CA ALA F 168 11.64 -32.14 36.52
C ALA F 168 10.82 -31.58 35.35
N GLY F 169 9.57 -31.17 35.62
CA GLY F 169 8.66 -30.56 34.64
C GLY F 169 9.15 -29.20 34.18
N LEU F 170 9.67 -28.39 35.09
CA LEU F 170 10.21 -27.02 34.83
C LEU F 170 11.55 -27.12 34.07
N SER F 171 12.22 -28.27 34.14
CA SER F 171 13.42 -28.60 33.34
C SER F 171 12.98 -29.13 31.96
N ASN F 172 11.93 -29.96 31.94
CA ASN F 172 11.36 -30.58 30.71
C ASN F 172 10.80 -29.50 29.80
N ILE F 173 10.08 -28.52 30.34
CA ILE F 173 9.34 -27.45 29.58
C ILE F 173 10.34 -26.58 28.81
N ILE F 174 11.57 -26.43 29.32
CA ILE F 174 12.69 -25.71 28.64
C ILE F 174 13.14 -26.55 27.44
N GLY F 175 13.36 -27.85 27.66
CA GLY F 175 13.83 -28.82 26.65
C GLY F 175 12.94 -28.86 25.42
N VAL F 176 11.63 -28.66 25.59
CA VAL F 176 10.62 -28.61 24.50
C VAL F 176 10.83 -27.33 23.68
N ILE F 177 10.93 -26.19 24.37
CA ILE F 177 11.08 -24.83 23.77
C ILE F 177 12.39 -24.77 22.95
N VAL F 178 13.48 -25.32 23.51
CA VAL F 178 14.84 -25.33 22.88
C VAL F 178 14.78 -26.14 21.58
N TYR F 179 14.09 -27.29 21.59
CA TYR F 179 14.00 -28.25 20.46
C TYR F 179 13.26 -27.62 19.27
N ILE F 180 12.17 -26.89 19.54
CA ILE F 180 11.32 -26.24 18.49
C ILE F 180 12.09 -25.03 17.92
N SER F 181 12.85 -24.33 18.77
CA SER F 181 13.68 -23.15 18.41
C SER F 181 14.82 -23.57 17.47
N ALA F 182 15.41 -24.75 17.70
CA ALA F 182 16.57 -25.29 16.95
C ALA F 182 16.13 -25.81 15.58
N ASN F 183 14.96 -26.47 15.51
CA ASN F 183 14.42 -27.13 14.30
C ASN F 183 14.13 -26.07 13.22
N ALA F 184 13.44 -24.99 13.59
CA ALA F 184 12.99 -23.91 12.67
C ALA F 184 14.20 -23.08 12.21
N GLY F 185 14.24 -22.74 10.91
CA GLY F 185 15.30 -21.94 10.28
C GLY F 185 14.80 -20.57 9.87
N LYS F 196 6.29 -25.66 -0.09
CA LYS F 196 7.22 -25.98 1.03
C LYS F 196 6.57 -27.02 1.96
N ASN F 197 7.20 -28.19 2.09
CA ASN F 197 6.71 -29.31 2.94
C ASN F 197 6.94 -28.97 4.42
N HIS F 198 5.94 -29.24 5.26
CA HIS F 198 5.94 -28.92 6.72
C HIS F 198 6.32 -30.15 7.54
N TYR F 199 7.02 -29.93 8.66
CA TYR F 199 7.40 -30.96 9.67
C TYR F 199 6.16 -31.37 10.47
N SER F 200 6.13 -32.62 10.92
CA SER F 200 5.07 -33.21 11.77
C SER F 200 5.71 -33.89 12.98
N TYR F 201 5.12 -33.73 14.18
CA TYR F 201 5.66 -34.25 15.45
C TYR F 201 5.26 -35.73 15.61
N GLY F 202 6.27 -36.57 15.85
CA GLY F 202 6.12 -38.04 16.01
C GLY F 202 5.56 -38.40 17.37
N TRP F 203 5.26 -39.69 17.57
CA TRP F 203 4.59 -40.23 18.79
C TRP F 203 5.48 -40.05 20.02
N SER F 204 6.80 -40.27 19.89
CA SER F 204 7.78 -40.28 21.00
C SER F 204 7.98 -38.87 21.59
N PHE F 205 7.54 -37.83 20.89
CA PHE F 205 7.57 -36.41 21.36
C PHE F 205 6.47 -36.18 22.39
N TYR F 206 5.27 -36.74 22.14
CA TYR F 206 4.07 -36.62 23.01
C TYR F 206 4.28 -37.43 24.31
N PHE F 207 5.18 -38.42 24.27
CA PHE F 207 5.62 -39.20 25.46
C PHE F 207 6.30 -38.25 26.46
N GLY F 208 7.14 -37.34 25.96
CA GLY F 208 7.78 -36.26 26.74
C GLY F 208 6.76 -35.25 27.23
N GLY F 209 5.71 -34.99 26.42
CA GLY F 209 4.59 -34.10 26.77
C GLY F 209 3.70 -34.68 27.86
N LEU F 210 3.46 -36.00 27.81
CA LEU F 210 2.57 -36.73 28.76
C LEU F 210 3.27 -36.87 30.11
N SER F 211 4.60 -37.01 30.11
CA SER F 211 5.46 -37.21 31.32
C SER F 211 5.46 -35.95 32.18
N PHE F 212 5.39 -34.76 31.57
CA PHE F 212 5.35 -33.45 32.25
C PHE F 212 4.08 -33.33 33.10
N ILE F 213 2.94 -33.76 32.54
CA ILE F 213 1.59 -33.64 33.17
C ILE F 213 1.56 -34.52 34.42
N LEU F 214 2.03 -35.77 34.31
CA LEU F 214 2.05 -36.77 35.40
C LEU F 214 2.93 -36.26 36.55
N ALA F 215 4.18 -35.89 36.27
CA ALA F 215 5.18 -35.42 37.25
C ALA F 215 4.63 -34.21 38.03
N GLU F 216 3.89 -33.34 37.36
CA GLU F 216 3.21 -32.15 37.97
C GLU F 216 2.13 -32.62 38.95
N VAL F 217 1.39 -33.68 38.59
CA VAL F 217 0.32 -34.30 39.42
C VAL F 217 0.96 -35.05 40.60
N ILE F 218 2.10 -35.71 40.38
CA ILE F 218 2.89 -36.42 41.42
C ILE F 218 3.43 -35.38 42.42
N GLY F 219 3.82 -34.20 41.93
CA GLY F 219 4.38 -33.10 42.74
C GLY F 219 3.36 -32.57 43.75
N VAL F 220 2.13 -32.30 43.30
CA VAL F 220 1.04 -31.71 44.13
C VAL F 220 0.55 -32.75 45.15
N LEU F 221 0.55 -34.03 44.79
CA LEU F 221 0.18 -35.17 45.70
C LEU F 221 1.15 -35.21 46.89
N ALA F 222 2.45 -35.01 46.63
CA ALA F 222 3.53 -35.05 47.64
C ALA F 222 3.34 -33.96 48.69
N VAL F 223 2.75 -32.83 48.30
CA VAL F 223 2.51 -31.64 49.19
C VAL F 223 1.38 -31.98 50.17
N ASN F 224 0.35 -32.68 49.70
CA ASN F 224 -0.87 -33.04 50.48
C ASN F 224 -0.51 -33.95 51.65
N ILE F 225 0.47 -34.85 51.46
CA ILE F 225 0.91 -35.84 52.49
C ILE F 225 1.72 -35.10 53.55
N TYR F 226 2.55 -34.15 53.14
CA TYR F 226 3.43 -33.32 54.02
C TYR F 226 2.57 -32.43 54.92
N ILE F 227 1.45 -31.93 54.40
CA ILE F 227 0.46 -31.08 55.16
C ILE F 227 -0.24 -31.96 56.21
N GLU F 228 -0.60 -33.19 55.84
CA GLU F 228 -1.40 -34.13 56.67
C GLU F 228 -0.62 -34.52 57.94
N ARG F 229 0.65 -34.90 57.80
CA ARG F 229 1.52 -35.40 58.90
C ARG F 229 1.87 -34.25 59.85
N SER F 230 2.14 -33.06 59.31
CA SER F 230 2.54 -31.84 60.06
C SER F 230 1.40 -31.35 60.94
N ARG F 231 0.17 -31.29 60.39
CA ARG F 231 -1.05 -30.84 61.09
C ARG F 231 -1.54 -31.94 62.03
#